data_7SVO
#
_entry.id   7SVO
#
_cell.length_a   162.816
_cell.length_b   246.016
_cell.length_c   261.767
_cell.angle_alpha   90.000
_cell.angle_beta   90.000
_cell.angle_gamma   90.000
#
_symmetry.space_group_name_H-M   'C 2 2 21'
#
loop_
_entity.id
_entity.type
_entity.pdbx_description
1 polymer 'Dipeptidyl peptidase 8'
2 non-polymer (2S,4S)-1-[(2S)-2-amino-2-cyclohexylacetyl]-4-fluoropyrrolidine-2-carbonitrile
3 non-polymer 'trimethylamine oxide'
4 water water
#
_entity_poly.entity_id   1
_entity_poly.type   'polypeptide(L)'
_entity_poly.pdbx_seq_one_letter_code
;GAMGSMWKRSEQMKIKSGKCNMAAAMETEQLGVEIFETADCEENIESQDRPKLEPFYVERYSWSQLKKLLADTRKYHGYM
MAKAPHDFMFVKRNDPDGPHSDRIYYLAMSGENRENTLFYSEIPKTINRAAVLMLSWKPLLDLFQATLDYGMYSREEELL
RERKRIGTVGIASYDYHQGSGTFLFQAGSGIYHVKDGGPQGFTQQPLRPNLVETSCPNIRMDPKLCPADPDWIAFIHSND
IWISNIVTREERRLTYVHNELANMEEDARSAGVATFVLQEEFDRYSGYWWCPKAETTPSGGKILRILYEENDESEVEIIH
VTSPMLETRRADSFRYPKTGTANPKVTFKMSEIMIDAEGRIIDVIDKELIQPFEILFEGVEYIARAGWTPEGKYAWSILL
DRSQTRLQIVLISPELFIPVEDDVMERQRLIESVPDSVTPLIIYEETTDIWINIHDIFHVFPQSHEEEIEFIFASECKTG
FRHLYKITSILKESKYKRSSGGLPAPSDFKCPIKEEIAITSGEWEVLGRHGSNIQVDEVRRLVYFEGTKDSPLEHHLYVV
SYVNPGEVTRLTDRGYSHSCCISQHCDFFISKYSNQKNPHCVSLYKLSSPEDDPTCKTKEFWATILDSAGPLPDYTPPEI
FSFESTTGFTLYGMLYKPHDLQPGKKYPTVLFIYGGPQVQLVNNRFKGVKYFRLNTLASLGYVVVVIDNRGSCHRGLKFE
GAFKYKMGQIEIDDQVEGLQYLASRYDFIDLDRVGIHGWSYGGYLSLMALMQRSDIFRVAIAGAPVTLWIFYDTGYTERY
MGHPDQNEQGYYLGSVAMQAEKFPSEPNRLLLLHGFLDENVHFAHTSILLSFLVRAGKPYDLQIYPQERHSIRVPESGEH
YELHLLHYLQENLGSRIAALKVI
;
_entity_poly.pdbx_strand_id   A,B,C
#
# COMPACT_ATOMS: atom_id res chain seq x y z
N LYS A 52 -34.09 34.40 49.39
CA LYS A 52 -33.31 33.60 48.38
C LYS A 52 -33.57 34.10 46.93
N LEU A 53 -32.83 33.52 45.98
CA LEU A 53 -33.06 33.64 44.52
C LEU A 53 -33.65 32.35 43.93
N GLU A 54 -34.45 32.48 42.86
CA GLU A 54 -35.16 31.35 42.22
C GLU A 54 -34.19 30.70 41.18
N PRO A 55 -34.16 29.33 41.12
CA PRO A 55 -33.26 28.71 40.16
C PRO A 55 -33.80 28.87 38.74
N PHE A 56 -32.93 29.27 37.83
CA PHE A 56 -33.25 29.31 36.41
C PHE A 56 -33.04 27.92 35.84
N TYR A 57 -34.05 27.43 35.15
CA TYR A 57 -33.99 26.16 34.42
C TYR A 57 -33.90 26.42 32.91
N VAL A 58 -32.92 25.80 32.25
CA VAL A 58 -32.76 25.96 30.80
C VAL A 58 -33.94 25.30 30.07
N GLU A 59 -34.26 25.81 28.88
CA GLU A 59 -35.33 25.25 28.06
C GLU A 59 -34.91 23.85 27.68
N ARG A 60 -35.88 22.94 27.76
CA ARG A 60 -35.67 21.54 27.52
C ARG A 60 -35.98 21.23 26.04
N TYR A 61 -34.93 21.27 25.22
CA TYR A 61 -35.00 20.90 23.81
C TYR A 61 -34.88 19.40 23.63
N SER A 62 -35.58 18.87 22.64
CA SER A 62 -35.36 17.51 22.17
C SER A 62 -34.04 17.44 21.47
N TRP A 63 -33.61 16.23 21.22
CA TRP A 63 -32.31 15.94 20.56
C TRP A 63 -32.30 16.51 19.13
N SER A 64 -33.36 16.26 18.37
CA SER A 64 -33.55 16.80 17.01
C SER A 64 -33.56 18.31 16.96
N GLN A 65 -34.25 18.91 17.92
CA GLN A 65 -34.31 20.39 18.10
C GLN A 65 -32.95 20.98 18.37
N LEU A 66 -32.25 20.41 19.34
CA LEU A 66 -30.88 20.82 19.63
C LEU A 66 -29.91 20.69 18.48
N LYS A 67 -30.11 19.66 17.68
CA LYS A 67 -29.30 19.40 16.47
C LYS A 67 -29.49 20.54 15.48
N LYS A 68 -30.75 20.90 15.19
CA LYS A 68 -31.14 22.03 14.31
C LYS A 68 -30.56 23.33 14.86
N LEU A 69 -30.77 23.60 16.15
CA LEU A 69 -30.22 24.78 16.83
C LEU A 69 -28.73 24.93 16.66
N LEU A 70 -28.01 23.84 16.85
CA LEU A 70 -26.56 23.82 16.63
C LEU A 70 -26.17 23.98 15.19
N ALA A 71 -26.93 23.38 14.29
CA ALA A 71 -26.71 23.55 12.85
C ALA A 71 -26.88 25.00 12.35
N ASP A 72 -28.01 25.61 12.74
CA ASP A 72 -28.33 27.02 12.38
C ASP A 72 -27.28 28.03 12.87
N THR A 73 -26.69 27.77 14.04
CA THR A 73 -25.69 28.66 14.64
C THR A 73 -24.28 28.45 14.15
N ARG A 74 -23.96 27.27 13.62
CA ARG A 74 -22.71 27.02 12.89
C ARG A 74 -22.77 27.57 11.44
N LYS A 75 -23.96 27.61 10.78
CA LYS A 75 -24.10 27.89 9.31
C LYS A 75 -23.69 29.32 8.90
N TYR A 76 -24.01 30.31 9.74
CA TYR A 76 -23.48 31.68 9.61
C TYR A 76 -21.94 31.73 9.85
N HIS A 77 -21.43 30.98 10.85
CA HIS A 77 -19.97 30.92 11.20
C HIS A 77 -19.21 29.74 10.58
N GLY A 78 -19.53 29.42 9.33
CA GLY A 78 -18.76 28.48 8.48
C GLY A 78 -17.64 29.13 7.68
N TYR A 79 -17.74 30.44 7.45
CA TYR A 79 -16.64 31.25 6.87
C TYR A 79 -15.36 31.28 7.73
N MET A 80 -15.50 31.17 9.06
CA MET A 80 -14.39 31.36 10.02
C MET A 80 -13.29 30.25 10.04
N MET A 81 -13.57 28.99 9.68
CA MET A 81 -12.52 27.96 9.56
C MET A 81 -11.70 28.20 8.26
N ALA A 82 -10.71 29.11 8.33
CA ALA A 82 -9.82 29.54 7.19
C ALA A 82 -8.48 30.20 7.60
N LYS A 83 -7.34 29.60 7.24
CA LYS A 83 -6.02 30.00 7.82
C LYS A 83 -5.60 31.42 7.43
N ALA A 84 -5.30 32.22 8.45
CA ALA A 84 -4.77 33.57 8.23
C ALA A 84 -3.35 33.48 7.63
N PRO A 85 -2.93 34.47 6.84
CA PRO A 85 -1.57 34.48 6.27
C PRO A 85 -0.48 34.25 7.29
N HIS A 86 0.51 33.42 6.92
CA HIS A 86 1.61 32.99 7.78
C HIS A 86 2.83 32.55 6.97
N ASP A 87 3.93 32.20 7.65
CA ASP A 87 5.25 31.91 7.04
C ASP A 87 5.65 32.98 6.03
N PHE A 88 5.68 34.21 6.51
CA PHE A 88 6.06 35.37 5.67
C PHE A 88 7.54 35.38 5.36
N MET A 89 7.88 35.94 4.20
CA MET A 89 9.23 36.19 3.79
C MET A 89 9.26 37.42 2.90
N PHE A 90 10.29 38.24 3.08
CA PHE A 90 10.44 39.51 2.35
C PHE A 90 11.62 39.37 1.41
N VAL A 91 11.42 39.75 0.16
CA VAL A 91 12.49 39.76 -0.83
C VAL A 91 12.50 41.12 -1.46
N LYS A 92 13.68 41.73 -1.50
CA LYS A 92 13.85 43.04 -2.10
C LYS A 92 13.74 42.95 -3.60
N ARG A 93 13.08 43.95 -4.18
CA ARG A 93 12.98 44.11 -5.62
C ARG A 93 14.27 44.60 -6.28
N ASN A 94 14.99 45.51 -5.61
CA ASN A 94 16.26 46.06 -6.09
C ASN A 94 16.10 46.67 -7.50
N ASP A 95 15.05 47.48 -7.66
CA ASP A 95 14.65 48.02 -8.94
C ASP A 95 14.52 49.52 -8.74
N PRO A 96 15.58 50.29 -9.08
CA PRO A 96 15.53 51.74 -8.77
C PRO A 96 14.43 52.55 -9.50
N ASP A 97 14.01 52.10 -10.69
CA ASP A 97 12.88 52.71 -11.42
C ASP A 97 11.50 52.19 -10.97
N GLY A 98 11.45 51.02 -10.33
CA GLY A 98 10.19 50.37 -9.97
C GLY A 98 9.51 51.01 -8.77
N PRO A 99 8.19 50.82 -8.64
CA PRO A 99 7.43 51.38 -7.51
C PRO A 99 7.44 50.56 -6.21
N HIS A 100 7.98 49.33 -6.23
CA HIS A 100 7.92 48.44 -5.07
C HIS A 100 9.30 48.18 -4.45
N SER A 101 9.38 48.22 -3.13
CA SER A 101 10.61 47.95 -2.38
C SER A 101 10.82 46.46 -2.23
N ASP A 102 9.73 45.76 -1.90
CA ASP A 102 9.74 44.34 -1.56
C ASP A 102 8.56 43.60 -2.19
N ARG A 103 8.74 42.28 -2.33
CA ARG A 103 7.66 41.33 -2.51
C ARG A 103 7.61 40.46 -1.27
N ILE A 104 6.45 40.35 -0.64
CA ILE A 104 6.26 39.41 0.45
C ILE A 104 5.60 38.13 -0.07
N TYR A 105 6.10 36.99 0.34
CA TYR A 105 5.53 35.69 0.06
C TYR A 105 4.99 35.10 1.37
N TYR A 106 3.88 34.36 1.30
CA TYR A 106 3.26 33.76 2.49
C TYR A 106 2.32 32.63 2.13
N LEU A 107 2.02 31.77 3.11
CA LEU A 107 1.01 30.73 2.96
C LEU A 107 -0.29 31.23 3.50
N ALA A 108 -1.38 30.85 2.87
CA ALA A 108 -2.74 31.20 3.34
C ALA A 108 -3.80 30.41 2.56
N MET A 109 -5.04 30.50 3.03
CA MET A 109 -6.23 30.05 2.32
C MET A 109 -7.00 31.25 1.76
N SER A 110 -7.37 31.19 0.47
CA SER A 110 -8.30 32.16 -0.19
C SER A 110 -9.68 32.31 0.54
N GLY A 111 -10.26 31.19 1.00
CA GLY A 111 -11.50 31.18 1.85
C GLY A 111 -11.86 29.80 2.41
N GLU A 112 -13.13 29.60 2.79
CA GLU A 112 -13.63 28.30 3.34
C GLU A 112 -13.70 27.22 2.23
N ASN A 113 -13.29 25.99 2.57
CA ASN A 113 -13.20 24.84 1.61
C ASN A 113 -12.25 25.10 0.39
N ARG A 114 -11.11 25.77 0.64
CA ARG A 114 -9.99 25.93 -0.35
C ARG A 114 -8.65 25.56 0.31
N GLU A 115 -7.71 25.07 -0.50
CA GLU A 115 -6.43 24.60 0.01
C GLU A 115 -5.49 25.78 0.43
N ASN A 116 -4.62 25.50 1.38
CA ASN A 116 -3.59 26.39 1.85
C ASN A 116 -2.49 26.43 0.78
N THR A 117 -2.19 27.60 0.22
CA THR A 117 -1.20 27.74 -0.86
C THR A 117 -0.33 29.01 -0.71
N LEU A 118 0.65 29.16 -1.61
CA LEU A 118 1.57 30.28 -1.62
C LEU A 118 0.98 31.48 -2.36
N PHE A 119 1.03 32.65 -1.71
CA PHE A 119 0.70 33.95 -2.30
C PHE A 119 1.85 34.91 -2.19
N TYR A 120 1.78 35.95 -3.02
CA TYR A 120 2.64 37.11 -2.87
C TYR A 120 1.82 38.41 -2.89
N SER A 121 2.41 39.44 -2.27
CA SER A 121 1.91 40.81 -2.35
C SER A 121 3.11 41.73 -2.59
N GLU A 122 2.82 42.89 -3.16
CA GLU A 122 3.83 43.92 -3.50
C GLU A 122 3.81 45.01 -2.44
N ILE A 123 4.96 45.28 -1.83
CA ILE A 123 5.11 46.35 -0.86
C ILE A 123 5.58 47.57 -1.61
N PRO A 124 4.76 48.64 -1.66
CA PRO A 124 5.23 49.86 -2.34
C PRO A 124 6.28 50.66 -1.56
N LYS A 125 7.18 51.30 -2.31
CA LYS A 125 8.18 52.26 -1.79
C LYS A 125 7.60 53.39 -0.94
N THR A 126 6.43 53.88 -1.34
CA THR A 126 5.70 54.95 -0.70
C THR A 126 4.19 54.65 -0.66
N ILE A 127 3.50 55.31 0.25
CA ILE A 127 2.04 55.18 0.41
C ILE A 127 1.40 56.54 0.50
N ASN A 128 0.12 56.59 0.16
CA ASN A 128 -0.73 57.71 0.50
C ASN A 128 -1.18 57.52 1.94
N ARG A 129 -0.69 58.40 2.83
CA ARG A 129 -0.97 58.29 4.28
C ARG A 129 -2.35 58.77 4.72
N ALA A 130 -3.05 59.47 3.82
CA ALA A 130 -4.50 59.76 3.92
C ALA A 130 -5.38 58.52 3.78
N ALA A 131 -4.91 57.50 3.04
CA ALA A 131 -5.64 56.25 2.80
C ALA A 131 -5.04 55.05 3.56
N VAL A 132 -5.80 53.97 3.54
CA VAL A 132 -5.41 52.64 4.06
C VAL A 132 -5.24 51.72 2.84
N LEU A 133 -4.04 51.21 2.64
CA LEU A 133 -3.79 50.28 1.56
C LEU A 133 -4.16 48.83 1.94
N MET A 134 -5.07 48.17 1.20
CA MET A 134 -5.29 46.69 1.28
C MET A 134 -4.39 46.08 0.23
N LEU A 135 -3.50 45.20 0.63
CA LEU A 135 -2.60 44.54 -0.30
C LEU A 135 -3.35 43.45 -1.04
N SER A 136 -3.21 43.42 -2.37
CA SER A 136 -3.77 42.34 -3.22
C SER A 136 -2.97 41.07 -2.98
N TRP A 137 -3.69 39.95 -2.88
CA TRP A 137 -3.09 38.61 -2.74
C TRP A 137 -2.98 38.04 -4.14
N LYS A 138 -1.78 37.94 -4.68
CA LYS A 138 -1.53 37.45 -6.04
C LYS A 138 -1.06 35.98 -5.80
N PRO A 139 -1.72 34.99 -6.45
CA PRO A 139 -1.28 33.60 -6.22
C PRO A 139 0.02 33.31 -6.97
N LEU A 140 0.93 32.66 -6.27
CA LEU A 140 2.24 32.29 -6.82
C LEU A 140 2.16 31.06 -7.72
N LEU A 141 1.20 30.17 -7.45
CA LEU A 141 1.07 28.90 -8.12
C LEU A 141 -0.16 28.77 -9.03
N ASP A 142 -0.09 27.81 -9.95
CA ASP A 142 -1.07 27.58 -11.02
C ASP A 142 -1.73 26.24 -10.73
N LEU A 143 -2.61 26.25 -9.74
CA LEU A 143 -3.16 25.03 -9.13
C LEU A 143 -4.43 24.57 -9.86
N LEU A 148 -3.52 19.46 -6.66
CA LEU A 148 -2.20 19.19 -6.06
C LEU A 148 -2.32 18.33 -4.78
N ASP A 149 -3.03 18.86 -3.75
CA ASP A 149 -3.34 18.12 -2.47
C ASP A 149 -4.86 17.98 -2.30
N TYR A 150 -5.33 16.72 -2.26
CA TYR A 150 -6.67 16.34 -1.79
C TYR A 150 -6.56 15.94 -0.30
N GLY A 151 -7.60 15.36 0.30
CA GLY A 151 -7.50 14.88 1.69
C GLY A 151 -6.86 13.52 1.89
N MET A 152 -6.27 12.88 0.85
CA MET A 152 -6.03 11.42 0.81
C MET A 152 -4.64 10.96 1.27
N TYR A 153 -4.44 10.99 2.60
CA TYR A 153 -3.12 10.89 3.27
C TYR A 153 -2.61 9.47 3.59
N SER A 154 -1.29 9.23 3.45
CA SER A 154 -0.61 8.05 3.98
C SER A 154 -0.60 8.06 5.54
N ARG A 155 -0.32 6.91 6.15
CA ARG A 155 -0.13 6.81 7.60
C ARG A 155 0.90 7.81 8.13
N GLU A 156 2.01 7.95 7.41
CA GLU A 156 3.09 8.85 7.84
C GLU A 156 2.61 10.31 7.84
N GLU A 157 1.83 10.69 6.82
CA GLU A 157 1.25 12.03 6.78
C GLU A 157 0.22 12.26 7.88
N GLU A 158 -0.69 11.28 8.10
CA GLU A 158 -1.72 11.37 9.14
C GLU A 158 -1.09 11.63 10.50
N LEU A 159 -0.09 10.79 10.85
CA LEU A 159 0.60 10.86 12.12
C LEU A 159 1.32 12.16 12.32
N LEU A 160 2.05 12.61 11.31
CA LEU A 160 2.72 13.90 11.36
C LEU A 160 1.76 15.05 11.64
N ARG A 161 0.62 15.01 10.97
CA ARG A 161 -0.42 16.03 11.10
C ARG A 161 -1.03 16.04 12.50
N GLU A 162 -1.19 14.85 13.11
CA GLU A 162 -1.55 14.71 14.53
C GLU A 162 -0.49 15.34 15.45
N ARG A 163 0.79 15.01 15.22
CA ARG A 163 1.92 15.55 16.00
C ARG A 163 2.09 17.05 15.86
N LYS A 164 1.97 17.57 14.63
CA LYS A 164 2.05 19.02 14.36
C LYS A 164 0.75 19.78 14.70
N ARG A 165 -0.37 19.07 14.93
CA ARG A 165 -1.69 19.66 15.23
C ARG A 165 -2.23 20.52 14.07
N ILE A 166 -2.08 20.05 12.83
CA ILE A 166 -2.45 20.86 11.64
C ILE A 166 -3.72 20.28 11.02
N GLY A 167 -4.74 21.13 10.94
CA GLY A 167 -6.00 20.83 10.26
C GLY A 167 -6.10 21.36 8.83
N THR A 168 -5.02 21.93 8.31
CA THR A 168 -4.99 22.58 7.01
C THR A 168 -4.78 21.48 5.97
N VAL A 169 -5.41 21.66 4.82
CA VAL A 169 -5.15 20.85 3.64
C VAL A 169 -4.33 21.78 2.75
N GLY A 170 -3.27 21.24 2.14
CA GLY A 170 -2.48 21.90 1.13
C GLY A 170 -1.00 21.91 1.48
N ILE A 171 -0.37 23.07 1.23
CA ILE A 171 1.03 23.28 1.55
C ILE A 171 1.09 23.71 3.00
N ALA A 172 1.77 22.91 3.79
CA ALA A 172 1.90 23.18 5.23
C ALA A 172 3.09 24.09 5.55
N SER A 173 4.15 23.96 4.76
CA SER A 173 5.34 24.79 4.81
C SER A 173 6.12 24.82 3.50
N TYR A 174 7.12 25.68 3.46
CA TYR A 174 8.03 25.80 2.34
C TYR A 174 9.44 26.20 2.73
N ASP A 175 10.39 25.84 1.86
CA ASP A 175 11.79 26.27 1.90
C ASP A 175 12.02 27.24 0.77
N TYR A 176 13.03 28.10 0.93
CA TYR A 176 13.45 29.09 -0.07
C TYR A 176 14.98 29.28 -0.05
N HIS A 177 15.55 29.61 -1.19
CA HIS A 177 16.98 29.84 -1.34
C HIS A 177 17.11 31.21 -2.03
N GLN A 178 17.56 32.22 -1.24
CA GLN A 178 17.60 33.65 -1.64
C GLN A 178 18.32 33.86 -2.95
N GLY A 179 19.49 33.21 -3.07
CA GLY A 179 20.39 33.43 -4.21
C GLY A 179 19.91 32.96 -5.56
N SER A 180 19.02 31.97 -5.55
CA SER A 180 18.44 31.39 -6.77
C SER A 180 16.97 31.74 -6.93
N GLY A 181 16.27 32.10 -5.85
CA GLY A 181 14.83 32.22 -5.84
C GLY A 181 14.03 30.92 -5.84
N THR A 182 14.67 29.82 -5.46
CA THR A 182 14.07 28.49 -5.54
C THR A 182 13.21 28.24 -4.31
N PHE A 183 11.91 28.02 -4.55
CA PHE A 183 10.98 27.51 -3.53
C PHE A 183 10.94 25.99 -3.62
N LEU A 184 10.86 25.31 -2.46
CA LEU A 184 10.57 23.88 -2.40
C LEU A 184 9.46 23.63 -1.41
N PHE A 185 8.52 22.79 -1.77
CA PHE A 185 7.40 22.48 -0.91
C PHE A 185 6.75 21.15 -1.28
N GLN A 186 6.24 20.48 -0.25
CA GLN A 186 5.41 19.30 -0.39
C GLN A 186 3.95 19.73 -0.48
N ALA A 187 3.27 19.19 -1.45
CA ALA A 187 1.84 19.37 -1.62
C ALA A 187 1.25 18.00 -1.86
N GLY A 188 0.84 17.38 -0.76
CA GLY A 188 0.29 16.03 -0.80
C GLY A 188 1.38 15.04 -1.10
N SER A 189 1.04 14.03 -1.89
CA SER A 189 2.00 13.05 -2.44
C SER A 189 3.35 13.69 -2.94
N GLY A 190 3.25 14.79 -3.66
CA GLY A 190 4.36 15.35 -4.44
C GLY A 190 5.24 16.39 -3.76
N ILE A 191 6.50 16.42 -4.17
CA ILE A 191 7.45 17.47 -3.85
C ILE A 191 7.62 18.32 -5.11
N TYR A 192 7.46 19.63 -4.96
CA TYR A 192 7.45 20.55 -6.06
C TYR A 192 8.44 21.70 -5.83
N HIS A 193 8.86 22.33 -6.92
CA HIS A 193 9.59 23.59 -6.87
C HIS A 193 9.11 24.62 -7.90
N VAL A 194 9.31 25.89 -7.56
CA VAL A 194 9.30 27.03 -8.53
C VAL A 194 10.45 28.03 -8.21
N LYS A 195 10.68 28.99 -9.10
CA LYS A 195 11.63 30.09 -8.91
C LYS A 195 10.94 31.43 -9.02
N ASP A 196 11.19 32.27 -8.02
CA ASP A 196 10.81 33.66 -8.06
C ASP A 196 11.69 34.50 -7.14
N GLY A 197 12.10 35.67 -7.62
CA GLY A 197 12.88 36.63 -6.84
C GLY A 197 14.40 36.57 -6.86
N GLY A 198 14.96 35.69 -7.69
CA GLY A 198 16.40 35.59 -7.84
C GLY A 198 16.88 36.40 -9.04
N PRO A 199 18.04 36.03 -9.61
CA PRO A 199 18.47 36.50 -10.92
C PRO A 199 17.43 36.33 -12.02
N GLN A 200 16.71 35.21 -12.00
CA GLN A 200 15.63 34.93 -12.96
C GLN A 200 14.48 35.96 -12.93
N GLY A 201 14.32 36.72 -11.84
CA GLY A 201 13.44 37.90 -11.78
C GLY A 201 12.16 37.65 -11.00
N PHE A 202 11.14 38.48 -11.26
CA PHE A 202 9.83 38.43 -10.56
C PHE A 202 8.66 38.24 -11.52
N THR A 203 7.95 37.12 -11.38
CA THR A 203 6.77 36.87 -12.18
C THR A 203 5.66 37.88 -11.92
N GLN A 204 4.88 38.20 -12.94
CA GLN A 204 3.60 38.91 -12.79
C GLN A 204 2.40 37.98 -13.00
N GLN A 205 2.61 36.66 -12.93
CA GLN A 205 1.53 35.70 -13.12
C GLN A 205 1.85 34.38 -12.44
N PRO A 206 0.82 33.55 -12.22
CA PRO A 206 1.12 32.34 -11.45
C PRO A 206 2.05 31.36 -12.19
N LEU A 207 2.86 30.68 -11.41
CA LEU A 207 3.87 29.75 -11.89
C LEU A 207 3.40 28.31 -11.79
N ARG A 208 3.78 27.50 -12.79
CA ARG A 208 3.54 26.07 -12.79
C ARG A 208 4.46 25.38 -11.79
N PRO A 209 3.88 24.69 -10.80
CA PRO A 209 4.72 23.88 -9.88
C PRO A 209 5.36 22.71 -10.62
N ASN A 210 6.65 22.50 -10.34
CA ASN A 210 7.44 21.50 -11.04
C ASN A 210 7.66 20.34 -10.14
N LEU A 211 7.20 19.16 -10.57
CA LEU A 211 7.23 17.94 -9.77
C LEU A 211 8.65 17.42 -9.76
N VAL A 212 9.15 17.08 -8.57
CA VAL A 212 10.45 16.45 -8.46
C VAL A 212 10.19 15.00 -8.71
N GLU A 213 10.62 14.46 -9.85
CA GLU A 213 10.34 13.09 -10.25
C GLU A 213 11.14 12.15 -9.34
N THR A 214 10.66 10.92 -9.21
CA THR A 214 11.26 9.90 -8.35
C THR A 214 11.00 8.50 -8.85
N SER A 215 11.89 7.59 -8.45
CA SER A 215 11.71 6.15 -8.54
C SER A 215 11.30 5.51 -7.22
N CYS A 216 11.16 6.29 -6.17
CA CYS A 216 10.78 5.78 -4.85
C CYS A 216 9.32 5.39 -4.84
N PRO A 217 8.99 4.20 -4.35
CA PRO A 217 7.58 3.75 -4.32
C PRO A 217 6.61 4.44 -3.32
N ASN A 218 7.13 4.96 -2.25
CA ASN A 218 6.34 5.43 -1.09
C ASN A 218 6.45 6.93 -0.92
N ILE A 219 5.59 7.44 -0.02
CA ILE A 219 5.56 8.84 0.32
C ILE A 219 6.94 9.34 0.72
N ARG A 220 7.31 10.45 0.09
CA ARG A 220 8.49 11.17 0.42
C ARG A 220 8.12 12.28 1.37
N MET A 221 8.87 12.39 2.46
CA MET A 221 8.56 13.30 3.56
C MET A 221 9.72 14.21 3.84
N ASP A 222 9.41 15.35 4.43
CA ASP A 222 10.38 16.29 4.97
C ASP A 222 11.43 16.77 3.94
N PRO A 223 10.95 17.30 2.81
CA PRO A 223 11.89 17.78 1.83
C PRO A 223 12.59 19.07 2.27
N LYS A 224 13.91 19.12 2.11
CA LYS A 224 14.70 20.34 2.37
C LYS A 224 15.65 20.65 1.25
N LEU A 225 15.68 21.95 0.85
CA LEU A 225 16.72 22.44 -0.05
C LEU A 225 18.06 22.46 0.60
N CYS A 226 19.07 22.11 -0.19
CA CYS A 226 20.45 22.29 0.24
C CYS A 226 20.77 23.78 0.13
N PRO A 227 21.06 24.45 1.24
CA PRO A 227 21.40 25.91 1.13
C PRO A 227 22.69 26.25 0.38
N ALA A 228 23.58 25.28 0.30
CA ALA A 228 24.83 25.36 -0.47
C ALA A 228 24.73 25.13 -1.97
N ASP A 229 23.74 24.34 -2.40
CA ASP A 229 23.47 24.09 -3.84
C ASP A 229 21.99 23.82 -4.02
N PRO A 230 21.23 24.83 -4.47
CA PRO A 230 19.79 24.63 -4.61
C PRO A 230 19.32 23.72 -5.79
N ASP A 231 20.22 23.14 -6.57
CA ASP A 231 19.89 22.00 -7.41
C ASP A 231 19.59 20.72 -6.62
N TRP A 232 20.03 20.60 -5.37
CA TRP A 232 19.91 19.37 -4.60
C TRP A 232 18.88 19.53 -3.52
N ILE A 233 18.06 18.50 -3.35
CA ILE A 233 17.17 18.39 -2.19
C ILE A 233 17.46 17.11 -1.47
N ALA A 234 17.01 17.03 -0.23
CA ALA A 234 16.92 15.78 0.51
C ALA A 234 15.48 15.55 0.98
N PHE A 235 15.19 14.29 1.27
CA PHE A 235 13.91 13.88 1.83
C PHE A 235 14.09 12.56 2.55
N ILE A 236 13.04 12.18 3.27
CA ILE A 236 12.94 10.89 3.89
C ILE A 236 12.01 10.01 3.05
N HIS A 237 12.45 8.77 2.85
CA HIS A 237 11.62 7.75 2.29
C HIS A 237 11.84 6.45 3.08
N SER A 238 10.76 5.85 3.58
CA SER A 238 10.81 4.61 4.37
C SER A 238 11.94 4.68 5.40
N ASN A 239 11.90 5.75 6.17
CA ASN A 239 12.83 5.98 7.28
C ASN A 239 14.34 6.00 6.95
N ASP A 240 14.68 6.41 5.73
CA ASP A 240 16.05 6.60 5.31
C ASP A 240 16.13 7.91 4.50
N ILE A 241 17.34 8.46 4.42
CA ILE A 241 17.59 9.72 3.76
C ILE A 241 17.98 9.46 2.31
N TRP A 242 17.35 10.24 1.43
CA TRP A 242 17.67 10.26 0.03
C TRP A 242 17.95 11.68 -0.35
N ILE A 243 18.67 11.83 -1.46
CA ILE A 243 18.83 13.12 -2.12
C ILE A 243 18.45 13.01 -3.58
N SER A 244 18.10 14.16 -4.15
CA SER A 244 17.64 14.21 -5.51
C SER A 244 17.98 15.56 -6.14
N ASN A 245 18.48 15.52 -7.36
CA ASN A 245 18.88 16.72 -8.08
C ASN A 245 17.77 17.11 -9.03
N ILE A 246 17.25 18.29 -8.83
CA ILE A 246 16.04 18.74 -9.54
C ILE A 246 16.32 19.28 -10.95
N VAL A 247 17.58 19.32 -11.38
CA VAL A 247 17.99 19.67 -12.75
C VAL A 247 18.39 18.40 -13.52
N THR A 248 19.27 17.60 -12.93
CA THR A 248 19.79 16.39 -13.56
C THR A 248 18.88 15.22 -13.42
N ARG A 249 17.98 15.25 -12.43
CA ARG A 249 17.07 14.13 -12.06
C ARG A 249 17.75 12.95 -11.39
N GLU A 250 19.02 13.08 -11.00
CA GLU A 250 19.72 12.01 -10.31
C GLU A 250 19.16 11.92 -8.89
N GLU A 251 18.90 10.69 -8.49
CA GLU A 251 18.32 10.36 -7.22
C GLU A 251 19.28 9.35 -6.58
N ARG A 252 19.51 9.50 -5.29
CA ARG A 252 20.40 8.64 -4.57
C ARG A 252 19.96 8.46 -3.13
N ARG A 253 19.87 7.19 -2.72
CA ARG A 253 19.70 6.82 -1.31
C ARG A 253 21.03 7.04 -0.55
N LEU A 254 20.97 7.70 0.61
CA LEU A 254 22.16 7.91 1.47
C LEU A 254 22.32 6.92 2.62
N THR A 255 21.22 6.47 3.20
CA THR A 255 21.24 5.64 4.38
C THR A 255 20.46 4.37 4.12
N TYR A 256 20.89 3.31 4.77
CA TYR A 256 20.42 1.96 4.51
C TYR A 256 20.06 1.28 5.81
N VAL A 257 19.40 1.99 6.71
CA VAL A 257 19.09 1.46 8.04
C VAL A 257 17.72 0.77 8.21
N HIS A 258 16.78 1.07 7.31
CA HIS A 258 15.42 0.55 7.35
C HIS A 258 15.17 -0.26 6.10
N ASN A 259 14.34 -1.27 6.25
CA ASN A 259 13.87 -2.14 5.19
C ASN A 259 12.33 -2.08 5.23
N GLU A 260 11.74 -1.37 4.25
CA GLU A 260 10.27 -1.28 4.07
C GLU A 260 9.55 -2.65 4.08
N LEU A 261 10.18 -3.67 3.50
CA LEU A 261 9.65 -5.02 3.42
C LEU A 261 9.55 -5.77 4.77
N ALA A 262 10.28 -5.35 5.81
CA ALA A 262 10.24 -6.04 7.14
C ALA A 262 9.12 -5.54 8.06
N ASN A 263 8.83 -6.34 9.08
CA ASN A 263 7.90 -5.94 10.16
C ASN A 263 8.63 -5.00 11.08
N MET A 264 7.93 -3.95 11.51
CA MET A 264 8.47 -2.98 12.48
C MET A 264 9.03 -3.61 13.78
N GLU A 265 8.45 -4.75 14.18
CA GLU A 265 8.91 -5.56 15.30
C GLU A 265 10.40 -6.02 15.17
N GLU A 266 10.86 -6.33 13.95
CA GLU A 266 12.28 -6.71 13.65
C GLU A 266 13.14 -5.55 13.16
N ASP A 267 12.53 -4.52 12.59
CA ASP A 267 13.23 -3.42 11.94
C ASP A 267 12.84 -2.08 12.58
N ALA A 268 13.64 -1.72 13.57
CA ALA A 268 13.41 -0.53 14.39
C ALA A 268 14.45 0.60 14.21
N ARG A 269 15.30 0.55 13.17
CA ARG A 269 16.23 1.66 12.87
C ARG A 269 15.65 2.65 11.85
N SER A 270 16.05 3.91 12.03
CA SER A 270 15.62 5.01 11.18
C SER A 270 16.68 6.09 11.19
N ALA A 271 16.76 6.81 10.09
CA ALA A 271 17.75 7.85 9.88
C ALA A 271 17.06 9.10 9.41
N GLY A 272 17.42 10.23 10.00
CA GLY A 272 16.94 11.53 9.58
C GLY A 272 15.58 11.92 10.10
N VAL A 273 14.93 11.07 10.93
CA VAL A 273 13.56 11.31 11.40
C VAL A 273 13.55 11.50 12.91
N ALA A 274 12.66 12.38 13.38
CA ALA A 274 12.34 12.53 14.78
C ALA A 274 11.34 11.43 15.16
N THR A 275 11.63 10.73 16.26
CA THR A 275 10.73 9.71 16.80
C THR A 275 9.58 10.39 17.52
N PHE A 276 8.62 9.58 17.95
CA PHE A 276 7.35 10.02 18.51
C PHE A 276 7.46 11.09 19.59
N VAL A 277 8.34 10.85 20.57
CA VAL A 277 8.42 11.78 21.72
C VAL A 277 8.90 13.14 21.31
N LEU A 278 9.84 13.16 20.37
CA LEU A 278 10.35 14.42 19.85
C LEU A 278 9.28 15.21 19.11
N GLN A 279 8.45 14.54 18.34
CA GLN A 279 7.39 15.22 17.60
C GLN A 279 6.26 15.68 18.52
N GLU A 280 5.85 14.79 19.43
CA GLU A 280 4.73 15.08 20.35
C GLU A 280 5.11 16.02 21.52
N GLU A 281 6.32 15.87 22.07
CA GLU A 281 6.70 16.56 23.33
C GLU A 281 7.78 17.59 23.25
N PHE A 282 8.49 17.66 22.13
CA PHE A 282 9.49 18.68 21.88
C PHE A 282 9.34 19.51 20.59
N ASP A 283 8.33 19.22 19.78
CA ASP A 283 8.10 19.90 18.47
C ASP A 283 9.27 19.93 17.50
N ARG A 284 9.98 18.81 17.47
CA ARG A 284 11.07 18.53 16.52
C ARG A 284 10.49 17.48 15.60
N TYR A 285 10.36 17.85 14.34
CA TYR A 285 9.76 16.96 13.31
C TYR A 285 10.79 16.38 12.35
N SER A 286 11.95 17.00 12.28
CA SER A 286 13.03 16.65 11.39
C SER A 286 14.19 16.07 12.20
N GLY A 287 14.97 15.20 11.58
CA GLY A 287 16.20 14.63 12.17
C GLY A 287 17.47 14.75 11.34
N TYR A 288 17.49 15.71 10.41
CA TYR A 288 18.63 15.88 9.50
C TYR A 288 18.73 17.32 9.13
N TRP A 289 19.96 17.76 8.90
CA TRP A 289 20.27 19.18 8.72
C TRP A 289 21.37 19.29 7.70
N TRP A 290 21.07 19.97 6.59
CA TRP A 290 22.05 20.29 5.58
C TRP A 290 23.10 21.24 6.13
N CYS A 291 24.36 20.95 5.84
CA CYS A 291 25.44 21.89 6.04
C CYS A 291 25.24 23.06 5.08
N PRO A 292 25.24 24.32 5.59
CA PRO A 292 24.91 25.46 4.74
C PRO A 292 25.96 25.89 3.72
N LYS A 293 27.15 25.27 3.73
CA LYS A 293 28.25 25.60 2.80
C LYS A 293 28.87 24.36 2.24
N ALA A 294 29.46 24.51 1.06
CA ALA A 294 30.05 23.42 0.32
C ALA A 294 31.55 23.60 0.38
N GLU A 295 32.26 22.52 0.63
CA GLU A 295 33.71 22.49 0.60
C GLU A 295 34.11 22.17 -0.83
N THR A 296 34.97 23.00 -1.42
CA THR A 296 35.48 22.77 -2.78
C THR A 296 36.53 21.63 -2.81
N THR A 297 36.57 20.87 -3.92
CA THR A 297 37.60 19.85 -4.17
C THR A 297 38.64 20.37 -5.18
N PRO A 298 39.89 19.81 -5.16
CA PRO A 298 40.88 20.15 -6.20
C PRO A 298 40.44 19.87 -7.66
N SER A 299 39.55 18.90 -7.87
CA SER A 299 38.96 18.55 -9.18
C SER A 299 38.05 19.62 -9.85
N GLY A 300 37.68 20.69 -9.15
CA GLY A 300 36.62 21.62 -9.60
C GLY A 300 35.23 21.24 -9.10
N GLY A 301 35.12 20.15 -8.33
CA GLY A 301 33.85 19.68 -7.76
C GLY A 301 33.57 20.26 -6.39
N LYS A 302 32.84 19.49 -5.57
CA LYS A 302 32.51 19.87 -4.17
C LYS A 302 32.03 18.73 -3.27
N ILE A 303 32.01 19.00 -1.97
CA ILE A 303 31.50 18.12 -0.93
C ILE A 303 30.35 18.81 -0.25
N LEU A 304 29.18 18.14 -0.26
CA LEU A 304 28.03 18.57 0.52
C LEU A 304 27.91 17.64 1.70
N ARG A 305 27.30 18.14 2.75
CA ARG A 305 27.22 17.43 4.02
C ARG A 305 25.82 17.49 4.61
N ILE A 306 25.39 16.38 5.20
CA ILE A 306 24.18 16.31 6.01
C ILE A 306 24.50 15.71 7.37
N LEU A 307 24.19 16.44 8.42
CA LEU A 307 24.15 15.91 9.79
C LEU A 307 22.84 15.25 9.95
N TYR A 308 22.82 14.08 10.56
CA TYR A 308 21.57 13.43 10.90
C TYR A 308 21.59 12.64 12.20
N GLU A 309 20.41 12.58 12.83
CA GLU A 309 20.13 11.73 13.98
C GLU A 309 19.85 10.33 13.41
N GLU A 310 20.47 9.30 13.99
CA GLU A 310 20.11 7.90 13.69
C GLU A 310 19.57 7.30 14.97
N ASN A 311 18.36 6.71 14.89
CA ASN A 311 17.61 6.18 16.04
C ASN A 311 17.49 4.69 15.93
N ASP A 312 17.48 4.03 17.09
CA ASP A 312 17.27 2.61 17.21
C ASP A 312 16.21 2.41 18.30
N GLU A 313 15.02 2.01 17.84
CA GLU A 313 13.88 1.87 18.71
C GLU A 313 13.67 0.43 19.16
N SER A 314 14.61 -0.49 18.87
CA SER A 314 14.58 -1.91 19.31
C SER A 314 14.12 -2.20 20.72
N GLU A 315 14.59 -1.38 21.66
CA GLU A 315 14.26 -1.55 23.08
C GLU A 315 13.06 -0.78 23.56
N VAL A 316 12.42 -0.03 22.67
CA VAL A 316 11.23 0.75 23.01
C VAL A 316 10.04 -0.19 22.99
N GLU A 317 9.14 -0.01 23.94
CA GLU A 317 7.94 -0.82 24.03
C GLU A 317 7.04 -0.64 22.80
N ILE A 318 6.47 -1.75 22.35
CA ILE A 318 5.48 -1.77 21.28
C ILE A 318 4.08 -1.84 21.90
N ILE A 319 3.28 -0.82 21.62
CA ILE A 319 1.83 -0.86 21.82
C ILE A 319 1.07 -1.07 20.52
N HIS A 320 -0.20 -1.39 20.66
CA HIS A 320 -1.15 -1.55 19.59
C HIS A 320 -2.29 -0.58 19.73
N VAL A 321 -2.51 0.14 18.63
CA VAL A 321 -3.59 1.09 18.49
C VAL A 321 -4.49 0.60 17.38
N THR A 322 -5.79 0.62 17.64
CA THR A 322 -6.81 0.16 16.66
C THR A 322 -6.60 0.81 15.28
N SER A 323 -6.62 0.00 14.23
CA SER A 323 -6.52 0.49 12.87
C SER A 323 -7.85 1.25 12.57
N PRO A 324 -7.77 2.44 11.94
CA PRO A 324 -8.97 3.20 11.48
C PRO A 324 -9.93 2.44 10.64
N MET A 325 -9.42 1.52 9.84
CA MET A 325 -10.21 0.63 9.02
C MET A 325 -10.86 -0.43 9.91
N LEU A 326 -11.88 -0.04 10.65
CA LEU A 326 -12.49 -0.93 11.70
C LEU A 326 -12.95 -2.32 11.22
N GLU A 327 -13.36 -2.40 9.96
CA GLU A 327 -13.75 -3.70 9.29
C GLU A 327 -12.64 -4.72 9.32
N THR A 328 -11.38 -4.26 9.36
CA THR A 328 -10.22 -5.13 9.42
C THR A 328 -10.06 -5.87 10.73
N ARG A 329 -10.48 -5.23 11.83
CA ARG A 329 -10.50 -5.83 13.20
C ARG A 329 -9.03 -6.06 13.59
N ARG A 330 -8.22 -5.05 13.31
CA ARG A 330 -6.78 -5.07 13.38
C ARG A 330 -6.32 -3.82 14.09
N ALA A 331 -5.02 -3.78 14.31
CA ALA A 331 -4.37 -2.83 15.20
C ALA A 331 -2.96 -2.63 14.66
N ASP A 332 -2.51 -1.40 14.72
CA ASP A 332 -1.19 -1.01 14.22
C ASP A 332 -0.23 -0.97 15.42
N SER A 333 1.00 -1.39 15.17
CA SER A 333 2.10 -1.31 16.10
C SER A 333 2.71 0.09 16.19
N PHE A 334 2.98 0.57 17.41
CA PHE A 334 3.66 1.87 17.65
C PHE A 334 4.75 1.68 18.67
N ARG A 335 5.90 2.31 18.41
CA ARG A 335 6.95 2.44 19.42
C ARG A 335 6.61 3.59 20.35
N TYR A 336 6.21 3.27 21.59
CA TYR A 336 5.71 4.25 22.57
C TYR A 336 6.53 4.10 23.86
N PRO A 337 7.43 5.06 24.12
CA PRO A 337 8.18 5.00 25.36
C PRO A 337 7.33 5.47 26.51
N LYS A 338 6.72 4.52 27.25
CA LYS A 338 5.95 4.89 28.45
C LYS A 338 6.91 5.32 29.54
N THR A 339 6.38 6.15 30.42
CA THR A 339 7.11 6.63 31.58
C THR A 339 7.89 5.52 32.25
N GLY A 340 9.16 5.82 32.53
CA GLY A 340 10.06 4.89 33.22
C GLY A 340 10.68 3.79 32.40
N THR A 341 10.50 3.81 31.08
CA THR A 341 10.99 2.74 30.17
C THR A 341 11.93 3.37 29.13
N ALA A 342 12.52 2.56 28.27
CA ALA A 342 13.57 3.05 27.39
C ALA A 342 13.03 4.02 26.32
N ASN A 343 13.67 5.18 26.24
CA ASN A 343 13.68 5.98 25.02
C ASN A 343 14.57 5.32 23.96
N PRO A 344 14.49 5.79 22.71
CA PRO A 344 15.35 5.20 21.66
C PRO A 344 16.84 5.39 21.91
N LYS A 345 17.68 4.48 21.41
CA LYS A 345 19.13 4.66 21.34
C LYS A 345 19.39 5.66 20.19
N VAL A 346 19.94 6.81 20.53
CA VAL A 346 20.25 7.89 19.56
C VAL A 346 21.76 8.08 19.37
N THR A 347 22.14 8.52 18.18
CA THR A 347 23.49 9.05 17.91
C THR A 347 23.46 10.01 16.70
N PHE A 348 24.57 10.67 16.47
CA PHE A 348 24.74 11.54 15.32
C PHE A 348 25.58 10.80 14.30
N LYS A 349 25.29 11.10 13.05
CA LYS A 349 25.97 10.54 11.91
C LYS A 349 26.06 11.66 10.90
N MET A 350 26.93 11.47 9.93
CA MET A 350 27.16 12.46 8.90
C MET A 350 27.36 11.82 7.56
N SER A 351 26.70 12.37 6.55
CA SER A 351 26.78 11.86 5.20
C SER A 351 27.53 12.90 4.40
N GLU A 352 28.55 12.45 3.69
CA GLU A 352 29.49 13.29 2.97
C GLU A 352 29.32 12.91 1.52
N ILE A 353 28.90 13.86 0.70
CA ILE A 353 28.45 13.59 -0.66
C ILE A 353 29.37 14.34 -1.59
N MET A 354 30.16 13.60 -2.39
CA MET A 354 31.14 14.21 -3.31
C MET A 354 30.45 14.34 -4.67
N ILE A 355 30.41 15.58 -5.17
CA ILE A 355 29.79 15.93 -6.42
C ILE A 355 30.88 16.38 -7.39
N ASP A 356 30.76 15.98 -8.65
CA ASP A 356 31.74 16.36 -9.67
C ASP A 356 31.48 17.77 -10.22
N ALA A 357 32.34 18.19 -11.16
CA ALA A 357 32.28 19.56 -11.74
C ALA A 357 30.93 19.94 -12.39
N GLU A 358 30.21 18.96 -12.92
CA GLU A 358 28.90 19.17 -13.59
C GLU A 358 27.75 18.47 -12.85
N GLY A 359 27.82 18.49 -11.52
CA GLY A 359 26.71 18.14 -10.66
C GLY A 359 26.41 16.69 -10.40
N ARG A 360 27.21 15.76 -10.90
CA ARG A 360 26.96 14.32 -10.73
C ARG A 360 27.58 13.85 -9.45
N ILE A 361 26.90 12.94 -8.75
CA ILE A 361 27.46 12.28 -7.57
C ILE A 361 28.59 11.40 -8.02
N ILE A 362 29.74 11.57 -7.37
CA ILE A 362 30.90 10.68 -7.55
C ILE A 362 30.83 9.61 -6.48
N ASP A 363 30.66 9.99 -5.21
CA ASP A 363 30.62 9.02 -4.12
C ASP A 363 29.84 9.57 -2.93
N VAL A 364 29.43 8.66 -2.06
CA VAL A 364 28.81 9.00 -0.78
C VAL A 364 29.51 8.24 0.32
N ILE A 365 29.98 8.94 1.35
CA ILE A 365 30.68 8.34 2.48
C ILE A 365 29.84 8.60 3.72
N ASP A 366 29.35 7.52 4.33
CA ASP A 366 28.60 7.61 5.57
C ASP A 366 29.63 7.61 6.72
N LYS A 367 29.47 8.57 7.64
CA LYS A 367 30.43 8.76 8.72
C LYS A 367 29.75 8.74 10.09
N GLU A 368 30.45 8.17 11.07
CA GLU A 368 29.96 7.99 12.46
C GLU A 368 30.92 8.70 13.40
N LEU A 369 30.42 9.02 14.60
CA LEU A 369 31.27 9.65 15.62
C LEU A 369 32.48 8.77 15.97
N ILE A 370 33.62 9.41 16.15
CA ILE A 370 34.89 8.70 16.48
C ILE A 370 34.82 7.85 17.76
N GLN A 371 34.04 8.29 18.73
CA GLN A 371 33.69 7.49 19.91
C GLN A 371 32.18 7.54 20.08
N PRO A 372 31.60 6.57 20.80
CA PRO A 372 30.12 6.52 20.89
C PRO A 372 29.47 7.74 21.54
N PHE A 373 28.22 7.99 21.17
CA PHE A 373 27.39 9.06 21.70
C PHE A 373 27.39 9.11 23.23
N GLU A 374 27.21 7.97 23.86
CA GLU A 374 27.14 7.86 25.34
C GLU A 374 28.45 8.33 26.05
N ILE A 375 29.60 8.17 25.37
CA ILE A 375 30.92 8.61 25.85
C ILE A 375 31.14 10.09 25.65
N LEU A 376 30.92 10.54 24.41
CA LEU A 376 31.10 11.96 24.04
C LEU A 376 30.11 12.93 24.65
N PHE A 377 28.91 12.45 24.93
CA PHE A 377 27.81 13.26 25.47
C PHE A 377 27.20 12.53 26.69
N GLU A 378 28.04 12.30 27.71
N GLU A 378 28.04 12.30 27.71
CA GLU A 378 27.66 11.67 28.98
CA GLU A 378 27.67 11.71 29.01
C GLU A 378 26.35 12.25 29.52
C GLU A 378 26.34 12.26 29.51
N GLY A 379 25.40 11.37 29.81
CA GLY A 379 24.12 11.75 30.44
C GLY A 379 23.01 12.30 29.54
N VAL A 380 23.27 12.42 28.23
CA VAL A 380 22.29 13.04 27.32
C VAL A 380 21.31 11.97 26.93
N GLU A 381 20.02 12.28 27.10
CA GLU A 381 18.92 11.42 26.72
C GLU A 381 18.29 11.86 25.38
N TYR A 382 18.00 13.14 25.25
CA TYR A 382 17.31 13.71 24.13
C TYR A 382 18.19 14.72 23.37
N ILE A 383 18.24 14.57 22.06
CA ILE A 383 18.63 15.63 21.13
C ILE A 383 17.42 16.52 20.87
N ALA A 384 17.36 17.67 21.51
CA ALA A 384 16.18 18.55 21.45
C ALA A 384 16.16 19.35 20.17
N ARG A 385 17.32 19.88 19.81
CA ARG A 385 17.50 20.71 18.62
C ARG A 385 18.87 20.42 18.04
N ALA A 386 19.03 20.76 16.77
CA ALA A 386 20.31 20.70 16.10
C ALA A 386 20.32 21.56 14.86
N GLY A 387 21.52 21.78 14.35
CA GLY A 387 21.72 22.55 13.15
C GLY A 387 23.18 22.83 12.96
N TRP A 388 23.50 23.88 12.21
CA TRP A 388 24.87 24.27 11.89
C TRP A 388 25.13 25.74 12.23
N THR A 389 26.41 26.06 12.41
CA THR A 389 26.83 27.48 12.48
C THR A 389 26.66 28.06 11.08
N PRO A 390 26.49 29.40 10.96
CA PRO A 390 26.23 29.99 9.63
C PRO A 390 27.27 29.71 8.52
N GLU A 391 28.54 29.59 8.90
CA GLU A 391 29.64 29.30 7.99
C GLU A 391 29.80 27.81 7.72
N GLY A 392 29.13 26.95 8.49
CA GLY A 392 29.27 25.52 8.42
C GLY A 392 30.51 24.89 9.03
N LYS A 393 31.30 25.66 9.81
CA LYS A 393 32.49 25.10 10.49
C LYS A 393 32.08 24.01 11.51
N TYR A 394 30.97 24.21 12.23
CA TYR A 394 30.50 23.32 13.30
C TYR A 394 29.03 23.01 13.12
N ALA A 395 28.67 21.77 13.44
CA ALA A 395 27.28 21.41 13.77
C ALA A 395 27.08 21.82 15.23
N TRP A 396 25.84 22.16 15.59
CA TRP A 396 25.47 22.38 16.98
C TRP A 396 24.30 21.52 17.36
N SER A 397 24.17 21.30 18.68
CA SER A 397 23.04 20.63 19.24
C SER A 397 22.70 21.14 20.63
N ILE A 398 21.40 21.11 20.95
CA ILE A 398 20.90 21.40 22.29
C ILE A 398 20.45 20.06 22.84
N LEU A 399 21.03 19.67 23.96
CA LEU A 399 20.97 18.28 24.49
C LEU A 399 20.47 18.29 25.91
N LEU A 400 19.57 17.36 26.23
CA LEU A 400 18.96 17.26 27.54
C LEU A 400 19.33 15.94 28.16
N ASP A 401 19.44 15.96 29.48
CA ASP A 401 19.45 14.75 30.27
C ASP A 401 18.04 14.21 30.44
N ARG A 402 17.95 12.99 30.93
CA ARG A 402 16.65 12.32 31.08
C ARG A 402 15.66 13.08 31.93
N SER A 403 16.12 13.60 33.05
CA SER A 403 15.26 14.34 33.97
C SER A 403 14.85 15.72 33.46
N GLN A 404 15.52 16.20 32.42
CA GLN A 404 15.25 17.45 31.71
C GLN A 404 15.50 18.65 32.63
N THR A 405 16.52 18.51 33.46
CA THR A 405 16.98 19.52 34.37
C THR A 405 18.36 20.01 33.99
N ARG A 406 19.03 19.42 32.99
CA ARG A 406 20.30 19.88 32.49
C ARG A 406 20.19 20.04 30.99
N LEU A 407 20.43 21.26 30.51
CA LEU A 407 20.55 21.57 29.10
C LEU A 407 22.03 21.86 28.82
N GLN A 408 22.48 21.41 27.65
CA GLN A 408 23.80 21.72 27.11
C GLN A 408 23.66 22.16 25.68
N ILE A 409 24.47 23.13 25.28
CA ILE A 409 24.63 23.49 23.90
C ILE A 409 26.01 22.99 23.54
N VAL A 410 26.11 22.17 22.51
CA VAL A 410 27.37 21.53 22.13
C VAL A 410 27.68 21.76 20.67
N LEU A 411 28.95 22.08 20.36
CA LEU A 411 29.45 22.19 19.00
C LEU A 411 30.21 20.96 18.64
N ILE A 412 29.95 20.47 17.43
CA ILE A 412 30.42 19.17 16.95
C ILE A 412 31.08 19.44 15.61
N SER A 413 32.40 19.30 15.55
CA SER A 413 33.12 19.51 14.30
C SER A 413 32.86 18.34 13.35
N PRO A 414 32.76 18.58 12.03
CA PRO A 414 32.80 17.48 11.05
C PRO A 414 34.01 16.55 11.16
N GLU A 415 35.17 17.09 11.53
CA GLU A 415 36.38 16.28 11.77
C GLU A 415 36.22 15.19 12.87
N LEU A 416 35.22 15.36 13.72
CA LEU A 416 34.83 14.38 14.74
C LEU A 416 34.14 13.08 14.23
N PHE A 417 33.75 13.08 12.95
CA PHE A 417 33.18 11.91 12.27
C PHE A 417 34.22 11.25 11.38
N ILE A 418 34.15 9.92 11.34
CA ILE A 418 35.02 9.11 10.51
C ILE A 418 34.19 8.13 9.69
N PRO A 419 34.71 7.70 8.53
CA PRO A 419 34.01 6.67 7.77
C PRO A 419 33.61 5.42 8.56
N VAL A 420 32.39 4.94 8.29
CA VAL A 420 31.89 3.72 8.87
C VAL A 420 32.73 2.65 8.22
N GLU A 421 33.31 1.78 9.05
CA GLU A 421 34.28 0.78 8.60
C GLU A 421 34.14 -0.48 9.47
N ASP A 422 33.66 -1.56 8.87
CA ASP A 422 33.57 -2.87 9.55
C ASP A 422 34.98 -3.49 9.76
N ASP A 423 35.89 -3.30 8.80
CA ASP A 423 37.33 -3.70 8.89
C ASP A 423 38.05 -3.05 10.09
N VAL A 424 38.66 -3.87 10.95
CA VAL A 424 39.19 -3.41 12.25
C VAL A 424 40.58 -2.78 12.10
N MET A 425 41.43 -3.34 11.23
CA MET A 425 42.79 -2.79 10.92
C MET A 425 42.65 -1.34 10.41
N GLU A 426 41.79 -1.18 9.40
CA GLU A 426 41.50 0.14 8.82
C GLU A 426 40.83 1.14 9.79
N ARG A 427 40.01 0.65 10.71
CA ARG A 427 39.36 1.51 11.73
C ARG A 427 40.36 2.21 12.65
N GLN A 428 41.41 1.48 13.06
CA GLN A 428 42.45 2.06 13.94
C GLN A 428 43.21 3.14 13.25
N ARG A 429 43.59 2.85 11.99
CA ARG A 429 44.20 3.85 11.11
C ARG A 429 43.36 5.15 11.08
N LEU A 430 42.04 5.00 10.92
CA LEU A 430 41.10 6.13 10.92
C LEU A 430 40.95 6.85 12.25
N ILE A 431 40.97 6.11 13.36
CA ILE A 431 40.90 6.73 14.70
C ILE A 431 42.15 7.56 15.04
N GLU A 432 43.32 6.99 14.77
CA GLU A 432 44.61 7.68 15.04
C GLU A 432 44.83 8.91 14.15
N SER A 433 44.26 8.88 12.93
CA SER A 433 44.32 10.02 12.00
C SER A 433 43.56 11.28 12.45
N VAL A 434 42.65 11.14 13.42
CA VAL A 434 41.92 12.28 13.99
C VAL A 434 42.68 12.78 15.21
N PRO A 435 43.08 14.08 15.19
CA PRO A 435 43.84 14.59 16.34
C PRO A 435 43.05 14.61 17.65
N ASP A 436 43.75 14.48 18.76
CA ASP A 436 43.15 14.51 20.10
C ASP A 436 42.50 15.83 20.44
N SER A 437 43.04 16.91 19.86
CA SER A 437 42.53 18.29 19.97
C SER A 437 41.12 18.52 19.49
N VAL A 438 40.66 17.69 18.57
CA VAL A 438 39.31 17.71 18.03
C VAL A 438 38.36 16.95 18.99
N THR A 439 37.59 17.69 19.78
CA THR A 439 36.65 17.16 20.77
C THR A 439 35.35 17.95 20.69
N PRO A 440 34.27 17.44 21.30
CA PRO A 440 33.06 18.28 21.34
C PRO A 440 33.26 19.42 22.29
N LEU A 441 32.59 20.52 22.01
CA LEU A 441 32.71 21.75 22.75
C LEU A 441 31.38 22.10 23.37
N ILE A 442 31.22 21.84 24.66
CA ILE A 442 30.04 22.31 25.42
C ILE A 442 30.24 23.82 25.69
N ILE A 443 29.59 24.64 24.87
CA ILE A 443 29.65 26.11 24.97
C ILE A 443 28.68 26.71 25.98
N TYR A 444 27.72 25.93 26.44
CA TYR A 444 26.79 26.40 27.44
C TYR A 444 26.19 25.20 28.14
N GLU A 445 26.09 25.28 29.46
CA GLU A 445 25.43 24.28 30.29
C GLU A 445 24.64 25.07 31.31
N GLU A 446 23.45 24.60 31.60
CA GLU A 446 22.59 25.19 32.63
C GLU A 446 21.80 24.09 33.29
N THR A 447 21.45 24.33 34.56
CA THR A 447 20.65 23.42 35.37
C THR A 447 19.48 24.17 36.04
N THR A 448 18.48 23.40 36.48
CA THR A 448 17.31 23.91 37.18
C THR A 448 16.71 22.86 38.10
N ASP A 449 16.08 23.32 39.17
N ASP A 449 16.09 23.35 39.17
CA ASP A 449 15.36 22.44 40.11
CA ASP A 449 15.34 22.56 40.13
C ASP A 449 13.90 22.18 39.66
C ASP A 449 13.90 22.21 39.66
N ILE A 450 13.46 22.86 38.58
CA ILE A 450 12.11 22.70 38.03
C ILE A 450 12.24 21.89 36.72
N TRP A 451 12.33 22.53 35.56
CA TRP A 451 12.57 21.83 34.29
C TRP A 451 13.05 22.82 33.25
N ILE A 452 13.77 22.30 32.26
CA ILE A 452 14.15 23.04 31.07
C ILE A 452 12.93 23.00 30.14
N ASN A 453 12.46 24.17 29.75
CA ASN A 453 11.52 24.32 28.65
C ASN A 453 12.36 24.63 27.41
N ILE A 454 12.32 23.69 26.45
CA ILE A 454 12.98 23.85 25.17
C ILE A 454 12.26 24.94 24.37
N HIS A 455 13.04 25.70 23.64
CA HIS A 455 12.56 26.74 22.75
C HIS A 455 13.41 26.79 21.48
N ASP A 456 12.99 27.63 20.55
CA ASP A 456 13.62 27.76 19.22
C ASP A 456 14.62 28.91 19.10
N ILE A 457 14.80 29.69 20.16
CA ILE A 457 15.78 30.80 20.18
C ILE A 457 17.20 30.30 20.38
N PHE A 458 18.01 30.54 19.35
CA PHE A 458 19.43 30.32 19.38
C PHE A 458 20.02 30.98 18.14
N HIS A 459 20.81 32.04 18.34
CA HIS A 459 21.42 32.81 17.26
C HIS A 459 22.91 32.82 17.44
N VAL A 460 23.63 32.41 16.38
CA VAL A 460 25.08 32.41 16.37
C VAL A 460 25.58 33.54 15.48
N PHE A 461 26.45 34.39 16.06
CA PHE A 461 27.10 35.45 15.30
C PHE A 461 28.25 34.92 14.43
N PRO A 462 28.66 35.67 13.39
CA PRO A 462 29.85 35.28 12.64
C PRO A 462 31.10 35.22 13.52
N GLN A 463 32.01 34.28 13.25
CA GLN A 463 33.23 34.12 14.04
C GLN A 463 34.26 35.23 13.78
N SER A 464 34.62 35.98 14.82
CA SER A 464 35.74 36.94 14.76
C SER A 464 37.07 36.24 14.90
N HIS A 465 37.17 35.38 15.90
CA HIS A 465 38.39 34.69 16.29
C HIS A 465 38.12 33.15 16.26
N GLU A 466 39.08 32.37 15.76
CA GLU A 466 39.00 30.86 15.74
C GLU A 466 38.76 30.26 17.14
N GLU A 467 39.26 30.90 18.19
CA GLU A 467 39.12 30.42 19.59
C GLU A 467 37.95 31.04 20.40
N GLU A 468 36.96 31.62 19.72
CA GLU A 468 35.89 32.34 20.40
C GLU A 468 34.59 32.26 19.61
N ILE A 469 33.48 31.98 20.27
CA ILE A 469 32.13 32.00 19.62
C ILE A 469 31.15 32.80 20.44
N GLU A 470 30.37 33.60 19.74
CA GLU A 470 29.45 34.58 20.34
C GLU A 470 28.05 34.21 19.89
N PHE A 471 27.09 34.18 20.81
CA PHE A 471 25.71 33.77 20.48
C PHE A 471 24.67 34.34 21.45
N ILE A 472 23.41 34.34 21.02
CA ILE A 472 22.29 34.73 21.87
C ILE A 472 21.49 33.48 22.12
N PHE A 473 21.13 33.26 23.38
CA PHE A 473 20.32 32.13 23.83
C PHE A 473 19.33 32.71 24.83
N ALA A 474 18.31 31.93 25.19
CA ALA A 474 17.26 32.33 26.10
C ALA A 474 17.18 31.32 27.19
N SER A 475 16.90 31.81 28.39
CA SER A 475 16.84 30.94 29.54
C SER A 475 16.01 31.46 30.66
N GLU A 476 15.32 30.50 31.32
CA GLU A 476 14.61 30.70 32.59
C GLU A 476 15.46 30.38 33.80
N CYS A 477 16.67 29.85 33.60
CA CYS A 477 17.45 29.26 34.69
C CYS A 477 18.03 30.26 35.65
N LYS A 478 18.42 31.45 35.20
CA LYS A 478 18.95 32.47 36.10
C LYS A 478 17.84 33.08 36.96
N THR A 479 16.83 33.71 36.35
CA THR A 479 15.83 34.52 37.08
C THR A 479 14.52 33.83 37.37
N GLY A 480 14.22 32.73 36.68
CA GLY A 480 12.86 32.15 36.73
C GLY A 480 11.86 32.71 35.70
N PHE A 481 12.28 33.66 34.86
CA PHE A 481 11.56 34.07 33.66
C PHE A 481 12.49 33.95 32.46
N ARG A 482 11.93 33.64 31.28
CA ARG A 482 12.78 33.42 30.07
C ARG A 482 13.29 34.74 29.59
N HIS A 483 14.61 34.86 29.51
CA HIS A 483 15.26 36.09 29.08
C HIS A 483 16.37 35.81 28.13
N LEU A 484 16.75 36.85 27.38
CA LEU A 484 17.80 36.75 26.38
C LEU A 484 19.14 37.08 27.02
N TYR A 485 20.15 36.30 26.67
CA TYR A 485 21.51 36.43 27.17
C TYR A 485 22.47 36.36 26.00
N LYS A 486 23.40 37.33 25.93
CA LYS A 486 24.49 37.31 24.95
C LYS A 486 25.69 36.72 25.64
N ILE A 487 26.19 35.63 25.07
CA ILE A 487 27.20 34.79 25.68
C ILE A 487 28.36 34.69 24.70
N THR A 488 29.57 34.70 25.24
CA THR A 488 30.79 34.50 24.44
C THR A 488 31.56 33.40 25.14
N SER A 489 31.76 32.26 24.47
CA SER A 489 32.44 31.09 25.06
C SER A 489 33.79 30.87 24.42
N ILE A 490 34.75 30.38 25.22
CA ILE A 490 36.13 30.13 24.81
C ILE A 490 36.26 28.69 24.29
N LEU A 491 36.79 28.55 23.06
CA LEU A 491 37.03 27.24 22.44
C LEU A 491 38.46 26.76 22.64
N LYS A 492 38.72 26.21 23.83
CA LYS A 492 40.09 25.75 24.16
C LYS A 492 40.22 24.28 23.72
N GLU A 493 41.46 23.87 23.49
CA GLU A 493 41.84 22.45 23.38
C GLU A 493 41.49 21.76 24.72
N SER A 494 40.85 20.59 24.63
CA SER A 494 40.42 19.88 25.87
C SER A 494 41.59 19.27 26.63
N LYS A 495 41.46 19.14 27.96
CA LYS A 495 42.42 18.33 28.78
C LYS A 495 42.42 16.86 28.33
N TYR A 496 41.25 16.37 27.88
CA TYR A 496 41.13 14.96 27.47
C TYR A 496 41.83 14.63 26.15
N LYS A 497 42.66 13.57 26.17
CA LYS A 497 43.42 13.09 25.03
C LYS A 497 43.04 11.62 24.74
N ARG A 498 42.31 11.42 23.64
CA ARG A 498 41.94 10.08 23.13
C ARG A 498 43.06 9.04 23.08
N SER A 499 44.21 9.48 22.55
CA SER A 499 45.48 8.73 22.52
C SER A 499 45.73 7.90 23.75
N SER A 500 45.63 8.56 24.91
CA SER A 500 45.86 7.97 26.23
C SER A 500 44.94 6.79 26.59
N GLY A 501 43.84 6.63 25.85
CA GLY A 501 43.04 5.42 25.85
C GLY A 501 42.04 5.36 26.98
N GLY A 502 41.73 6.50 27.62
CA GLY A 502 40.78 6.57 28.74
C GLY A 502 39.42 7.05 28.29
N LEU A 503 38.53 7.28 29.26
CA LEU A 503 37.18 7.82 29.06
C LEU A 503 37.14 9.23 29.66
N PRO A 504 36.45 10.20 29.03
CA PRO A 504 36.42 11.56 29.56
C PRO A 504 35.51 11.73 30.78
N ALA A 505 36.01 12.48 31.76
CA ALA A 505 35.23 12.91 32.94
C ALA A 505 34.19 13.96 32.53
N PRO A 506 33.05 14.10 33.27
CA PRO A 506 31.89 14.93 32.82
C PRO A 506 32.20 16.38 32.39
N SER A 507 33.03 17.03 33.19
CA SER A 507 33.48 18.40 32.94
C SER A 507 34.47 18.60 31.77
N ASP A 508 35.09 17.55 31.22
CA ASP A 508 36.21 17.72 30.23
C ASP A 508 36.00 18.50 28.93
N PHE A 509 34.77 18.53 28.45
CA PHE A 509 34.44 19.24 27.23
C PHE A 509 33.80 20.62 27.51
N LYS A 510 33.62 21.02 28.80
CA LYS A 510 33.02 22.35 29.17
C LYS A 510 33.95 23.49 28.73
N CYS A 511 33.40 24.44 27.97
CA CYS A 511 34.08 25.66 27.56
C CYS A 511 33.90 26.70 28.66
N PRO A 512 34.96 27.46 28.98
CA PRO A 512 34.74 28.59 29.86
C PRO A 512 33.91 29.69 29.18
N ILE A 513 33.17 30.42 30.00
CA ILE A 513 32.36 31.55 29.57
C ILE A 513 33.22 32.81 29.76
N LYS A 514 33.55 33.48 28.66
CA LYS A 514 34.18 34.80 28.68
C LYS A 514 33.24 35.88 29.19
N GLU A 515 32.05 36.00 28.61
CA GLU A 515 31.04 36.97 29.05
C GLU A 515 29.63 36.39 28.93
N GLU A 516 28.75 36.74 29.86
CA GLU A 516 27.32 36.38 29.80
C GLU A 516 26.54 37.60 30.29
N ILE A 517 26.02 38.39 29.34
CA ILE A 517 25.29 39.63 29.64
C ILE A 517 23.81 39.43 29.37
N ALA A 518 22.98 39.87 30.30
CA ALA A 518 21.52 39.83 30.14
C ALA A 518 21.10 40.94 29.21
N ILE A 519 20.41 40.59 28.14
CA ILE A 519 19.81 41.56 27.23
C ILE A 519 18.47 42.01 27.75
N THR A 520 17.74 41.13 28.42
CA THR A 520 16.46 41.43 29.03
C THR A 520 16.42 40.89 30.46
N SER A 521 15.55 41.48 31.26
CA SER A 521 15.32 41.08 32.66
C SER A 521 13.99 41.63 33.13
N GLY A 522 13.44 41.01 34.17
CA GLY A 522 12.13 41.37 34.72
C GLY A 522 11.20 40.21 35.05
N GLU A 523 10.06 40.60 35.63
CA GLU A 523 8.97 39.68 35.98
C GLU A 523 8.05 39.44 34.78
N TRP A 524 8.63 38.91 33.71
CA TRP A 524 7.93 38.69 32.44
C TRP A 524 8.83 37.87 31.53
N GLU A 525 8.23 37.13 30.60
CA GLU A 525 8.99 36.23 29.73
C GLU A 525 9.13 36.72 28.30
N VAL A 526 10.26 36.36 27.71
CA VAL A 526 10.46 36.30 26.29
C VAL A 526 9.84 34.99 25.80
N LEU A 527 9.17 35.05 24.66
CA LEU A 527 8.49 33.88 24.09
C LEU A 527 9.37 33.25 23.03
N GLY A 528 9.49 31.92 23.07
CA GLY A 528 10.32 31.19 22.10
C GLY A 528 9.79 29.92 21.51
N ARG A 529 8.51 29.65 21.69
CA ARG A 529 7.86 28.49 21.07
C ARG A 529 6.70 28.94 20.17
N HIS A 530 6.15 27.98 19.43
CA HIS A 530 4.91 28.15 18.66
C HIS A 530 5.03 29.22 17.54
N GLY A 531 6.23 29.32 16.97
CA GLY A 531 6.58 30.34 15.97
C GLY A 531 7.24 31.59 16.49
N SER A 532 7.08 31.90 17.79
CA SER A 532 7.73 33.04 18.41
C SER A 532 9.23 32.83 18.41
N ASN A 533 9.96 33.83 17.92
CA ASN A 533 11.42 33.73 17.87
C ASN A 533 11.99 35.14 17.94
N ILE A 534 13.28 35.28 17.65
CA ILE A 534 13.94 36.54 17.58
C ILE A 534 14.39 36.78 16.17
N GLN A 535 14.60 38.05 15.90
CA GLN A 535 15.23 38.53 14.71
C GLN A 535 16.34 39.46 15.14
N VAL A 536 17.53 39.23 14.63
CA VAL A 536 18.73 39.97 15.01
C VAL A 536 19.18 40.80 13.83
N ASP A 537 19.41 42.08 14.10
CA ASP A 537 19.94 43.04 13.13
C ASP A 537 21.40 43.22 13.52
N GLU A 538 22.29 42.60 12.76
CA GLU A 538 23.74 42.70 13.00
C GLU A 538 24.34 44.06 12.62
N VAL A 539 23.64 44.85 11.79
CA VAL A 539 24.12 46.16 11.36
C VAL A 539 23.91 47.15 12.50
N ARG A 540 22.66 47.26 12.93
CA ARG A 540 22.26 48.11 14.02
C ARG A 540 22.50 47.50 15.43
N ARG A 541 22.91 46.24 15.53
CA ARG A 541 23.13 45.55 16.81
C ARG A 541 21.89 45.51 17.73
N LEU A 542 20.76 45.13 17.13
CA LEU A 542 19.46 45.02 17.83
C LEU A 542 18.92 43.64 17.74
N VAL A 543 18.08 43.27 18.72
CA VAL A 543 17.31 42.07 18.68
C VAL A 543 15.82 42.33 18.90
N TYR A 544 15.01 41.87 17.94
CA TYR A 544 13.57 41.91 17.99
C TYR A 544 13.08 40.63 18.60
N PHE A 545 12.14 40.71 19.51
CA PHE A 545 11.59 39.55 20.22
C PHE A 545 10.17 39.84 20.70
N GLU A 546 9.46 38.77 21.04
CA GLU A 546 8.09 38.87 21.59
C GLU A 546 8.10 38.57 23.08
N GLY A 547 7.20 39.22 23.82
CA GLY A 547 7.13 38.95 25.25
C GLY A 547 5.90 39.44 25.97
N THR A 548 5.92 39.21 27.28
CA THR A 548 4.81 39.51 28.19
C THR A 548 5.01 40.74 29.11
N LYS A 549 5.95 41.62 28.75
CA LYS A 549 6.33 42.73 29.63
C LYS A 549 5.15 43.61 30.02
N ASP A 550 4.39 44.04 29.03
CA ASP A 550 3.22 44.89 29.28
C ASP A 550 2.06 44.20 29.99
N SER A 551 1.91 42.89 29.81
CA SER A 551 0.79 42.16 30.41
C SER A 551 0.92 40.67 30.18
N PRO A 552 0.60 39.84 31.19
CA PRO A 552 0.48 38.39 30.90
C PRO A 552 -0.69 38.01 29.97
N LEU A 553 -1.64 38.92 29.75
CA LEU A 553 -2.77 38.70 28.84
C LEU A 553 -2.55 39.09 27.37
N GLU A 554 -1.40 39.64 27.04
CA GLU A 554 -1.11 40.15 25.68
C GLU A 554 0.32 39.82 25.36
N HIS A 555 0.55 39.38 24.14
CA HIS A 555 1.89 39.23 23.58
C HIS A 555 2.19 40.49 22.76
N HIS A 556 3.42 41.02 22.88
CA HIS A 556 3.86 42.22 22.17
C HIS A 556 5.22 42.06 21.57
N LEU A 557 5.51 42.91 20.58
CA LEU A 557 6.80 42.89 19.88
C LEU A 557 7.68 43.96 20.52
N TYR A 558 8.91 43.59 20.78
CA TYR A 558 9.86 44.46 21.43
C TYR A 558 11.15 44.46 20.70
N VAL A 559 11.88 45.55 20.81
CA VAL A 559 13.25 45.64 20.35
C VAL A 559 14.16 46.21 21.44
N VAL A 560 15.41 45.75 21.43
CA VAL A 560 16.43 46.15 22.39
C VAL A 560 17.80 45.94 21.73
N SER A 561 18.78 46.69 22.17
CA SER A 561 20.18 46.49 21.75
C SER A 561 20.77 45.29 22.47
N TYR A 562 21.49 44.44 21.73
CA TYR A 562 22.26 43.36 22.35
C TYR A 562 23.66 43.77 22.84
N VAL A 563 24.20 44.86 22.30
CA VAL A 563 25.55 45.29 22.66
C VAL A 563 25.57 46.07 23.97
N ASN A 564 24.60 46.97 24.16
CA ASN A 564 24.59 47.78 25.36
C ASN A 564 23.19 47.87 25.94
N PRO A 565 22.64 46.74 26.38
CA PRO A 565 21.19 46.63 26.60
C PRO A 565 20.67 47.57 27.67
N GLY A 566 19.54 48.22 27.40
CA GLY A 566 18.81 48.99 28.40
C GLY A 566 17.30 49.02 28.27
N GLU A 567 16.76 50.18 27.90
CA GLU A 567 15.31 50.38 27.66
C GLU A 567 14.87 49.41 26.52
N VAL A 568 13.90 48.57 26.86
CA VAL A 568 13.14 47.75 25.90
C VAL A 568 12.01 48.61 25.30
N THR A 569 11.98 48.71 23.98
CA THR A 569 10.97 49.47 23.21
C THR A 569 9.86 48.52 22.70
N ARG A 570 8.62 48.79 23.12
CA ARG A 570 7.44 48.09 22.59
C ARG A 570 7.06 48.68 21.25
N LEU A 571 6.95 47.81 20.25
CA LEU A 571 6.58 48.19 18.91
C LEU A 571 5.10 47.96 18.60
N THR A 572 4.42 47.03 19.26
CA THR A 572 3.01 46.81 18.99
C THR A 572 2.11 47.63 19.91
N ASP A 573 0.87 47.81 19.49
CA ASP A 573 -0.08 48.64 20.23
C ASP A 573 -0.78 47.89 21.32
N ARG A 574 -0.95 48.52 22.47
CA ARG A 574 -1.68 47.95 23.61
C ARG A 574 -3.15 47.75 23.23
N GLY A 575 -3.82 46.86 23.97
CA GLY A 575 -5.24 46.52 23.76
C GLY A 575 -5.53 45.37 22.83
N TYR A 576 -4.47 44.74 22.32
CA TYR A 576 -4.52 43.57 21.45
C TYR A 576 -3.33 42.67 21.83
N SER A 577 -3.49 41.35 21.68
CA SER A 577 -2.36 40.39 21.72
C SER A 577 -1.88 40.19 20.26
N HIS A 578 -0.57 40.03 20.08
CA HIS A 578 0.08 40.09 18.79
C HIS A 578 0.94 38.85 18.58
N SER A 579 0.99 38.46 17.32
CA SER A 579 1.85 37.44 16.83
C SER A 579 2.54 38.01 15.60
N CYS A 580 3.87 38.07 15.66
CA CYS A 580 4.62 38.89 14.74
C CYS A 580 5.69 38.13 14.01
N CYS A 581 6.00 38.67 12.85
CA CYS A 581 7.03 38.19 11.97
C CYS A 581 7.84 39.44 11.59
N ILE A 582 9.16 39.40 11.75
CA ILE A 582 10.04 40.53 11.36
C ILE A 582 10.73 40.17 10.04
N SER A 583 10.75 41.12 9.09
CA SER A 583 11.50 40.95 7.82
C SER A 583 12.96 40.64 8.10
N GLN A 584 13.57 39.76 7.29
CA GLN A 584 15.03 39.47 7.36
C GLN A 584 15.89 40.74 7.23
N HIS A 585 15.35 41.72 6.49
CA HIS A 585 15.98 43.02 6.30
C HIS A 585 15.79 44.00 7.48
N CYS A 586 14.94 43.66 8.46
CA CYS A 586 14.70 44.44 9.67
C CYS A 586 14.15 45.85 9.48
N ASP A 587 13.50 46.08 8.35
CA ASP A 587 12.87 47.37 8.02
C ASP A 587 11.33 47.29 7.98
N PHE A 588 10.76 46.13 8.34
CA PHE A 588 9.32 45.88 8.37
C PHE A 588 9.02 44.79 9.37
N PHE A 589 7.78 44.78 9.85
CA PHE A 589 7.23 43.63 10.51
C PHE A 589 5.74 43.53 10.24
N ILE A 590 5.24 42.31 10.45
CA ILE A 590 3.85 41.96 10.31
C ILE A 590 3.34 41.50 11.66
N SER A 591 2.14 41.94 12.00
CA SER A 591 1.45 41.49 13.18
C SER A 591 0.14 40.90 12.78
N LYS A 592 -0.10 39.67 13.25
CA LYS A 592 -1.42 39.10 13.35
C LYS A 592 -1.90 39.36 14.77
N TYR A 593 -3.03 40.06 14.90
CA TYR A 593 -3.48 40.56 16.19
C TYR A 593 -5.00 40.52 16.34
N SER A 594 -5.44 40.33 17.57
CA SER A 594 -6.87 40.28 17.92
C SER A 594 -7.03 40.72 19.36
N ASN A 595 -8.28 40.89 19.74
CA ASN A 595 -8.64 40.95 21.14
C ASN A 595 -9.97 40.26 21.34
N GLN A 596 -10.39 40.25 22.58
CA GLN A 596 -11.61 39.61 23.00
C GLN A 596 -12.84 40.07 22.16
N LYS A 597 -12.92 41.35 21.84
CA LYS A 597 -14.02 41.93 21.03
C LYS A 597 -13.86 41.80 19.49
N ASN A 598 -12.62 41.67 18.98
CA ASN A 598 -12.31 41.80 17.54
C ASN A 598 -11.59 40.61 16.96
N PRO A 599 -12.10 40.05 15.85
CA PRO A 599 -11.33 38.96 15.21
C PRO A 599 -10.00 39.38 14.65
N HIS A 600 -9.17 38.38 14.40
CA HIS A 600 -7.81 38.56 13.93
C HIS A 600 -7.70 39.44 12.67
N CYS A 601 -6.76 40.41 12.69
CA CYS A 601 -6.32 41.20 11.55
C CYS A 601 -4.89 40.85 11.29
N VAL A 602 -4.45 41.09 10.07
CA VAL A 602 -3.03 41.04 9.76
C VAL A 602 -2.64 42.33 9.10
N SER A 603 -1.65 43.01 9.67
CA SER A 603 -1.22 44.32 9.18
C SER A 603 0.30 44.36 9.07
N LEU A 604 0.75 45.22 8.15
CA LEU A 604 2.15 45.43 7.83
C LEU A 604 2.58 46.79 8.37
N TYR A 605 3.71 46.81 9.08
CA TYR A 605 4.25 48.04 9.68
C TYR A 605 5.69 48.26 9.20
N LYS A 606 6.00 49.49 8.79
CA LYS A 606 7.36 49.89 8.39
C LYS A 606 8.14 50.35 9.63
N LEU A 607 9.38 49.88 9.73
CA LEU A 607 10.34 50.27 10.76
C LEU A 607 11.36 51.30 10.24
N SER A 608 11.52 52.40 10.97
CA SER A 608 12.65 53.32 10.76
C SER A 608 13.23 53.76 12.09
N SER A 609 14.43 54.31 11.98
CA SER A 609 15.09 55.00 13.08
C SER A 609 15.44 56.42 12.63
N PRO A 610 15.43 57.39 13.57
CA PRO A 610 16.00 58.72 13.23
C PRO A 610 17.51 58.70 12.86
N GLU A 611 17.96 59.61 12.00
CA GLU A 611 19.39 59.62 11.54
C GLU A 611 20.39 59.63 12.73
N ASP A 612 20.08 60.40 13.77
CA ASP A 612 20.91 60.47 14.97
C ASP A 612 21.03 59.22 15.85
N ASP A 613 20.15 58.22 15.74
CA ASP A 613 20.18 57.09 16.71
C ASP A 613 19.54 55.81 16.13
N PRO A 614 20.37 54.91 15.56
CA PRO A 614 19.83 53.65 15.04
C PRO A 614 19.19 52.68 16.05
N THR A 615 19.51 52.78 17.34
CA THR A 615 18.79 52.07 18.44
C THR A 615 17.33 52.44 18.59
N CYS A 616 17.01 53.71 18.29
CA CYS A 616 15.67 54.24 18.57
C CYS A 616 14.82 53.82 17.38
N LYS A 617 13.89 52.90 17.61
CA LYS A 617 13.08 52.33 16.53
C LYS A 617 11.68 52.88 16.63
N THR A 618 11.19 53.32 15.48
CA THR A 618 9.81 53.74 15.30
C THR A 618 9.14 52.88 14.24
N LYS A 619 7.83 52.97 14.30
CA LYS A 619 6.93 52.16 13.56
C LYS A 619 5.91 53.09 12.86
N GLU A 620 5.59 52.79 11.61
CA GLU A 620 4.46 53.39 10.90
C GLU A 620 3.59 52.30 10.23
N PHE A 621 2.26 52.40 10.35
CA PHE A 621 1.34 51.52 9.60
C PHE A 621 1.60 51.71 8.10
N TRP A 622 1.72 50.59 7.38
CA TRP A 622 1.96 50.55 5.93
C TRP A 622 0.76 50.04 5.11
N ALA A 623 0.26 48.85 5.47
CA ALA A 623 -0.85 48.23 4.75
C ALA A 623 -1.55 47.15 5.51
N THR A 624 -2.82 46.95 5.20
CA THR A 624 -3.56 45.76 5.64
C THR A 624 -3.30 44.57 4.69
N ILE A 625 -3.01 43.42 5.29
CA ILE A 625 -2.92 42.15 4.60
C ILE A 625 -4.26 41.42 4.69
N LEU A 626 -4.84 41.34 5.89
CA LEU A 626 -6.13 40.74 6.13
C LEU A 626 -6.91 41.62 7.10
N ASP A 627 -8.06 42.11 6.63
CA ASP A 627 -9.02 42.83 7.45
C ASP A 627 -9.89 41.80 8.17
N SER A 628 -10.33 42.10 9.39
CA SER A 628 -11.14 41.16 10.16
C SER A 628 -12.57 41.23 9.70
N ALA A 629 -13.38 40.28 10.15
CA ALA A 629 -14.80 40.19 9.77
C ALA A 629 -15.74 41.21 10.44
N GLY A 630 -15.19 42.25 11.10
CA GLY A 630 -15.89 42.98 12.16
C GLY A 630 -16.22 42.06 13.32
N PRO A 631 -16.85 42.59 14.39
CA PRO A 631 -17.51 41.70 15.35
C PRO A 631 -18.64 40.79 14.74
N LEU A 632 -18.58 39.50 15.06
CA LEU A 632 -19.61 38.51 14.69
C LEU A 632 -20.96 38.87 15.32
N PRO A 633 -22.07 38.71 14.58
CA PRO A 633 -23.35 39.26 15.07
C PRO A 633 -24.03 38.46 16.21
N ASP A 634 -23.91 37.12 16.20
CA ASP A 634 -24.55 36.27 17.21
C ASP A 634 -23.47 35.74 18.16
N TYR A 635 -22.69 36.68 18.73
CA TYR A 635 -21.57 36.41 19.68
C TYR A 635 -21.37 37.55 20.69
N THR A 636 -21.48 37.25 21.99
CA THR A 636 -21.02 38.14 23.07
C THR A 636 -19.79 37.51 23.74
N PRO A 637 -18.66 38.25 23.77
CA PRO A 637 -17.47 37.73 24.42
C PRO A 637 -17.54 37.67 25.94
N PRO A 638 -16.64 36.92 26.55
CA PRO A 638 -16.57 36.91 28.00
C PRO A 638 -15.85 38.17 28.57
N GLU A 639 -16.07 38.46 29.85
CA GLU A 639 -15.25 39.42 30.63
C GLU A 639 -14.04 38.68 31.18
N ILE A 640 -12.86 39.27 31.02
CA ILE A 640 -11.67 38.81 31.76
C ILE A 640 -11.75 39.37 33.17
N PHE A 641 -11.56 38.50 34.15
CA PHE A 641 -11.43 38.89 35.55
C PHE A 641 -10.14 38.33 36.12
N SER A 642 -9.83 38.81 37.31
CA SER A 642 -8.72 38.35 38.12
C SER A 642 -9.07 38.38 39.62
N PHE A 643 -8.36 37.57 40.39
CA PHE A 643 -8.49 37.51 41.84
C PHE A 643 -7.15 37.18 42.50
N GLU A 644 -6.97 37.72 43.70
CA GLU A 644 -5.78 37.47 44.48
C GLU A 644 -6.00 36.18 45.22
N SER A 645 -5.19 35.19 44.89
CA SER A 645 -5.28 33.87 45.48
C SER A 645 -4.52 33.85 46.78
N THR A 646 -5.04 33.03 47.71
CA THR A 646 -4.34 32.65 48.96
C THR A 646 -2.93 32.06 48.73
N THR A 647 -2.72 31.50 47.55
CA THR A 647 -1.45 30.99 47.09
C THR A 647 -0.38 32.06 46.81
N GLY A 648 -0.75 33.35 46.83
CA GLY A 648 0.18 34.45 46.58
C GLY A 648 0.24 34.95 45.15
N PHE A 649 -0.49 34.32 44.25
CA PHE A 649 -0.55 34.75 42.86
C PHE A 649 -1.88 35.41 42.52
N THR A 650 -1.81 36.38 41.61
CA THR A 650 -2.98 36.84 40.87
C THR A 650 -3.32 35.73 39.87
N LEU A 651 -4.58 35.30 39.83
CA LEU A 651 -5.04 34.32 38.83
C LEU A 651 -6.11 34.95 37.98
N TYR A 652 -6.06 34.66 36.68
CA TYR A 652 -7.00 35.25 35.70
C TYR A 652 -8.04 34.27 35.23
N GLY A 653 -9.20 34.80 34.85
CA GLY A 653 -10.27 34.01 34.29
C GLY A 653 -11.12 34.74 33.27
N MET A 654 -12.03 34.00 32.65
CA MET A 654 -13.00 34.54 31.70
C MET A 654 -14.36 34.14 32.20
N LEU A 655 -15.30 35.08 32.16
CA LEU A 655 -16.68 34.85 32.61
C LEU A 655 -17.60 35.16 31.45
N TYR A 656 -18.37 34.16 31.03
CA TYR A 656 -19.46 34.37 30.08
C TYR A 656 -20.73 34.42 30.92
N LYS A 657 -21.32 35.60 31.01
CA LYS A 657 -22.59 35.77 31.69
C LYS A 657 -23.69 35.20 30.82
N PRO A 658 -24.77 34.65 31.41
CA PRO A 658 -25.95 34.28 30.64
C PRO A 658 -26.55 35.46 29.90
N HIS A 659 -27.04 35.18 28.70
CA HIS A 659 -27.66 36.19 27.83
C HIS A 659 -29.08 36.39 28.38
N ASP A 660 -29.63 37.60 28.22
CA ASP A 660 -30.93 37.98 28.85
C ASP A 660 -31.01 37.49 30.29
N LEU A 661 -30.03 37.97 31.05
CA LEU A 661 -29.89 37.70 32.48
C LEU A 661 -31.05 38.33 33.26
N GLN A 662 -31.94 37.48 33.75
CA GLN A 662 -33.09 37.94 34.53
C GLN A 662 -32.64 38.24 35.96
N PRO A 663 -33.13 39.37 36.55
CA PRO A 663 -32.73 39.70 37.91
C PRO A 663 -33.46 38.81 38.93
N GLY A 664 -32.79 38.56 40.05
CA GLY A 664 -33.28 37.63 41.06
C GLY A 664 -33.29 36.14 40.70
N LYS A 665 -32.61 35.72 39.63
CA LYS A 665 -32.47 34.28 39.30
C LYS A 665 -31.02 33.84 39.47
N LYS A 666 -30.83 32.55 39.75
CA LYS A 666 -29.51 31.92 39.83
C LYS A 666 -29.47 30.76 38.83
N TYR A 667 -28.33 30.66 38.16
CA TYR A 667 -28.20 29.96 36.89
C TYR A 667 -27.20 28.80 37.00
N PRO A 668 -27.41 27.71 36.23
CA PRO A 668 -26.42 26.63 36.24
C PRO A 668 -25.13 27.09 35.61
N THR A 669 -24.04 26.49 36.03
CA THR A 669 -22.71 27.00 35.74
C THR A 669 -21.84 25.88 35.18
N VAL A 670 -21.06 26.17 34.14
CA VAL A 670 -20.19 25.18 33.53
C VAL A 670 -18.81 25.77 33.54
N LEU A 671 -17.87 25.01 34.09
CA LEU A 671 -16.50 25.35 34.14
C LEU A 671 -15.83 24.55 33.01
N PHE A 672 -15.35 25.26 32.00
CA PHE A 672 -14.49 24.67 30.98
C PHE A 672 -13.04 24.82 31.47
N ILE A 673 -12.28 23.74 31.35
CA ILE A 673 -10.95 23.61 31.93
C ILE A 673 -9.98 22.86 31.01
N TYR A 674 -8.74 23.34 30.97
CA TYR A 674 -7.60 22.59 30.54
C TYR A 674 -6.67 22.42 31.75
N GLY A 675 -6.00 23.50 32.18
CA GLY A 675 -5.27 23.53 33.45
C GLY A 675 -3.92 22.87 33.56
N GLY A 676 -3.36 22.40 32.46
CA GLY A 676 -2.08 21.74 32.42
C GLY A 676 -0.97 22.65 31.91
N PRO A 677 0.29 22.16 31.92
CA PRO A 677 1.41 22.95 31.42
C PRO A 677 1.39 23.25 29.91
N GLN A 678 2.21 24.23 29.53
CA GLN A 678 2.42 24.70 28.18
C GLN A 678 1.24 25.49 27.53
N VAL A 679 0.16 25.78 28.28
CA VAL A 679 -1.10 26.36 27.77
C VAL A 679 -1.64 27.48 28.70
N GLN A 680 -2.19 28.53 28.08
CA GLN A 680 -2.92 29.59 28.74
C GLN A 680 -4.23 29.79 27.95
N LEU A 681 -5.38 29.56 28.58
CA LEU A 681 -6.69 29.85 28.01
C LEU A 681 -7.13 31.31 28.12
N VAL A 682 -6.72 31.99 29.19
CA VAL A 682 -7.24 33.30 29.53
C VAL A 682 -6.21 34.33 29.09
N ASN A 683 -6.58 35.08 28.09
CA ASN A 683 -5.78 36.18 27.57
C ASN A 683 -6.65 37.00 26.65
N ASN A 684 -6.12 38.11 26.18
CA ASN A 684 -6.88 39.07 25.40
C ASN A 684 -6.73 38.77 23.91
N ARG A 685 -7.32 37.65 23.49
N ARG A 685 -7.32 37.65 23.49
CA ARG A 685 -7.39 37.21 22.10
CA ARG A 685 -7.39 37.20 22.11
C ARG A 685 -8.86 36.91 21.77
C ARG A 685 -8.86 36.91 21.77
N PHE A 686 -9.20 36.96 20.49
CA PHE A 686 -10.53 36.57 20.05
C PHE A 686 -10.76 35.09 20.27
N LYS A 687 -11.83 34.79 21.02
CA LYS A 687 -12.25 33.43 21.34
C LYS A 687 -13.52 32.99 20.61
N GLY A 688 -14.13 33.87 19.83
CA GLY A 688 -15.36 33.55 19.10
C GLY A 688 -15.34 32.52 17.98
N VAL A 689 -14.16 32.04 17.60
CA VAL A 689 -14.00 30.91 16.71
C VAL A 689 -13.76 29.68 17.54
N LYS A 690 -12.59 29.59 18.16
CA LYS A 690 -12.14 28.37 18.84
C LYS A 690 -13.10 27.97 19.98
N TYR A 691 -13.62 28.95 20.76
CA TYR A 691 -14.46 28.73 21.95
C TYR A 691 -15.88 29.31 21.75
N PHE A 692 -16.38 29.27 20.50
CA PHE A 692 -17.72 29.77 20.14
C PHE A 692 -18.85 29.13 20.94
N ARG A 693 -18.76 27.82 21.17
CA ARG A 693 -19.78 27.08 21.91
C ARG A 693 -19.90 27.42 23.39
N LEU A 694 -18.87 28.03 23.98
CA LEU A 694 -19.00 28.62 25.32
C LEU A 694 -20.04 29.74 25.28
N ASN A 695 -19.99 30.55 24.23
CA ASN A 695 -21.02 31.56 23.98
C ASN A 695 -22.40 30.93 23.74
N THR A 696 -22.45 29.81 23.01
CA THR A 696 -23.71 29.05 22.81
C THR A 696 -24.32 28.63 24.13
N LEU A 697 -23.49 28.08 25.00
CA LEU A 697 -23.95 27.74 26.36
C LEU A 697 -24.50 28.92 27.14
N ALA A 698 -23.78 30.03 27.10
CA ALA A 698 -24.28 31.28 27.67
C ALA A 698 -25.62 31.67 27.11
N SER A 699 -25.82 31.53 25.81
CA SER A 699 -27.09 31.84 25.17
C SER A 699 -28.26 30.97 25.66
N LEU A 700 -27.98 29.73 26.05
CA LEU A 700 -28.98 28.83 26.66
C LEU A 700 -29.28 29.07 28.14
N GLY A 701 -28.43 29.85 28.79
CA GLY A 701 -28.57 30.22 30.20
C GLY A 701 -27.60 29.54 31.15
N TYR A 702 -26.48 28.98 30.66
CA TYR A 702 -25.40 28.56 31.54
C TYR A 702 -24.44 29.72 31.77
N VAL A 703 -23.98 29.86 33.01
CA VAL A 703 -22.84 30.70 33.30
C VAL A 703 -21.64 29.88 32.86
N VAL A 704 -20.70 30.50 32.15
CA VAL A 704 -19.47 29.78 31.77
C VAL A 704 -18.24 30.46 32.34
N VAL A 705 -17.38 29.61 32.90
CA VAL A 705 -16.18 30.04 33.62
C VAL A 705 -14.97 29.29 33.09
N VAL A 706 -13.87 30.03 32.90
CA VAL A 706 -12.55 29.48 32.57
C VAL A 706 -11.55 30.23 33.46
N ILE A 707 -10.62 29.48 34.05
CA ILE A 707 -9.60 29.99 34.96
C ILE A 707 -8.27 29.31 34.63
N ASP A 708 -7.20 30.10 34.56
CA ASP A 708 -5.83 29.55 34.43
C ASP A 708 -5.26 29.42 35.84
N ASN A 709 -5.36 28.20 36.34
CA ASN A 709 -4.67 27.79 37.55
C ASN A 709 -3.14 27.78 37.46
N ARG A 710 -2.51 27.63 38.62
CA ARG A 710 -1.06 27.44 38.70
C ARG A 710 -0.62 26.23 37.89
N GLY A 711 0.54 26.33 37.25
CA GLY A 711 0.98 25.34 36.26
C GLY A 711 0.82 25.77 34.82
N SER A 712 -0.15 26.66 34.58
CA SER A 712 -0.36 27.22 33.27
C SER A 712 0.79 28.16 32.86
N CYS A 713 0.76 28.52 31.61
CA CYS A 713 1.85 29.12 30.85
C CYS A 713 1.88 30.68 31.00
N HIS A 714 3.00 31.28 30.60
CA HIS A 714 3.19 32.73 30.50
C HIS A 714 3.24 33.50 31.83
N ARG A 715 3.51 32.79 32.92
CA ARG A 715 3.63 33.41 34.23
C ARG A 715 4.97 33.19 34.93
N GLY A 716 5.92 32.59 34.20
CA GLY A 716 7.26 32.27 34.68
C GLY A 716 7.38 30.86 35.21
N LEU A 717 8.62 30.46 35.46
CA LEU A 717 8.92 29.10 35.88
C LEU A 717 8.43 28.73 37.28
N LYS A 718 8.38 29.69 38.21
CA LYS A 718 7.93 29.40 39.58
C LYS A 718 6.46 29.09 39.60
N PHE A 719 5.67 29.91 38.91
CA PHE A 719 4.25 29.69 38.69
C PHE A 719 3.98 28.32 38.07
N GLU A 720 4.70 28.04 37.00
CA GLU A 720 4.56 26.77 36.26
C GLU A 720 4.94 25.60 37.18
N GLY A 721 6.01 25.79 37.95
CA GLY A 721 6.56 24.76 38.81
C GLY A 721 5.74 24.34 40.01
N ALA A 722 4.68 25.07 40.33
CA ALA A 722 3.74 24.73 41.40
C ALA A 722 3.31 23.28 41.52
N PHE A 723 3.12 22.61 40.38
CA PHE A 723 2.74 21.18 40.39
C PHE A 723 3.85 20.15 40.15
N LYS A 724 5.14 20.56 40.16
CA LYS A 724 6.22 19.55 40.02
C LYS A 724 6.03 18.43 41.03
N TYR A 725 6.03 17.20 40.53
CA TYR A 725 5.76 15.99 41.30
C TYR A 725 4.33 15.82 41.80
N LYS A 726 3.47 16.83 41.69
CA LYS A 726 2.24 16.93 42.46
C LYS A 726 1.06 17.13 41.48
N MET A 727 1.16 16.62 40.25
CA MET A 727 0.08 16.85 39.28
C MET A 727 -1.27 16.31 39.78
N GLY A 728 -2.32 17.09 39.53
CA GLY A 728 -3.67 16.80 40.06
C GLY A 728 -3.99 17.23 41.48
N GLN A 729 -2.96 17.57 42.25
CA GLN A 729 -3.16 17.89 43.63
C GLN A 729 -3.52 19.37 43.93
N ILE A 730 -3.22 20.29 43.02
CA ILE A 730 -3.36 21.74 43.26
C ILE A 730 -4.38 22.45 42.40
N GLU A 731 -4.70 21.90 41.24
CA GLU A 731 -5.29 22.70 40.16
C GLU A 731 -6.73 23.00 40.50
N ILE A 732 -7.42 22.01 41.07
CA ILE A 732 -8.83 22.17 41.43
C ILE A 732 -9.01 23.17 42.59
N ASP A 733 -8.09 23.20 43.55
CA ASP A 733 -8.17 24.24 44.60
C ASP A 733 -8.22 25.67 44.01
N ASP A 734 -7.43 25.91 42.98
CA ASP A 734 -7.44 27.21 42.31
C ASP A 734 -8.77 27.46 41.56
N GLN A 735 -9.24 26.43 40.86
CA GLN A 735 -10.50 26.48 40.12
C GLN A 735 -11.67 26.81 41.02
N VAL A 736 -11.74 26.12 42.14
CA VAL A 736 -12.78 26.37 43.16
C VAL A 736 -12.65 27.74 43.81
N GLU A 737 -11.43 28.17 44.10
CA GLU A 737 -11.20 29.48 44.69
C GLU A 737 -11.75 30.59 43.78
N GLY A 738 -11.44 30.48 42.47
CA GLY A 738 -11.99 31.42 41.46
C GLY A 738 -13.49 31.38 41.38
N LEU A 739 -14.01 30.18 41.41
CA LEU A 739 -15.44 29.95 41.38
C LEU A 739 -16.14 30.58 42.56
N GLN A 740 -15.57 30.38 43.75
CA GLN A 740 -16.10 30.98 44.97
C GLN A 740 -15.96 32.50 45.00
N TYR A 741 -14.85 33.03 44.48
CA TYR A 741 -14.70 34.48 44.27
C TYR A 741 -15.85 35.06 43.47
N LEU A 742 -16.09 34.45 42.31
CA LEU A 742 -17.18 34.90 41.43
C LEU A 742 -18.56 34.81 42.08
N ALA A 743 -18.82 33.71 42.79
CA ALA A 743 -20.12 33.47 43.38
C ALA A 743 -20.46 34.45 44.50
N SER A 744 -19.47 34.88 45.29
CA SER A 744 -19.67 35.97 46.27
C SER A 744 -19.95 37.34 45.60
N ARG A 745 -19.28 37.59 44.47
CA ARG A 745 -19.44 38.82 43.68
C ARG A 745 -20.75 38.87 42.82
N TYR A 746 -21.24 37.69 42.39
CA TYR A 746 -22.37 37.57 41.45
C TYR A 746 -23.34 36.52 41.96
N ASP A 747 -24.47 36.98 42.51
CA ASP A 747 -25.49 36.07 43.03
C ASP A 747 -26.20 35.23 41.95
N PHE A 748 -26.06 35.58 40.66
CA PHE A 748 -26.57 34.71 39.57
C PHE A 748 -25.90 33.34 39.35
N ILE A 749 -24.79 33.04 40.02
CA ILE A 749 -24.16 31.72 39.94
C ILE A 749 -24.81 30.79 40.94
N ASP A 750 -25.51 29.74 40.50
CA ASP A 750 -26.06 28.67 41.38
C ASP A 750 -24.93 27.68 41.61
N LEU A 751 -24.33 27.73 42.80
CA LEU A 751 -23.26 26.80 43.18
C LEU A 751 -23.70 25.37 43.41
N ASP A 752 -25.00 25.13 43.60
CA ASP A 752 -25.53 23.74 43.62
C ASP A 752 -25.52 23.02 42.25
N ARG A 753 -25.38 23.78 41.15
CA ARG A 753 -25.46 23.25 39.80
C ARG A 753 -24.26 23.70 38.95
N VAL A 754 -23.09 23.18 39.33
CA VAL A 754 -21.83 23.43 38.63
C VAL A 754 -21.38 22.17 37.93
N GLY A 755 -21.02 22.32 36.67
CA GLY A 755 -20.46 21.24 35.84
C GLY A 755 -19.06 21.59 35.44
N ILE A 756 -18.29 20.57 35.10
CA ILE A 756 -16.93 20.75 34.65
C ILE A 756 -16.66 19.89 33.41
N HIS A 757 -15.83 20.39 32.52
CA HIS A 757 -15.57 19.78 31.23
C HIS A 757 -14.24 20.20 30.66
N GLY A 758 -13.51 19.22 30.15
CA GLY A 758 -12.28 19.48 29.47
C GLY A 758 -11.83 18.27 28.69
N TRP A 759 -10.80 18.48 27.88
N TRP A 759 -10.80 18.47 27.89
CA TRP A 759 -10.24 17.47 26.99
CA TRP A 759 -10.24 17.47 27.00
C TRP A 759 -8.78 17.30 27.37
C TRP A 759 -8.78 17.31 27.36
N SER A 760 -8.33 16.04 27.42
CA SER A 760 -6.95 15.65 27.67
C SER A 760 -6.55 15.99 29.11
N TYR A 761 -5.66 16.97 29.35
CA TYR A 761 -5.40 17.40 30.73
C TYR A 761 -6.70 17.91 31.38
N GLY A 762 -7.50 18.58 30.56
CA GLY A 762 -8.84 19.01 30.94
C GLY A 762 -9.80 17.92 31.33
N GLY A 763 -9.66 16.76 30.69
CA GLY A 763 -10.46 15.59 31.01
C GLY A 763 -9.99 14.99 32.33
N TYR A 764 -8.67 14.90 32.44
CA TYR A 764 -7.98 14.51 33.67
C TYR A 764 -8.48 15.33 34.88
N LEU A 765 -8.37 16.63 34.76
CA LEU A 765 -8.80 17.51 35.87
C LEU A 765 -10.28 17.47 36.11
N SER A 766 -11.09 17.25 35.07
CA SER A 766 -12.55 17.13 35.26
C SER A 766 -12.87 15.95 36.14
N LEU A 767 -12.14 14.85 35.93
CA LEU A 767 -12.28 13.69 36.80
C LEU A 767 -11.78 14.01 38.23
N MET A 768 -10.63 14.70 38.35
CA MET A 768 -10.08 15.03 39.65
C MET A 768 -11.05 15.90 40.44
N ALA A 769 -11.71 16.82 39.74
CA ALA A 769 -12.72 17.68 40.35
C ALA A 769 -13.89 16.89 40.96
N LEU A 770 -14.40 15.90 40.23
CA LEU A 770 -15.49 15.09 40.73
C LEU A 770 -15.06 14.20 41.87
N MET A 771 -13.84 13.71 41.77
CA MET A 771 -13.25 12.83 42.76
C MET A 771 -12.99 13.56 44.07
N GLN A 772 -12.28 14.67 43.96
CA GLN A 772 -11.89 15.50 45.10
C GLN A 772 -13.02 16.37 45.67
N ARG A 773 -13.87 16.94 44.82
CA ARG A 773 -14.81 17.99 45.20
C ARG A 773 -16.21 17.73 44.69
N SER A 774 -16.76 16.57 45.02
CA SER A 774 -18.14 16.23 44.64
C SER A 774 -19.18 17.11 45.33
N ASP A 775 -18.83 17.70 46.46
CA ASP A 775 -19.62 18.80 47.08
C ASP A 775 -19.87 20.02 46.18
N ILE A 776 -18.93 20.32 45.28
CA ILE A 776 -18.98 21.47 44.37
C ILE A 776 -19.40 21.12 42.97
N PHE A 777 -18.80 20.08 42.39
CA PHE A 777 -19.08 19.68 41.00
C PHE A 777 -20.12 18.60 40.93
N ARG A 778 -21.26 18.97 40.34
CA ARG A 778 -22.41 18.11 40.20
C ARG A 778 -22.15 17.10 39.06
N VAL A 779 -21.66 17.56 37.92
CA VAL A 779 -21.28 16.65 36.84
C VAL A 779 -19.92 16.99 36.27
N ALA A 780 -19.24 15.95 35.80
CA ALA A 780 -17.96 16.06 35.14
C ALA A 780 -18.04 15.34 33.79
N ILE A 781 -17.49 15.97 32.77
CA ILE A 781 -17.47 15.43 31.45
C ILE A 781 -16.01 15.44 31.04
N ALA A 782 -15.41 14.26 30.99
CA ALA A 782 -14.00 14.11 30.77
C ALA A 782 -13.71 13.51 29.39
N GLY A 783 -13.11 14.32 28.54
CA GLY A 783 -12.65 13.91 27.23
C GLY A 783 -11.20 13.49 27.21
N ALA A 784 -10.92 12.34 26.58
CA ALA A 784 -9.57 11.78 26.44
C ALA A 784 -8.69 11.95 27.70
N PRO A 785 -9.23 11.55 28.86
CA PRO A 785 -8.49 11.78 30.09
C PRO A 785 -7.25 10.89 30.24
N VAL A 786 -6.16 11.44 30.77
CA VAL A 786 -5.11 10.66 31.41
C VAL A 786 -5.71 10.17 32.73
N THR A 787 -5.71 8.87 32.92
CA THR A 787 -6.09 8.22 34.14
C THR A 787 -4.97 7.44 34.83
N LEU A 788 -3.85 7.21 34.16
CA LEU A 788 -2.67 6.57 34.77
C LEU A 788 -1.44 7.20 34.16
N TRP A 789 -0.72 8.00 34.92
CA TRP A 789 0.49 8.61 34.41
C TRP A 789 1.55 7.62 33.97
N ILE A 790 1.53 6.40 34.52
CA ILE A 790 2.41 5.31 34.02
C ILE A 790 2.19 4.90 32.55
N PHE A 791 1.00 5.16 32.02
CA PHE A 791 0.70 4.95 30.56
C PHE A 791 1.10 6.08 29.64
N TYR A 792 1.37 7.25 30.21
CA TYR A 792 1.79 8.39 29.38
C TYR A 792 3.29 8.30 29.11
N ASP A 793 3.80 9.16 28.23
CA ASP A 793 5.13 8.99 27.65
C ASP A 793 6.24 9.56 28.52
N THR A 794 7.48 9.19 28.17
CA THR A 794 8.65 9.64 28.91
C THR A 794 8.80 11.16 28.94
N GLY A 795 8.84 11.78 27.78
CA GLY A 795 9.19 13.17 27.65
C GLY A 795 8.32 14.18 28.38
N TYR A 796 7.04 13.93 28.40
CA TYR A 796 6.14 14.81 29.12
C TYR A 796 6.14 14.43 30.59
N THR A 797 5.82 13.17 30.88
CA THR A 797 5.52 12.74 32.24
C THR A 797 6.71 12.91 33.20
N GLU A 798 7.89 12.47 32.78
CA GLU A 798 9.10 12.60 33.59
C GLU A 798 9.53 14.05 33.84
N ARG A 799 9.20 14.95 32.92
CA ARG A 799 9.52 16.37 33.06
C ARG A 799 8.85 16.95 34.32
N TYR A 800 7.55 16.71 34.40
CA TYR A 800 6.67 17.28 35.41
C TYR A 800 6.56 16.43 36.67
N MET A 801 6.76 15.12 36.55
CA MET A 801 6.55 14.18 37.65
C MET A 801 7.75 13.36 38.05
N GLY A 802 8.90 13.51 37.38
CA GLY A 802 10.08 12.63 37.65
C GLY A 802 9.84 11.17 37.30
N HIS A 803 10.83 10.34 37.58
CA HIS A 803 10.75 8.92 37.25
C HIS A 803 9.82 8.26 38.30
N PRO A 804 8.92 7.32 37.89
CA PRO A 804 7.90 6.81 38.86
C PRO A 804 8.40 6.09 40.11
N ASP A 805 9.53 5.43 39.99
CA ASP A 805 10.24 4.78 41.10
C ASP A 805 10.70 5.74 42.21
N GLN A 806 10.95 6.99 41.84
CA GLN A 806 11.34 8.02 42.76
C GLN A 806 10.19 8.92 43.16
N ASN A 807 8.96 8.60 42.81
CA ASN A 807 7.81 9.47 43.14
C ASN A 807 6.54 8.66 43.12
N GLU A 808 6.56 7.58 43.92
CA GLU A 808 5.42 6.69 44.00
C GLU A 808 4.13 7.38 44.44
N GLN A 809 4.24 8.22 45.47
CA GLN A 809 3.11 8.99 46.01
C GLN A 809 2.51 9.99 45.01
N GLY A 810 3.37 10.71 44.27
CA GLY A 810 2.95 11.56 43.20
C GLY A 810 2.14 10.86 42.10
N TYR A 811 2.71 9.75 41.62
CA TYR A 811 2.02 8.94 40.59
C TYR A 811 0.68 8.38 41.10
N TYR A 812 0.61 7.97 42.37
CA TYR A 812 -0.62 7.41 42.93
C TYR A 812 -1.68 8.49 43.02
N LEU A 813 -1.34 9.61 43.64
CA LEU A 813 -2.30 10.69 43.86
C LEU A 813 -2.67 11.40 42.57
N GLY A 814 -1.76 11.43 41.61
CA GLY A 814 -2.04 11.98 40.31
C GLY A 814 -2.81 11.11 39.33
N SER A 815 -3.02 9.84 39.67
CA SER A 815 -3.58 8.86 38.75
C SER A 815 -5.00 8.51 39.16
N VAL A 816 -5.95 9.00 38.36
CA VAL A 816 -7.38 8.87 38.61
C VAL A 816 -7.80 7.41 38.82
N ALA A 817 -7.29 6.52 37.99
CA ALA A 817 -7.68 5.11 37.97
C ALA A 817 -7.23 4.32 39.18
N MET A 818 -6.17 4.77 39.85
CA MET A 818 -5.81 4.17 41.13
C MET A 818 -6.74 4.58 42.29
N GLN A 819 -7.68 5.51 42.06
CA GLN A 819 -8.52 6.09 43.12
C GLN A 819 -10.02 5.98 42.81
N ALA A 820 -10.41 4.91 42.12
CA ALA A 820 -11.76 4.78 41.58
C ALA A 820 -12.84 4.75 42.63
N GLU A 821 -12.55 4.18 43.79
CA GLU A 821 -13.43 4.25 45.00
C GLU A 821 -13.94 5.66 45.38
N LYS A 822 -13.16 6.70 45.05
CA LYS A 822 -13.51 8.11 45.30
C LYS A 822 -14.54 8.71 44.34
N PHE A 823 -14.92 8.00 43.27
CA PHE A 823 -16.00 8.48 42.39
C PHE A 823 -17.37 8.40 43.09
N PRO A 824 -18.39 9.12 42.56
CA PRO A 824 -19.72 9.03 43.16
C PRO A 824 -20.40 7.70 42.93
N SER A 825 -21.25 7.34 43.88
CA SER A 825 -22.21 6.24 43.75
C SER A 825 -23.58 6.71 43.23
N GLU A 826 -23.63 7.85 42.55
CA GLU A 826 -24.82 8.36 41.95
C GLU A 826 -24.54 8.42 40.46
N PRO A 827 -25.49 7.94 39.65
CA PRO A 827 -25.32 8.06 38.20
C PRO A 827 -25.63 9.47 37.71
N ASN A 828 -25.39 9.71 36.43
CA ASN A 828 -25.69 11.01 35.78
C ASN A 828 -24.80 12.15 36.26
N ARG A 829 -23.60 11.78 36.72
CA ARG A 829 -22.58 12.71 37.13
C ARG A 829 -21.27 12.57 36.36
N LEU A 830 -20.95 11.38 35.88
CA LEU A 830 -19.72 11.14 35.17
C LEU A 830 -19.99 10.71 33.75
N LEU A 831 -19.39 11.43 32.81
CA LEU A 831 -19.45 11.14 31.39
C LEU A 831 -18.03 11.14 30.84
N LEU A 832 -17.66 10.02 30.23
CA LEU A 832 -16.36 9.84 29.60
C LEU A 832 -16.50 9.88 28.08
N LEU A 833 -15.60 10.61 27.42
CA LEU A 833 -15.57 10.78 25.98
C LEU A 833 -14.19 10.43 25.51
N HIS A 834 -14.06 9.73 24.39
CA HIS A 834 -12.72 9.36 23.91
C HIS A 834 -12.72 9.02 22.44
N GLY A 835 -11.71 9.49 21.72
CA GLY A 835 -11.42 9.01 20.38
C GLY A 835 -10.84 7.61 20.45
N PHE A 836 -11.47 6.65 19.81
CA PHE A 836 -11.10 5.24 19.92
C PHE A 836 -9.71 4.89 19.40
N LEU A 837 -9.25 5.70 18.46
CA LEU A 837 -8.00 5.50 17.76
C LEU A 837 -6.87 6.38 18.26
N ASP A 838 -7.06 7.04 19.42
CA ASP A 838 -6.11 7.98 19.97
C ASP A 838 -4.81 7.21 20.29
N GLU A 839 -3.72 7.61 19.62
CA GLU A 839 -2.35 7.05 19.81
C GLU A 839 -1.47 7.87 20.76
N ASN A 840 -2.01 9.00 21.20
CA ASN A 840 -1.39 9.89 22.12
C ASN A 840 -1.84 9.51 23.56
N VAL A 841 -3.10 9.82 23.88
CA VAL A 841 -3.76 9.33 25.10
C VAL A 841 -4.55 8.08 24.70
N HIS A 842 -3.93 6.89 24.84
N HIS A 842 -3.95 6.90 24.88
CA HIS A 842 -4.53 5.59 24.44
CA HIS A 842 -4.55 5.65 24.44
C HIS A 842 -5.90 5.42 25.08
C HIS A 842 -5.91 5.42 25.09
N PHE A 843 -6.80 4.74 24.36
CA PHE A 843 -8.13 4.43 24.85
C PHE A 843 -8.10 3.63 26.19
N ALA A 844 -7.03 2.89 26.38
CA ALA A 844 -6.72 2.16 27.56
C ALA A 844 -6.82 2.99 28.86
N HIS A 845 -6.47 4.29 28.82
CA HIS A 845 -6.74 5.21 29.93
C HIS A 845 -8.20 5.11 30.34
N THR A 846 -9.09 5.19 29.36
CA THR A 846 -10.51 5.02 29.63
C THR A 846 -10.88 3.58 30.00
N SER A 847 -10.37 2.61 29.26
CA SER A 847 -10.81 1.23 29.49
C SER A 847 -10.37 0.72 30.87
N ILE A 848 -9.14 1.05 31.27
CA ILE A 848 -8.63 0.71 32.61
C ILE A 848 -9.42 1.44 33.73
N LEU A 849 -9.77 2.70 33.50
CA LEU A 849 -10.62 3.43 34.45
C LEU A 849 -11.94 2.69 34.63
N LEU A 850 -12.56 2.32 33.53
CA LEU A 850 -13.82 1.57 33.57
C LEU A 850 -13.64 0.24 34.24
N SER A 851 -12.50 -0.41 34.00
CA SER A 851 -12.17 -1.64 34.71
C SER A 851 -12.31 -1.47 36.23
N PHE A 852 -11.75 -0.39 36.76
CA PHE A 852 -11.80 -0.09 38.20
C PHE A 852 -13.14 0.43 38.67
N LEU A 853 -13.79 1.24 37.84
CA LEU A 853 -15.16 1.68 38.15
C LEU A 853 -16.12 0.51 38.27
N VAL A 854 -16.00 -0.45 37.37
CA VAL A 854 -16.82 -1.66 37.40
C VAL A 854 -16.54 -2.47 38.65
N ARG A 855 -15.25 -2.73 38.90
CA ARG A 855 -14.80 -3.43 40.11
C ARG A 855 -15.33 -2.76 41.39
N ALA A 856 -15.31 -1.43 41.43
CA ALA A 856 -15.84 -0.65 42.56
C ALA A 856 -17.37 -0.44 42.61
N GLY A 857 -18.13 -0.97 41.64
CA GLY A 857 -19.58 -0.74 41.60
C GLY A 857 -20.08 0.68 41.30
N LYS A 858 -19.31 1.49 40.56
CA LYS A 858 -19.68 2.90 40.31
C LYS A 858 -20.30 3.06 38.93
N PRO A 859 -21.32 3.92 38.81
CA PRO A 859 -21.88 4.20 37.51
C PRO A 859 -21.06 5.20 36.72
N TYR A 860 -21.18 5.07 35.41
CA TYR A 860 -20.55 5.99 34.43
C TYR A 860 -21.39 6.02 33.16
N ASP A 861 -21.22 7.09 32.38
CA ASP A 861 -21.71 7.16 31.01
C ASP A 861 -20.50 7.28 30.10
N LEU A 862 -20.64 6.79 28.86
CA LEU A 862 -19.54 6.71 27.91
C LEU A 862 -20.01 6.99 26.49
N GLN A 863 -19.22 7.79 25.81
CA GLN A 863 -19.29 7.97 24.36
C GLN A 863 -17.90 7.75 23.79
N ILE A 864 -17.87 7.04 22.67
CA ILE A 864 -16.69 6.78 21.86
C ILE A 864 -16.90 7.46 20.50
N TYR A 865 -15.78 7.89 19.92
CA TYR A 865 -15.69 8.47 18.60
C TYR A 865 -14.83 7.50 17.80
N PRO A 866 -15.46 6.49 17.16
CA PRO A 866 -14.69 5.41 16.52
C PRO A 866 -13.78 5.78 15.35
N GLN A 867 -14.02 6.91 14.72
CA GLN A 867 -13.17 7.36 13.64
C GLN A 867 -12.13 8.41 14.05
N GLU A 868 -12.04 8.78 15.34
CA GLU A 868 -11.18 9.86 15.80
C GLU A 868 -10.00 9.42 16.62
N ARG A 869 -8.91 10.19 16.46
CA ARG A 869 -7.70 10.04 17.27
C ARG A 869 -7.80 11.01 18.49
N HIS A 870 -6.77 11.79 18.77
CA HIS A 870 -6.82 12.71 19.93
C HIS A 870 -7.72 13.92 19.65
N SER A 871 -7.47 14.49 18.48
CA SER A 871 -8.32 15.45 17.80
C SER A 871 -9.64 14.86 17.30
N ILE A 872 -10.59 15.75 17.01
CA ILE A 872 -11.84 15.44 16.31
C ILE A 872 -11.81 16.16 14.95
N ARG A 873 -11.59 15.39 13.88
CA ARG A 873 -11.42 15.87 12.52
C ARG A 873 -12.58 15.65 11.55
N VAL A 874 -13.28 14.52 11.67
CA VAL A 874 -14.51 14.26 10.88
C VAL A 874 -15.65 15.17 11.43
N PRO A 875 -16.21 16.08 10.62
CA PRO A 875 -17.25 17.04 11.11
C PRO A 875 -18.47 16.42 11.83
N GLU A 876 -18.95 15.30 11.30
CA GLU A 876 -20.03 14.51 11.90
C GLU A 876 -19.71 14.11 13.33
N SER A 877 -18.45 13.73 13.60
CA SER A 877 -18.04 13.42 14.97
C SER A 877 -18.16 14.63 15.85
N GLY A 878 -17.77 15.80 15.35
CA GLY A 878 -17.86 17.05 16.11
C GLY A 878 -19.28 17.50 16.37
N GLU A 879 -20.12 17.36 15.35
CA GLU A 879 -21.56 17.62 15.48
C GLU A 879 -22.22 16.78 16.56
N HIS A 880 -21.82 15.52 16.64
CA HIS A 880 -22.39 14.57 17.61
C HIS A 880 -21.86 14.85 19.00
N TYR A 881 -20.57 15.14 19.10
CA TYR A 881 -19.96 15.53 20.36
C TYR A 881 -20.66 16.75 20.96
N GLU A 882 -20.80 17.81 20.16
CA GLU A 882 -21.44 19.03 20.60
C GLU A 882 -22.87 18.76 21.02
N LEU A 883 -23.60 18.02 20.20
CA LEU A 883 -24.98 17.68 20.47
C LEU A 883 -25.16 16.90 21.76
N HIS A 884 -24.36 15.87 21.93
CA HIS A 884 -24.41 15.04 23.10
C HIS A 884 -24.05 15.82 24.36
N LEU A 885 -23.02 16.68 24.27
CA LEU A 885 -22.58 17.52 25.38
C LEU A 885 -23.70 18.43 25.88
N LEU A 886 -24.30 19.17 24.95
CA LEU A 886 -25.40 20.08 25.32
C LEU A 886 -26.60 19.35 25.87
N HIS A 887 -26.91 18.22 25.27
CA HIS A 887 -28.01 17.43 25.74
C HIS A 887 -27.72 16.85 27.14
N TYR A 888 -26.50 16.35 27.38
CA TYR A 888 -26.15 15.81 28.70
C TYR A 888 -26.28 16.88 29.77
N LEU A 889 -25.75 18.08 29.46
CA LEU A 889 -25.83 19.21 30.37
C LEU A 889 -27.26 19.60 30.65
N GLN A 890 -28.04 19.71 29.60
CA GLN A 890 -29.47 19.95 29.72
C GLN A 890 -30.16 18.97 30.66
N GLU A 891 -29.94 17.69 30.42
CA GLU A 891 -30.66 16.63 31.13
C GLU A 891 -30.15 16.35 32.52
N ASN A 892 -28.86 16.62 32.80
CA ASN A 892 -28.24 16.33 34.10
C ASN A 892 -27.67 17.51 34.92
N LEU A 893 -27.81 18.74 34.41
CA LEU A 893 -27.38 19.98 35.11
C LEU A 893 -28.37 21.13 35.03
N GLY A 894 -28.68 21.58 33.82
CA GLY A 894 -29.44 22.81 33.62
C GLY A 894 -30.96 22.82 33.74
N SER A 895 -31.64 21.77 33.28
CA SER A 895 -33.11 21.81 33.13
C SER A 895 -33.87 21.53 34.41
N ARG A 896 -35.21 21.71 34.34
CA ARG A 896 -36.12 21.32 35.44
C ARG A 896 -36.05 19.82 35.68
N ILE A 897 -36.11 19.04 34.60
CA ILE A 897 -36.04 17.57 34.69
C ILE A 897 -34.72 17.09 35.35
N ALA A 898 -33.63 17.80 35.14
CA ALA A 898 -32.35 17.50 35.80
C ALA A 898 -32.42 17.58 37.30
N ALA A 899 -32.94 18.69 37.80
CA ALA A 899 -33.14 18.89 39.24
C ALA A 899 -34.17 17.91 39.79
N LEU A 900 -35.19 17.62 39.00
CA LEU A 900 -36.27 16.72 39.42
C LEU A 900 -35.80 15.25 39.54
N LYS A 901 -34.76 14.84 38.81
CA LYS A 901 -34.29 13.45 38.89
C LYS A 901 -33.18 13.18 39.94
N VAL A 902 -33.02 14.04 40.93
CA VAL A 902 -31.83 14.02 41.79
C VAL A 902 -31.82 13.00 42.98
N ILE A 903 -32.90 12.25 43.23
CA ILE A 903 -33.11 11.41 44.48
C ILE A 903 -32.75 12.08 45.82
N LYS B 52 4.38 52.32 -40.97
CA LYS B 52 3.88 50.90 -41.13
C LYS B 52 3.72 50.54 -42.63
N LEU B 53 3.49 49.24 -42.86
CA LEU B 53 3.37 48.61 -44.22
C LEU B 53 1.99 47.99 -44.49
N GLU B 54 1.57 47.90 -45.75
CA GLU B 54 0.23 47.38 -46.14
C GLU B 54 0.30 45.82 -46.25
N PRO B 55 -0.73 45.08 -45.78
CA PRO B 55 -0.65 43.61 -45.90
C PRO B 55 -0.85 43.18 -47.33
N PHE B 56 -0.01 42.29 -47.81
CA PHE B 56 -0.21 41.60 -49.09
C PHE B 56 -1.18 40.47 -48.87
N TYR B 57 -2.20 40.43 -49.71
CA TYR B 57 -3.20 39.33 -49.74
C TYR B 57 -2.94 38.42 -50.94
N VAL B 58 -2.87 37.09 -50.70
CA VAL B 58 -2.58 36.15 -51.79
C VAL B 58 -3.79 36.07 -52.71
N GLU B 59 -3.54 35.75 -53.98
CA GLU B 59 -4.61 35.69 -54.99
C GLU B 59 -5.49 34.52 -54.59
N ARG B 60 -6.80 34.76 -54.67
CA ARG B 60 -7.80 33.82 -54.20
C ARG B 60 -8.24 32.93 -55.36
N TYR B 61 -7.61 31.77 -55.46
CA TYR B 61 -7.95 30.74 -56.45
C TYR B 61 -9.10 29.88 -55.98
N SER B 62 -9.94 29.45 -56.91
CA SER B 62 -10.93 28.41 -56.65
C SER B 62 -10.23 27.09 -56.46
N TRP B 63 -10.98 26.12 -55.99
CA TRP B 63 -10.42 24.75 -55.71
C TRP B 63 -9.90 24.09 -57.02
N SER B 64 -10.73 24.17 -58.07
CA SER B 64 -10.38 23.66 -59.42
C SER B 64 -9.15 24.33 -60.01
N GLN B 65 -9.10 25.66 -59.84
CA GLN B 65 -7.94 26.48 -60.27
C GLN B 65 -6.66 26.09 -59.58
N LEU B 66 -6.73 26.00 -58.26
CA LEU B 66 -5.57 25.53 -57.48
C LEU B 66 -5.10 24.13 -57.85
N LYS B 67 -6.06 23.27 -58.20
CA LYS B 67 -5.79 21.89 -58.61
C LYS B 67 -4.96 21.90 -59.90
N LYS B 68 -5.41 22.68 -60.90
CA LYS B 68 -4.70 22.89 -62.18
C LYS B 68 -3.30 23.45 -61.92
N LEU B 69 -3.23 24.52 -61.13
CA LEU B 69 -1.93 25.13 -60.78
C LEU B 69 -0.91 24.15 -60.20
N LEU B 70 -1.37 23.33 -59.29
CA LEU B 70 -0.54 22.27 -58.73
C LEU B 70 -0.20 21.19 -59.72
N ALA B 71 -1.14 20.81 -60.57
CA ALA B 71 -0.88 19.84 -61.65
C ALA B 71 0.18 20.31 -62.67
N ASP B 72 0.00 21.54 -63.16
CA ASP B 72 0.91 22.18 -64.13
C ASP B 72 2.36 22.27 -63.64
N THR B 73 2.54 22.52 -62.34
CA THR B 73 3.86 22.64 -61.73
C THR B 73 4.52 21.32 -61.35
N ARG B 74 3.75 20.26 -61.14
CA ARG B 74 4.29 18.89 -61.01
C ARG B 74 4.67 18.24 -62.36
N LYS B 75 3.97 18.60 -63.48
CA LYS B 75 4.13 17.87 -64.82
C LYS B 75 5.51 18.06 -65.48
N TYR B 76 6.08 19.26 -65.37
CA TYR B 76 7.50 19.49 -65.70
C TYR B 76 8.47 18.73 -64.75
N HIS B 77 8.16 18.71 -63.43
CA HIS B 77 8.99 18.08 -62.38
C HIS B 77 8.56 16.63 -62.02
N GLY B 78 8.14 15.85 -63.03
CA GLY B 78 7.83 14.42 -62.93
C GLY B 78 9.03 13.51 -63.20
N TYR B 79 10.08 14.04 -63.85
CA TYR B 79 11.38 13.38 -63.96
C TYR B 79 12.09 13.07 -62.63
N MET B 80 11.82 13.89 -61.60
CA MET B 80 12.49 13.81 -60.29
C MET B 80 12.17 12.57 -59.39
N MET B 81 11.01 11.91 -59.53
CA MET B 81 10.74 10.62 -58.81
C MET B 81 11.55 9.48 -59.50
N ALA B 82 12.85 9.37 -59.14
CA ALA B 82 13.84 8.40 -59.75
C ALA B 82 15.12 8.16 -58.90
N LYS B 83 15.33 6.93 -58.40
CA LYS B 83 16.43 6.65 -57.41
C LYS B 83 17.82 6.83 -58.03
N ALA B 84 18.64 7.64 -57.37
CA ALA B 84 20.04 7.80 -57.78
C ALA B 84 20.81 6.50 -57.52
N PRO B 85 21.88 6.22 -58.30
CA PRO B 85 22.71 5.08 -58.05
C PRO B 85 23.17 4.92 -56.61
N HIS B 86 23.13 3.69 -56.11
CA HIS B 86 23.47 3.34 -54.72
C HIS B 86 23.86 1.86 -54.60
N ASP B 87 24.24 1.45 -53.39
CA ASP B 87 24.78 0.12 -53.03
C ASP B 87 25.89 -0.28 -54.00
N PHE B 88 26.89 0.57 -54.10
CA PHE B 88 28.03 0.33 -54.99
C PHE B 88 28.94 -0.78 -54.47
N MET B 89 29.57 -1.48 -55.40
CA MET B 89 30.60 -2.44 -55.11
C MET B 89 31.61 -2.45 -56.25
N PHE B 90 32.88 -2.59 -55.88
CA PHE B 90 33.99 -2.53 -56.81
C PHE B 90 34.61 -3.90 -56.92
N VAL B 91 34.83 -4.37 -58.13
CA VAL B 91 35.47 -5.66 -58.37
C VAL B 91 36.58 -5.44 -59.35
N LYS B 92 37.76 -5.93 -58.99
CA LYS B 92 38.92 -5.79 -59.83
C LYS B 92 38.82 -6.72 -61.03
N ARG B 93 39.25 -6.21 -62.18
CA ARG B 93 39.31 -6.97 -63.43
C ARG B 93 40.46 -7.97 -63.47
N ASN B 94 41.63 -7.54 -62.94
CA ASN B 94 42.84 -8.36 -62.92
C ASN B 94 43.21 -8.92 -64.29
N ASP B 95 43.21 -8.01 -65.27
CA ASP B 95 43.51 -8.31 -66.63
C ASP B 95 44.58 -7.30 -67.05
N PRO B 96 45.87 -7.71 -67.03
CA PRO B 96 46.94 -6.74 -67.35
C PRO B 96 46.90 -6.15 -68.77
N ASP B 97 46.39 -6.90 -69.75
CA ASP B 97 46.18 -6.39 -71.10
C ASP B 97 44.91 -5.58 -71.33
N GLY B 98 43.93 -5.71 -70.43
CA GLY B 98 42.67 -4.99 -70.55
C GLY B 98 42.77 -3.51 -70.22
N PRO B 99 41.83 -2.68 -70.74
CA PRO B 99 41.82 -1.25 -70.45
C PRO B 99 41.11 -0.82 -69.14
N HIS B 100 40.49 -1.74 -68.41
CA HIS B 100 39.75 -1.45 -67.21
C HIS B 100 40.39 -2.04 -65.95
N SER B 101 40.43 -1.23 -64.90
CA SER B 101 40.94 -1.65 -63.60
C SER B 101 39.87 -2.39 -62.82
N ASP B 102 38.64 -1.84 -62.87
CA ASP B 102 37.50 -2.29 -62.07
C ASP B 102 36.20 -2.30 -62.86
N ARG B 103 35.25 -3.11 -62.38
CA ARG B 103 33.84 -3.03 -62.71
C ARG B 103 33.12 -2.59 -61.44
N ILE B 104 32.29 -1.55 -61.56
CA ILE B 104 31.39 -1.19 -60.44
C ILE B 104 30.00 -1.72 -60.72
N TYR B 105 29.36 -2.28 -59.69
CA TYR B 105 27.98 -2.71 -59.74
C TYR B 105 27.19 -1.81 -58.77
N TYR B 106 25.94 -1.52 -59.12
CA TYR B 106 25.07 -0.65 -58.29
C TYR B 106 23.60 -0.84 -58.62
N LEU B 107 22.74 -0.44 -57.70
CA LEU B 107 21.32 -0.39 -57.93
C LEU B 107 20.93 1.00 -58.38
N ALA B 108 19.99 1.08 -59.30
CA ALA B 108 19.44 2.35 -59.77
C ALA B 108 18.18 2.15 -60.58
N MET B 109 17.46 3.25 -60.81
CA MET B 109 16.38 3.34 -61.82
C MET B 109 16.91 4.10 -63.05
N SER B 110 16.78 3.52 -64.25
CA SER B 110 17.14 4.18 -65.55
C SER B 110 16.32 5.49 -65.81
N GLY B 111 15.01 5.50 -65.48
CA GLY B 111 14.15 6.72 -65.49
C GLY B 111 12.93 6.65 -64.56
N GLU B 112 11.98 7.58 -64.74
CA GLU B 112 10.72 7.61 -63.92
C GLU B 112 9.77 6.44 -64.30
N ASN B 113 9.10 5.87 -63.29
CA ASN B 113 8.19 4.69 -63.46
C ASN B 113 8.83 3.42 -64.10
N ARG B 114 10.08 3.16 -63.68
CA ARG B 114 10.85 1.97 -64.03
C ARG B 114 11.33 1.31 -62.72
N GLU B 115 11.52 0.00 -62.80
CA GLU B 115 11.99 -0.77 -61.67
C GLU B 115 13.48 -0.47 -61.34
N ASN B 116 13.75 -0.44 -60.06
CA ASN B 116 15.08 -0.36 -59.50
C ASN B 116 15.78 -1.69 -59.76
N THR B 117 16.90 -1.66 -60.45
CA THR B 117 17.62 -2.88 -60.86
C THR B 117 19.16 -2.69 -60.77
N LEU B 118 19.85 -3.79 -61.01
CA LEU B 118 21.30 -3.85 -61.01
C LEU B 118 21.87 -3.42 -62.34
N PHE B 119 22.84 -2.51 -62.26
CA PHE B 119 23.66 -2.08 -63.39
C PHE B 119 25.15 -2.24 -63.08
N TYR B 120 25.96 -2.25 -64.14
CA TYR B 120 27.40 -2.13 -64.02
C TYR B 120 27.94 -1.03 -64.92
N SER B 121 29.10 -0.51 -64.54
CA SER B 121 29.91 0.39 -65.37
C SER B 121 31.38 -0.02 -65.30
N GLU B 122 32.16 0.37 -66.31
CA GLU B 122 33.57 -0.03 -66.44
C GLU B 122 34.46 1.15 -66.05
N ILE B 123 35.37 0.94 -65.08
CA ILE B 123 36.30 1.97 -64.64
C ILE B 123 37.60 1.81 -65.43
N PRO B 124 37.95 2.78 -66.31
CA PRO B 124 39.19 2.63 -67.07
C PRO B 124 40.45 2.89 -66.25
N LYS B 125 41.53 2.18 -66.64
CA LYS B 125 42.89 2.37 -66.14
C LYS B 125 43.44 3.78 -66.24
N THR B 126 43.08 4.47 -67.33
CA THR B 126 43.46 5.87 -67.57
C THR B 126 42.29 6.66 -68.17
N ILE B 127 42.37 7.98 -68.08
CA ILE B 127 41.30 8.88 -68.58
C ILE B 127 41.89 10.01 -69.40
N ASN B 128 41.08 10.60 -70.26
CA ASN B 128 41.46 11.85 -70.97
C ASN B 128 41.07 12.98 -70.03
N ARG B 129 42.06 13.69 -69.49
CA ARG B 129 41.84 14.73 -68.46
C ARG B 129 41.41 16.08 -69.02
N ALA B 130 41.55 16.25 -70.35
CA ALA B 130 40.91 17.34 -71.11
C ALA B 130 39.39 17.20 -71.18
N ALA B 131 38.89 15.96 -71.16
CA ALA B 131 37.47 15.62 -71.24
C ALA B 131 36.85 15.22 -69.90
N VAL B 132 35.53 15.04 -69.90
CA VAL B 132 34.75 14.51 -68.79
C VAL B 132 34.15 13.19 -69.23
N LEU B 133 34.49 12.11 -68.53
CA LEU B 133 33.96 10.78 -68.85
C LEU B 133 32.60 10.57 -68.21
N MET B 134 31.57 10.32 -69.01
CA MET B 134 30.25 9.86 -68.52
C MET B 134 30.26 8.35 -68.63
N LEU B 135 30.11 7.63 -67.51
CA LEU B 135 30.09 6.16 -67.54
C LEU B 135 28.75 5.69 -68.09
N SER B 136 28.80 4.76 -69.05
CA SER B 136 27.59 4.06 -69.53
C SER B 136 27.10 3.12 -68.45
N TRP B 137 25.78 3.11 -68.26
CA TRP B 137 25.10 2.18 -67.33
C TRP B 137 24.72 0.98 -68.20
N LYS B 138 25.39 -0.14 -67.99
CA LYS B 138 25.15 -1.37 -68.72
C LYS B 138 24.27 -2.21 -67.75
N PRO B 139 23.08 -2.69 -68.21
CA PRO B 139 22.23 -3.46 -67.27
C PRO B 139 22.78 -4.85 -67.05
N LEU B 140 22.78 -5.28 -65.81
CA LEU B 140 23.26 -6.59 -65.43
C LEU B 140 22.26 -7.70 -65.72
N LEU B 141 20.96 -7.36 -65.65
CA LEU B 141 19.87 -8.32 -65.77
C LEU B 141 19.07 -8.17 -67.04
N ASP B 142 18.41 -9.27 -67.40
CA ASP B 142 17.74 -9.46 -68.67
C ASP B 142 16.25 -9.08 -68.64
N LEU B 143 15.53 -9.49 -67.62
CA LEU B 143 14.11 -9.07 -67.42
C LEU B 143 14.09 -7.89 -66.45
N THR B 147 9.41 -7.05 -66.62
CA THR B 147 9.17 -6.53 -65.27
C THR B 147 9.24 -7.68 -64.25
N LEU B 148 10.27 -7.67 -63.40
CA LEU B 148 10.45 -8.67 -62.33
C LEU B 148 9.56 -8.38 -61.10
N ASP B 149 9.71 -7.18 -60.50
CA ASP B 149 8.81 -6.66 -59.44
C ASP B 149 7.66 -5.82 -60.04
N TYR B 150 6.41 -6.23 -59.79
CA TYR B 150 5.21 -5.37 -59.94
C TYR B 150 4.92 -4.68 -58.58
N GLY B 151 3.86 -3.89 -58.50
CA GLY B 151 3.45 -3.29 -57.22
C GLY B 151 2.65 -4.18 -56.27
N MET B 152 2.49 -5.50 -56.55
CA MET B 152 1.46 -6.39 -55.91
C MET B 152 2.03 -7.16 -54.68
N TYR B 153 2.14 -6.42 -53.57
CA TYR B 153 2.88 -6.83 -52.35
C TYR B 153 2.05 -7.60 -51.26
N SER B 154 2.66 -8.59 -50.60
CA SER B 154 2.13 -9.20 -49.35
C SER B 154 2.11 -8.18 -48.19
N ARG B 155 1.31 -8.46 -47.15
CA ARG B 155 1.32 -7.65 -45.92
C ARG B 155 2.74 -7.55 -45.31
N GLU B 156 3.48 -8.65 -45.33
CA GLU B 156 4.85 -8.67 -44.80
C GLU B 156 5.76 -7.72 -45.60
N GLU B 157 5.63 -7.70 -46.93
CA GLU B 157 6.38 -6.73 -47.75
C GLU B 157 5.95 -5.27 -47.50
N GLU B 158 4.63 -5.02 -47.43
CA GLU B 158 4.07 -3.68 -47.16
C GLU B 158 4.63 -3.10 -45.91
N LEU B 159 4.56 -3.87 -44.83
CA LEU B 159 5.03 -3.49 -43.51
C LEU B 159 6.50 -3.20 -43.50
N LEU B 160 7.30 -4.10 -44.07
CA LEU B 160 8.72 -3.87 -44.20
C LEU B 160 9.04 -2.57 -44.92
N ARG B 161 8.33 -2.32 -46.00
CA ARG B 161 8.47 -1.09 -46.79
C ARG B 161 8.15 0.19 -46.00
N GLU B 162 7.12 0.11 -45.16
CA GLU B 162 6.80 1.15 -44.17
C GLU B 162 7.96 1.36 -43.17
N ARG B 163 8.46 0.26 -42.58
CA ARG B 163 9.57 0.28 -41.64
C ARG B 163 10.88 0.80 -42.24
N LYS B 164 11.20 0.37 -43.45
CA LYS B 164 12.42 0.83 -44.18
C LYS B 164 12.26 2.16 -44.87
N ARG B 165 11.03 2.68 -44.97
CA ARG B 165 10.72 3.98 -45.62
C ARG B 165 11.04 4.02 -47.10
N ILE B 166 10.77 2.92 -47.82
CA ILE B 166 11.19 2.82 -49.23
C ILE B 166 9.96 2.84 -50.13
N GLY B 167 9.95 3.78 -51.07
CA GLY B 167 8.93 3.89 -52.14
C GLY B 167 9.32 3.24 -53.46
N THR B 168 10.48 2.59 -53.52
CA THR B 168 11.08 2.16 -54.76
C THR B 168 10.46 0.81 -55.11
N VAL B 169 10.26 0.57 -56.38
CA VAL B 169 9.77 -0.69 -56.88
C VAL B 169 11.00 -1.35 -57.47
N GLY B 170 11.17 -2.64 -57.19
CA GLY B 170 12.24 -3.47 -57.78
C GLY B 170 13.11 -4.16 -56.74
N ILE B 171 14.39 -4.24 -57.05
CA ILE B 171 15.40 -4.80 -56.15
C ILE B 171 15.78 -3.71 -55.17
N ALA B 172 15.52 -3.97 -53.89
CA ALA B 172 15.80 -3.02 -52.81
C ALA B 172 17.23 -3.16 -52.29
N SER B 173 17.76 -4.38 -52.31
CA SER B 173 19.16 -4.68 -51.98
C SER B 173 19.66 -5.98 -52.62
N TYR B 174 20.96 -6.23 -52.47
CA TYR B 174 21.60 -7.44 -52.92
C TYR B 174 22.75 -7.89 -52.04
N ASP B 175 23.04 -9.20 -52.13
CA ASP B 175 24.22 -9.85 -51.52
C ASP B 175 25.16 -10.24 -52.66
N TYR B 176 26.44 -10.37 -52.35
CA TYR B 176 27.49 -10.85 -53.29
C TYR B 176 28.52 -11.73 -52.58
N HIS B 177 29.12 -12.66 -53.30
CA HIS B 177 30.17 -13.53 -52.77
C HIS B 177 31.36 -13.41 -53.72
N GLN B 178 32.43 -12.72 -53.26
CA GLN B 178 33.60 -12.33 -54.09
C GLN B 178 34.22 -13.53 -54.79
N GLY B 179 34.39 -14.63 -54.05
CA GLY B 179 35.08 -15.81 -54.51
C GLY B 179 34.42 -16.59 -55.63
N SER B 180 33.10 -16.50 -55.71
CA SER B 180 32.29 -17.19 -56.72
C SER B 180 31.70 -16.21 -57.74
N GLY B 181 31.58 -14.93 -57.40
CA GLY B 181 30.84 -13.96 -58.19
C GLY B 181 29.32 -14.04 -58.09
N THR B 182 28.80 -14.72 -57.06
CA THR B 182 27.36 -14.99 -56.96
C THR B 182 26.66 -13.77 -56.36
N PHE B 183 25.73 -13.20 -57.11
CA PHE B 183 24.77 -12.20 -56.61
C PHE B 183 23.52 -12.91 -56.14
N LEU B 184 22.93 -12.47 -55.03
CA LEU B 184 21.61 -12.93 -54.57
C LEU B 184 20.72 -11.73 -54.32
N PHE B 185 19.47 -11.79 -54.72
CA PHE B 185 18.54 -10.71 -54.46
C PHE B 185 17.08 -11.15 -54.60
N GLN B 186 16.24 -10.53 -53.78
CA GLN B 186 14.80 -10.60 -53.92
C GLN B 186 14.28 -9.53 -54.89
N ALA B 187 13.33 -9.90 -55.74
CA ALA B 187 12.69 -9.00 -56.68
C ALA B 187 11.23 -9.46 -56.76
N GLY B 188 10.42 -8.81 -55.93
CA GLY B 188 9.03 -9.17 -55.76
C GLY B 188 8.94 -10.47 -54.99
N SER B 189 7.91 -11.25 -55.32
CA SER B 189 7.75 -12.65 -54.87
C SER B 189 9.08 -13.46 -54.84
N GLY B 190 9.90 -13.34 -55.88
CA GLY B 190 10.99 -14.27 -56.16
C GLY B 190 12.37 -13.93 -55.62
N ILE B 191 13.11 -14.99 -55.30
CA ILE B 191 14.53 -14.93 -55.00
C ILE B 191 15.29 -15.39 -56.23
N TYR B 192 16.25 -14.58 -56.66
CA TYR B 192 17.02 -14.83 -57.85
C TYR B 192 18.52 -14.76 -57.57
N HIS B 193 19.31 -15.41 -58.44
CA HIS B 193 20.77 -15.27 -58.46
C HIS B 193 21.32 -15.20 -59.87
N VAL B 194 22.46 -14.50 -59.99
CA VAL B 194 23.37 -14.53 -61.15
C VAL B 194 24.85 -14.55 -60.70
N LYS B 195 25.77 -14.80 -61.64
CA LYS B 195 27.23 -14.80 -61.43
C LYS B 195 27.91 -13.82 -62.37
N ASP B 196 28.74 -12.97 -61.78
CA ASP B 196 29.66 -12.10 -62.53
C ASP B 196 30.86 -11.68 -61.64
N GLY B 197 32.06 -11.65 -62.20
CA GLY B 197 33.26 -11.21 -61.49
C GLY B 197 34.09 -12.20 -60.68
N GLY B 198 33.72 -13.47 -60.70
CA GLY B 198 34.51 -14.53 -60.07
C GLY B 198 35.48 -15.18 -61.05
N PRO B 199 35.88 -16.44 -60.78
CA PRO B 199 36.61 -17.26 -61.76
C PRO B 199 35.89 -17.40 -63.08
N GLN B 200 34.55 -17.52 -63.03
CA GLN B 200 33.70 -17.60 -64.23
C GLN B 200 33.82 -16.37 -65.15
N GLY B 201 34.25 -15.21 -64.63
CA GLY B 201 34.70 -14.05 -65.43
C GLY B 201 33.64 -12.95 -65.54
N PHE B 202 33.70 -12.15 -66.62
CA PHE B 202 32.92 -10.90 -66.75
C PHE B 202 32.05 -10.87 -68.00
N THR B 203 30.74 -10.83 -67.82
CA THR B 203 29.80 -10.76 -68.93
C THR B 203 29.94 -9.45 -69.72
N GLN B 204 29.70 -9.53 -71.02
CA GLN B 204 29.49 -8.37 -71.86
C GLN B 204 28.05 -8.14 -72.26
N GLN B 205 27.11 -8.82 -71.59
CA GLN B 205 25.69 -8.68 -71.89
C GLN B 205 24.84 -9.04 -70.69
N PRO B 206 23.55 -8.59 -70.70
CA PRO B 206 22.74 -8.86 -69.53
C PRO B 206 22.48 -10.36 -69.29
N LEU B 207 22.38 -10.69 -68.02
CA LEU B 207 22.26 -12.04 -67.53
C LEU B 207 20.82 -12.36 -67.15
N ARG B 208 20.41 -13.61 -67.42
CA ARG B 208 19.13 -14.13 -66.98
C ARG B 208 19.15 -14.39 -65.48
N PRO B 209 18.24 -13.74 -64.73
CA PRO B 209 18.08 -14.07 -63.32
C PRO B 209 17.53 -15.48 -63.16
N ASN B 210 18.16 -16.21 -62.25
CA ASN B 210 17.84 -17.60 -62.02
C ASN B 210 17.03 -17.71 -60.76
N LEU B 211 15.83 -18.29 -60.86
CA LEU B 211 14.89 -18.38 -59.79
C LEU B 211 15.34 -19.44 -58.80
N VAL B 212 15.28 -19.12 -57.51
CA VAL B 212 15.47 -20.12 -56.47
C VAL B 212 14.12 -20.75 -56.35
N GLU B 213 13.97 -22.00 -56.80
CA GLU B 213 12.67 -22.69 -56.71
C GLU B 213 12.38 -23.03 -55.26
N THR B 214 11.10 -23.26 -54.94
CA THR B 214 10.64 -23.51 -53.57
C THR B 214 9.34 -24.26 -53.54
N SER B 215 9.15 -24.99 -52.43
CA SER B 215 7.91 -25.60 -52.04
C SER B 215 7.15 -24.83 -51.02
N CYS B 216 7.70 -23.71 -50.56
CA CYS B 216 7.06 -22.86 -49.56
C CYS B 216 5.89 -22.12 -50.19
N PRO B 217 4.71 -22.17 -49.57
CA PRO B 217 3.53 -21.48 -50.13
C PRO B 217 3.52 -19.92 -50.06
N ASN B 218 4.20 -19.36 -49.09
CA ASN B 218 4.10 -17.93 -48.75
C ASN B 218 5.37 -17.18 -49.14
N ILE B 219 5.28 -15.86 -49.08
CA ILE B 219 6.39 -14.98 -49.40
C ILE B 219 7.65 -15.36 -48.59
N ARG B 220 8.75 -15.50 -49.31
CA ARG B 220 10.07 -15.68 -48.69
C ARG B 220 10.69 -14.32 -48.53
N MET B 221 11.10 -14.01 -47.31
CA MET B 221 11.67 -12.71 -46.93
C MET B 221 13.15 -12.86 -46.54
N ASP B 222 13.88 -11.77 -46.68
CA ASP B 222 15.21 -11.63 -46.09
C ASP B 222 16.22 -12.69 -46.53
N PRO B 223 16.37 -12.85 -47.85
CA PRO B 223 17.32 -13.81 -48.33
C PRO B 223 18.76 -13.36 -48.11
N LYS B 224 19.60 -14.27 -47.59
CA LYS B 224 21.06 -14.02 -47.47
C LYS B 224 21.90 -15.19 -47.96
N LEU B 225 22.94 -14.94 -48.78
CA LEU B 225 23.96 -15.96 -49.10
C LEU B 225 24.80 -16.33 -47.92
N CYS B 226 25.13 -17.60 -47.83
CA CYS B 226 26.10 -18.07 -46.85
C CYS B 226 27.48 -17.64 -47.35
N PRO B 227 28.19 -16.77 -46.62
CA PRO B 227 29.58 -16.39 -47.06
C PRO B 227 30.61 -17.52 -47.12
N ALA B 228 30.35 -18.59 -46.36
CA ALA B 228 31.17 -19.82 -46.35
C ALA B 228 30.93 -20.79 -47.50
N ASP B 229 29.71 -20.82 -48.03
CA ASP B 229 29.33 -21.68 -49.15
C ASP B 229 28.25 -20.99 -49.97
N PRO B 230 28.63 -20.39 -51.10
CA PRO B 230 27.64 -19.68 -51.90
C PRO B 230 26.62 -20.57 -52.69
N ASP B 231 26.68 -21.90 -52.58
CA ASP B 231 25.56 -22.74 -52.95
C ASP B 231 24.35 -22.62 -52.00
N TRP B 232 24.52 -22.10 -50.80
CA TRP B 232 23.47 -22.09 -49.78
C TRP B 232 22.97 -20.72 -49.54
N ILE B 233 21.65 -20.58 -49.38
CA ILE B 233 21.02 -19.35 -48.93
C ILE B 233 20.14 -19.66 -47.74
N ALA B 234 19.81 -18.63 -46.98
CA ALA B 234 18.74 -18.68 -45.98
C ALA B 234 17.68 -17.61 -46.29
N PHE B 235 16.49 -17.82 -45.75
CA PHE B 235 15.41 -16.88 -45.84
C PHE B 235 14.43 -17.12 -44.71
N ILE B 236 13.51 -16.19 -44.54
CA ILE B 236 12.43 -16.32 -43.60
C ILE B 236 11.16 -16.67 -44.38
N HIS B 237 10.41 -17.62 -43.82
CA HIS B 237 9.09 -17.95 -44.31
C HIS B 237 8.17 -18.20 -43.14
N SER B 238 7.03 -17.48 -43.08
CA SER B 238 6.09 -17.54 -41.97
C SER B 238 6.84 -17.53 -40.63
N ASN B 239 7.71 -16.55 -40.48
CA ASN B 239 8.46 -16.31 -39.25
C ASN B 239 9.34 -17.46 -38.71
N ASP B 240 9.81 -18.32 -39.60
CA ASP B 240 10.80 -19.35 -39.29
C ASP B 240 11.90 -19.28 -40.35
N ILE B 241 13.07 -19.84 -39.99
CA ILE B 241 14.22 -19.81 -40.85
C ILE B 241 14.26 -21.07 -41.71
N TRP B 242 14.51 -20.89 -42.98
CA TRP B 242 14.72 -21.96 -43.92
C TRP B 242 16.05 -21.74 -44.61
N ILE B 243 16.61 -22.82 -45.13
CA ILE B 243 17.72 -22.78 -46.07
C ILE B 243 17.37 -23.48 -47.36
N SER B 244 18.15 -23.14 -48.39
CA SER B 244 17.95 -23.68 -49.70
C SER B 244 19.29 -23.70 -50.46
N ASN B 245 19.53 -24.78 -51.19
CA ASN B 245 20.70 -24.93 -52.00
C ASN B 245 20.36 -24.62 -53.45
N ILE B 246 21.03 -23.64 -54.01
CA ILE B 246 20.73 -23.15 -55.35
C ILE B 246 21.27 -23.98 -56.50
N VAL B 247 22.01 -25.03 -56.19
CA VAL B 247 22.51 -26.01 -57.19
C VAL B 247 21.73 -27.31 -57.11
N THR B 248 21.64 -27.86 -55.90
CA THR B 248 20.97 -29.12 -55.67
C THR B 248 19.49 -29.00 -55.57
N ARG B 249 18.99 -27.79 -55.25
CA ARG B 249 17.56 -27.52 -55.00
C ARG B 249 17.01 -28.10 -53.69
N GLU B 250 17.89 -28.57 -52.80
CA GLU B 250 17.46 -29.04 -51.47
C GLU B 250 17.03 -27.81 -50.65
N GLU B 251 15.90 -27.96 -49.98
CA GLU B 251 15.27 -26.94 -49.20
C GLU B 251 14.94 -27.57 -47.85
N ARG B 252 15.18 -26.83 -46.79
CA ARG B 252 15.01 -27.36 -45.44
C ARG B 252 14.62 -26.27 -44.46
N ARG B 253 13.58 -26.54 -43.66
CA ARG B 253 13.16 -25.66 -42.59
C ARG B 253 14.08 -25.89 -41.38
N LEU B 254 14.61 -24.82 -40.80
CA LEU B 254 15.50 -24.90 -39.62
C LEU B 254 14.83 -24.67 -38.28
N THR B 255 13.81 -23.84 -38.22
CA THR B 255 13.11 -23.54 -36.96
C THR B 255 11.63 -23.82 -37.11
N TYR B 256 11.01 -24.18 -35.99
CA TYR B 256 9.64 -24.69 -35.97
C TYR B 256 8.86 -23.96 -34.89
N VAL B 257 9.03 -22.63 -34.78
CA VAL B 257 8.44 -21.86 -33.69
C VAL B 257 7.14 -21.16 -34.03
N HIS B 258 6.85 -20.91 -35.32
CA HIS B 258 5.56 -20.34 -35.75
C HIS B 258 4.74 -21.37 -36.52
N ASN B 259 3.43 -21.19 -36.54
CA ASN B 259 2.48 -21.98 -37.33
C ASN B 259 1.64 -20.97 -38.13
N GLU B 260 1.86 -20.92 -39.45
CA GLU B 260 1.05 -20.11 -40.40
C GLU B 260 -0.48 -20.27 -40.22
N LEU B 261 -0.94 -21.49 -39.93
CA LEU B 261 -2.34 -21.80 -39.69
C LEU B 261 -2.99 -21.16 -38.43
N ALA B 262 -2.18 -20.73 -37.47
CA ALA B 262 -2.72 -20.25 -36.17
C ALA B 262 -2.99 -18.76 -36.15
N ASN B 263 -3.81 -18.36 -35.19
CA ASN B 263 -4.10 -16.95 -34.94
C ASN B 263 -2.94 -16.34 -34.20
N MET B 264 -2.55 -15.13 -34.62
CA MET B 264 -1.42 -14.41 -33.98
C MET B 264 -1.54 -14.26 -32.43
N GLU B 265 -2.78 -14.16 -31.96
CA GLU B 265 -3.14 -14.14 -30.54
C GLU B 265 -2.63 -15.39 -29.75
N GLU B 266 -2.63 -16.56 -30.35
CA GLU B 266 -2.18 -17.85 -29.73
C GLU B 266 -0.73 -18.22 -30.14
N ASP B 267 -0.25 -17.67 -31.26
CA ASP B 267 0.98 -18.07 -31.92
C ASP B 267 1.93 -16.84 -32.09
N ALA B 268 2.68 -16.55 -31.01
CA ALA B 268 3.44 -15.31 -30.86
C ALA B 268 4.97 -15.43 -30.96
N ARG B 269 5.48 -16.58 -31.40
CA ARG B 269 6.91 -16.80 -31.53
C ARG B 269 7.39 -16.66 -32.97
N SER B 270 8.61 -16.15 -33.09
CA SER B 270 9.29 -15.99 -34.37
C SER B 270 10.80 -16.20 -34.20
N ALA B 271 11.44 -16.61 -35.28
CA ALA B 271 12.87 -16.84 -35.33
C ALA B 271 13.45 -16.14 -36.54
N GLY B 272 14.60 -15.48 -36.35
CA GLY B 272 15.29 -14.89 -37.45
C GLY B 272 14.79 -13.55 -37.94
N VAL B 273 13.81 -12.96 -37.25
N VAL B 273 13.78 -12.97 -37.29
CA VAL B 273 13.18 -11.71 -37.67
CA VAL B 273 13.19 -11.68 -37.71
C VAL B 273 13.26 -10.65 -36.58
C VAL B 273 13.24 -10.65 -36.60
N ALA B 274 13.42 -9.40 -37.00
CA ALA B 274 13.35 -8.24 -36.12
C ALA B 274 11.87 -7.89 -35.91
N THR B 275 11.50 -7.69 -34.66
CA THR B 275 10.17 -7.25 -34.28
C THR B 275 10.00 -5.76 -34.60
N PHE B 276 8.77 -5.27 -34.42
CA PHE B 276 8.34 -3.93 -34.83
C PHE B 276 9.26 -2.82 -34.34
N VAL B 277 9.56 -2.83 -33.04
CA VAL B 277 10.35 -1.74 -32.46
C VAL B 277 11.76 -1.72 -33.01
N LEU B 278 12.32 -2.91 -33.25
CA LEU B 278 13.63 -3.00 -33.88
C LEU B 278 13.66 -2.43 -35.30
N GLN B 279 12.63 -2.68 -36.07
CA GLN B 279 12.56 -2.16 -37.42
C GLN B 279 12.26 -0.67 -37.46
N GLU B 280 11.31 -0.26 -36.64
CA GLU B 280 10.87 1.14 -36.59
C GLU B 280 11.83 2.08 -35.87
N GLU B 281 12.44 1.61 -34.78
CA GLU B 281 13.18 2.48 -33.88
C GLU B 281 14.68 2.27 -33.79
N PHE B 282 15.17 1.17 -34.33
CA PHE B 282 16.59 0.86 -34.42
C PHE B 282 17.14 0.54 -35.82
N ASP B 283 16.28 0.47 -36.83
CA ASP B 283 16.70 0.11 -38.22
C ASP B 283 17.44 -1.22 -38.36
N ARG B 284 17.01 -2.20 -37.56
CA ARG B 284 17.39 -3.61 -37.67
C ARG B 284 16.22 -4.30 -38.29
N TYR B 285 16.46 -4.87 -39.47
CA TYR B 285 15.41 -5.58 -40.22
C TYR B 285 15.59 -7.08 -40.23
N SER B 286 16.81 -7.53 -39.98
CA SER B 286 17.13 -8.95 -39.96
C SER B 286 17.32 -9.46 -38.53
N GLY B 287 16.99 -10.75 -38.31
CA GLY B 287 17.27 -11.40 -37.01
C GLY B 287 18.12 -12.65 -37.03
N TYR B 288 18.92 -12.81 -38.07
CA TYR B 288 19.78 -13.99 -38.22
C TYR B 288 21.01 -13.60 -39.00
N TRP B 289 22.10 -14.30 -38.73
CA TRP B 289 23.43 -13.96 -39.27
C TRP B 289 24.16 -15.27 -39.51
N TRP B 290 24.53 -15.52 -40.76
CA TRP B 290 25.39 -16.67 -41.11
C TRP B 290 26.79 -16.50 -40.47
N CYS B 291 27.33 -17.57 -39.92
CA CYS B 291 28.75 -17.66 -39.59
C CYS B 291 29.55 -17.63 -40.90
N PRO B 292 30.52 -16.72 -41.02
CA PRO B 292 31.21 -16.53 -42.32
C PRO B 292 32.19 -17.61 -42.76
N LYS B 293 32.46 -18.60 -41.89
CA LYS B 293 33.37 -19.70 -42.20
C LYS B 293 32.74 -21.01 -41.80
N ALA B 294 33.17 -22.06 -42.49
CA ALA B 294 32.68 -23.40 -42.30
C ALA B 294 33.70 -24.18 -41.48
N GLU B 295 33.23 -24.98 -40.52
CA GLU B 295 34.05 -25.96 -39.83
C GLU B 295 34.07 -27.21 -40.71
N THR B 296 35.26 -27.73 -40.99
CA THR B 296 35.40 -29.04 -41.67
C THR B 296 35.04 -30.23 -40.75
N THR B 297 34.46 -31.29 -41.33
CA THR B 297 34.23 -32.59 -40.66
C THR B 297 35.28 -33.62 -41.13
N PRO B 298 35.59 -34.63 -40.27
CA PRO B 298 36.54 -35.71 -40.71
C PRO B 298 36.10 -36.49 -41.98
N SER B 299 34.78 -36.60 -42.21
CA SER B 299 34.20 -37.21 -43.41
C SER B 299 34.47 -36.54 -44.77
N GLY B 300 35.03 -35.33 -44.80
CA GLY B 300 35.17 -34.52 -46.01
C GLY B 300 34.01 -33.57 -46.23
N GLY B 301 33.06 -33.51 -45.28
CA GLY B 301 31.93 -32.58 -45.33
C GLY B 301 32.23 -31.26 -44.64
N LYS B 302 31.21 -30.67 -44.00
CA LYS B 302 31.31 -29.44 -43.23
C LYS B 302 30.12 -29.13 -42.30
N ILE B 303 30.31 -28.15 -41.42
CA ILE B 303 29.28 -27.60 -40.54
C ILE B 303 29.15 -26.12 -40.88
N LEU B 304 27.93 -25.70 -41.20
CA LEU B 304 27.58 -24.29 -41.34
C LEU B 304 26.76 -23.91 -40.15
N ARG B 305 26.74 -22.61 -39.86
CA ARG B 305 26.13 -22.10 -38.64
C ARG B 305 25.38 -20.82 -38.90
N ILE B 306 24.20 -20.68 -38.28
CA ILE B 306 23.45 -19.45 -38.25
C ILE B 306 23.13 -19.09 -36.82
N LEU B 307 23.54 -17.89 -36.43
CA LEU B 307 23.09 -17.28 -35.18
C LEU B 307 21.76 -16.64 -35.49
N TYR B 308 20.81 -16.77 -34.58
CA TYR B 308 19.54 -16.05 -34.74
C TYR B 308 18.88 -15.59 -33.42
N GLU B 309 18.13 -14.50 -33.53
CA GLU B 309 17.28 -14.01 -32.49
C GLU B 309 15.99 -14.84 -32.51
N GLU B 310 15.57 -15.38 -31.36
CA GLU B 310 14.22 -16.01 -31.19
C GLU B 310 13.43 -15.09 -30.28
N ASN B 311 12.24 -14.66 -30.73
CA ASN B 311 11.37 -13.70 -30.07
C ASN B 311 10.10 -14.38 -29.62
N ASP B 312 9.57 -13.92 -28.50
CA ASP B 312 8.28 -14.35 -27.97
C ASP B 312 7.52 -13.10 -27.57
N GLU B 313 6.49 -12.81 -28.36
CA GLU B 313 5.70 -11.61 -28.23
C GLU B 313 4.40 -11.85 -27.47
N SER B 314 4.20 -13.03 -26.90
CA SER B 314 2.98 -13.39 -26.10
C SER B 314 2.49 -12.34 -25.10
N GLU B 315 3.44 -11.72 -24.39
CA GLU B 315 3.16 -10.69 -23.38
C GLU B 315 3.10 -9.26 -23.89
N VAL B 316 3.34 -9.08 -25.18
CA VAL B 316 3.27 -7.76 -25.81
C VAL B 316 1.81 -7.49 -26.12
N GLU B 317 1.43 -6.24 -25.95
CA GLU B 317 0.03 -5.83 -26.14
C GLU B 317 -0.37 -5.95 -27.61
N ILE B 318 -1.62 -6.36 -27.83
CA ILE B 318 -2.23 -6.43 -29.14
C ILE B 318 -3.13 -5.22 -29.36
N ILE B 319 -2.80 -4.42 -30.38
CA ILE B 319 -3.71 -3.41 -30.93
C ILE B 319 -4.35 -3.82 -32.23
N HIS B 320 -5.37 -3.07 -32.61
CA HIS B 320 -6.09 -3.22 -33.87
C HIS B 320 -5.93 -2.00 -34.74
N VAL B 321 -5.49 -2.26 -35.96
CA VAL B 321 -5.38 -1.28 -37.01
C VAL B 321 -6.34 -1.68 -38.11
N THR B 322 -7.10 -0.69 -38.59
CA THR B 322 -8.05 -0.83 -39.69
C THR B 322 -7.39 -1.56 -40.90
N SER B 323 -8.09 -2.57 -41.38
CA SER B 323 -7.61 -3.31 -42.55
C SER B 323 -7.77 -2.36 -43.77
N PRO B 324 -6.77 -2.29 -44.66
CA PRO B 324 -6.86 -1.48 -45.92
C PRO B 324 -8.08 -1.74 -46.77
N MET B 325 -8.54 -2.98 -46.77
CA MET B 325 -9.72 -3.42 -47.46
C MET B 325 -10.93 -2.92 -46.69
N LEU B 326 -11.21 -1.62 -46.77
CA LEU B 326 -12.30 -0.95 -45.99
C LEU B 326 -13.67 -1.58 -46.10
N GLU B 327 -13.95 -2.16 -47.27
N GLU B 327 -13.97 -2.15 -47.26
CA GLU B 327 -15.16 -2.93 -47.57
CA GLU B 327 -15.26 -2.80 -47.53
C GLU B 327 -15.43 -4.05 -46.56
C GLU B 327 -15.45 -4.04 -46.58
N THR B 328 -14.36 -4.64 -46.05
CA THR B 328 -14.44 -5.74 -45.09
C THR B 328 -14.93 -5.32 -43.71
N ARG B 329 -14.60 -4.09 -43.30
CA ARG B 329 -15.05 -3.47 -42.04
C ARG B 329 -14.40 -4.27 -40.91
N ARG B 330 -13.12 -4.51 -41.08
CA ARG B 330 -12.28 -5.35 -40.23
C ARG B 330 -11.00 -4.61 -39.88
N ALA B 331 -10.21 -5.23 -39.03
CA ALA B 331 -9.06 -4.63 -38.42
C ALA B 331 -8.06 -5.76 -38.17
N ASP B 332 -6.80 -5.46 -38.38
CA ASP B 332 -5.71 -6.39 -38.24
C ASP B 332 -5.09 -6.25 -36.85
N SER B 333 -4.69 -7.37 -36.30
CA SER B 333 -3.97 -7.42 -35.03
C SER B 333 -2.47 -7.12 -35.18
N PHE B 334 -1.94 -6.23 -34.34
CA PHE B 334 -0.51 -5.92 -34.27
C PHE B 334 0.00 -6.06 -32.87
N ARG B 335 1.16 -6.69 -32.73
CA ARG B 335 1.97 -6.62 -31.52
C ARG B 335 2.68 -5.26 -31.46
N TYR B 336 2.24 -4.43 -30.50
CA TYR B 336 2.71 -3.04 -30.35
C TYR B 336 3.10 -2.78 -28.88
N PRO B 337 4.40 -2.75 -28.60
CA PRO B 337 4.81 -2.44 -27.23
C PRO B 337 4.72 -0.97 -26.96
N LYS B 338 3.61 -0.56 -26.35
CA LYS B 338 3.48 0.86 -25.97
C LYS B 338 4.38 1.16 -24.78
N THR B 339 4.74 2.43 -24.68
CA THR B 339 5.54 2.94 -23.57
C THR B 339 5.09 2.38 -22.23
N GLY B 340 6.06 1.90 -21.47
CA GLY B 340 5.87 1.33 -20.16
C GLY B 340 5.31 -0.09 -20.09
N THR B 341 5.26 -0.81 -21.22
CA THR B 341 4.69 -2.19 -21.28
C THR B 341 5.76 -3.14 -21.83
N ALA B 342 5.45 -4.45 -21.87
CA ALA B 342 6.48 -5.42 -22.17
C ALA B 342 6.90 -5.35 -23.63
N ASN B 343 8.21 -5.24 -23.83
CA ASN B 343 8.86 -5.65 -25.06
C ASN B 343 8.89 -7.17 -25.14
N PRO B 344 9.19 -7.70 -26.36
CA PRO B 344 9.28 -9.15 -26.53
C PRO B 344 10.33 -9.81 -25.65
N LYS B 345 10.06 -11.05 -25.25
CA LYS B 345 11.04 -11.91 -24.62
C LYS B 345 12.00 -12.38 -25.73
N VAL B 346 13.26 -11.99 -25.64
CA VAL B 346 14.29 -12.32 -26.63
C VAL B 346 15.35 -13.29 -26.08
N THR B 347 15.94 -14.06 -26.98
CA THR B 347 17.17 -14.81 -26.72
C THR B 347 17.94 -15.03 -28.02
N PHE B 348 19.14 -15.56 -27.88
CA PHE B 348 19.93 -16.03 -29.01
C PHE B 348 19.83 -17.53 -29.07
N LYS B 349 19.86 -18.04 -30.28
CA LYS B 349 19.89 -19.45 -30.56
C LYS B 349 20.87 -19.64 -31.69
N MET B 350 21.29 -20.88 -31.89
CA MET B 350 22.17 -21.21 -32.99
C MET B 350 21.76 -22.50 -33.70
N SER B 351 21.83 -22.50 -35.02
CA SER B 351 21.47 -23.64 -35.82
C SER B 351 22.74 -24.13 -36.44
N GLU B 352 23.01 -25.43 -36.25
CA GLU B 352 24.23 -26.08 -36.69
C GLU B 352 23.81 -27.07 -37.75
N ILE B 353 24.33 -26.86 -38.95
CA ILE B 353 23.83 -27.55 -40.15
C ILE B 353 24.96 -28.39 -40.70
N MET B 354 24.82 -29.73 -40.67
CA MET B 354 25.90 -30.66 -41.10
C MET B 354 25.63 -31.03 -42.54
N ILE B 355 26.61 -30.75 -43.40
CA ILE B 355 26.55 -30.98 -44.83
C ILE B 355 27.56 -32.07 -45.18
N ASP B 356 27.18 -32.97 -46.08
CA ASP B 356 28.08 -34.04 -46.51
C ASP B 356 29.04 -33.57 -47.60
N ALA B 357 29.90 -34.49 -48.04
CA ALA B 357 30.95 -34.22 -49.04
C ALA B 357 30.46 -33.60 -50.34
N GLU B 358 29.24 -33.95 -50.78
CA GLU B 358 28.66 -33.41 -52.03
C GLU B 358 27.39 -32.58 -51.75
N GLY B 359 27.41 -31.79 -50.68
CA GLY B 359 26.43 -30.76 -50.44
C GLY B 359 25.06 -31.12 -49.89
N ARG B 360 24.84 -32.36 -49.49
CA ARG B 360 23.54 -32.77 -48.94
C ARG B 360 23.54 -32.54 -47.45
N ILE B 361 22.44 -32.06 -46.91
CA ILE B 361 22.25 -31.95 -45.48
C ILE B 361 22.18 -33.35 -44.90
N ILE B 362 23.00 -33.57 -43.87
CA ILE B 362 22.96 -34.77 -43.06
C ILE B 362 22.04 -34.51 -41.87
N ASP B 363 22.26 -33.42 -41.14
CA ASP B 363 21.44 -33.13 -39.95
C ASP B 363 21.40 -31.65 -39.63
N VAL B 364 20.41 -31.25 -38.84
CA VAL B 364 20.29 -29.91 -38.30
C VAL B 364 20.08 -30.03 -36.81
N ILE B 365 20.93 -29.32 -36.05
CA ILE B 365 20.87 -29.35 -34.59
C ILE B 365 20.59 -27.91 -34.15
N ASP B 366 19.41 -27.71 -33.56
CA ASP B 366 19.03 -26.43 -33.01
C ASP B 366 19.64 -26.34 -31.60
N LYS B 367 20.35 -25.26 -31.34
CA LYS B 367 21.07 -25.07 -30.08
C LYS B 367 20.64 -23.80 -29.36
N GLU B 368 20.63 -23.86 -28.02
CA GLU B 368 20.21 -22.77 -27.12
C GLU B 368 21.35 -22.40 -26.16
N LEU B 369 21.29 -21.19 -25.60
CA LEU B 369 22.28 -20.75 -24.62
C LEU B 369 22.32 -21.66 -23.42
N ILE B 370 23.53 -21.94 -22.94
CA ILE B 370 23.75 -22.85 -21.82
C ILE B 370 23.03 -22.44 -20.54
N GLN B 371 22.89 -21.13 -20.33
CA GLN B 371 22.00 -20.58 -19.29
C GLN B 371 21.11 -19.51 -19.94
N PRO B 372 20.00 -19.11 -19.28
CA PRO B 372 19.12 -18.15 -19.90
C PRO B 372 19.74 -16.78 -20.22
N PHE B 373 19.20 -16.15 -21.25
CA PHE B 373 19.58 -14.82 -21.70
C PHE B 373 19.63 -13.80 -20.56
N GLU B 374 18.58 -13.78 -19.75
CA GLU B 374 18.46 -12.82 -18.63
C GLU B 374 19.56 -12.95 -17.57
N ILE B 375 20.11 -14.16 -17.42
CA ILE B 375 21.24 -14.44 -16.50
C ILE B 375 22.59 -14.01 -17.11
N LEU B 376 22.82 -14.48 -18.34
CA LEU B 376 24.06 -14.21 -19.07
C LEU B 376 24.25 -12.77 -19.53
N PHE B 377 23.16 -12.05 -19.74
CA PHE B 377 23.19 -10.66 -20.21
C PHE B 377 22.28 -9.80 -19.30
N GLU B 378 22.63 -9.75 -18.02
N GLU B 378 22.61 -9.75 -18.02
CA GLU B 378 21.92 -8.95 -16.98
CA GLU B 378 21.84 -9.01 -16.99
C GLU B 378 21.54 -7.57 -17.48
C GLU B 378 21.52 -7.57 -17.47
N GLY B 379 20.25 -7.21 -17.39
CA GLY B 379 19.77 -5.87 -17.70
C GLY B 379 19.50 -5.53 -19.15
N VAL B 380 19.76 -6.44 -20.08
CA VAL B 380 19.65 -6.15 -21.49
C VAL B 380 18.20 -6.28 -21.90
N GLU B 381 17.67 -5.24 -22.54
CA GLU B 381 16.32 -5.21 -23.10
C GLU B 381 16.35 -5.47 -24.62
N TYR B 382 17.23 -4.80 -25.34
CA TYR B 382 17.26 -4.79 -26.81
C TYR B 382 18.59 -5.34 -27.37
N ILE B 383 18.48 -6.26 -28.34
CA ILE B 383 19.58 -6.66 -29.21
C ILE B 383 19.62 -5.67 -30.38
N ALA B 384 20.48 -4.66 -30.32
CA ALA B 384 20.47 -3.59 -31.32
C ALA B 384 21.13 -4.03 -32.63
N ARG B 385 22.26 -4.71 -32.50
CA ARG B 385 23.01 -5.21 -33.65
C ARG B 385 23.63 -6.57 -33.28
N ALA B 386 23.93 -7.34 -34.33
CA ALA B 386 24.69 -8.56 -34.18
C ALA B 386 25.36 -8.93 -35.47
N GLY B 387 26.34 -9.80 -35.31
CA GLY B 387 27.10 -10.32 -36.44
C GLY B 387 28.08 -11.34 -35.93
N TRP B 388 29.09 -11.58 -36.75
CA TRP B 388 30.22 -12.45 -36.39
C TRP B 388 31.57 -11.78 -36.58
N THR B 389 32.57 -12.29 -35.88
CA THR B 389 33.94 -11.85 -36.10
C THR B 389 34.38 -12.38 -37.48
N PRO B 390 35.34 -11.74 -38.15
CA PRO B 390 35.72 -12.13 -39.51
C PRO B 390 36.11 -13.61 -39.73
N GLU B 391 36.76 -14.22 -38.76
CA GLU B 391 37.17 -15.66 -38.83
C GLU B 391 36.04 -16.60 -38.43
N GLY B 392 34.96 -16.08 -37.85
CA GLY B 392 33.89 -16.88 -37.28
C GLY B 392 34.14 -17.48 -35.90
N LYS B 393 35.20 -17.05 -35.19
CA LYS B 393 35.48 -17.59 -33.83
C LYS B 393 34.33 -17.24 -32.86
N TYR B 394 33.81 -16.02 -32.93
CA TYR B 394 32.77 -15.48 -32.02
C TYR B 394 31.65 -14.79 -32.80
N ALA B 395 30.43 -14.93 -32.30
CA ALA B 395 29.33 -14.01 -32.64
C ALA B 395 29.51 -12.82 -31.75
N TRP B 396 29.10 -11.66 -32.25
CA TRP B 396 29.08 -10.43 -31.46
C TRP B 396 27.71 -9.83 -31.43
N SER B 397 27.48 -8.98 -30.41
CA SER B 397 26.26 -8.26 -30.28
C SER B 397 26.42 -6.95 -29.57
N ILE B 398 25.62 -5.95 -29.99
CA ILE B 398 25.54 -4.66 -29.33
C ILE B 398 24.21 -4.66 -28.60
N LEU B 399 24.26 -4.48 -27.30
CA LEU B 399 23.16 -4.76 -26.38
C LEU B 399 22.85 -3.55 -25.54
N LEU B 400 21.57 -3.27 -25.39
CA LEU B 400 21.10 -2.10 -24.66
C LEU B 400 20.27 -2.51 -23.48
N ASP B 401 20.36 -1.72 -22.42
CA ASP B 401 19.40 -1.82 -21.33
C ASP B 401 18.11 -1.08 -21.71
N ARG B 402 17.06 -1.30 -20.92
CA ARG B 402 15.74 -0.72 -21.21
C ARG B 402 15.76 0.80 -21.34
N SER B 403 16.45 1.47 -20.45
CA SER B 403 16.49 2.93 -20.45
C SER B 403 17.35 3.51 -21.60
N GLN B 404 18.16 2.66 -22.24
CA GLN B 404 19.01 3.01 -23.38
C GLN B 404 20.10 4.00 -23.00
N THR B 405 20.59 3.81 -21.78
CA THR B 405 21.71 4.55 -21.24
C THR B 405 22.95 3.68 -21.05
N ARG B 406 22.86 2.37 -21.32
CA ARG B 406 24.00 1.45 -21.18
C ARG B 406 24.08 0.61 -22.44
N LEU B 407 25.19 0.70 -23.13
CA LEU B 407 25.54 -0.10 -24.29
C LEU B 407 26.64 -1.06 -23.88
N GLN B 408 26.55 -2.27 -24.41
CA GLN B 408 27.57 -3.31 -24.28
C GLN B 408 27.86 -3.91 -25.64
N ILE B 409 29.12 -4.21 -25.91
CA ILE B 409 29.50 -5.04 -27.04
C ILE B 409 29.93 -6.35 -26.42
N VAL B 410 29.30 -7.45 -26.82
CA VAL B 410 29.54 -8.74 -26.21
C VAL B 410 29.86 -9.78 -27.24
N LEU B 411 30.92 -10.58 -26.98
CA LEU B 411 31.30 -11.72 -27.81
C LEU B 411 30.76 -13.00 -27.21
N ILE B 412 30.22 -13.84 -28.08
CA ILE B 412 29.44 -15.01 -27.73
C ILE B 412 30.10 -16.17 -28.53
N SER B 413 30.79 -17.09 -27.87
CA SER B 413 31.38 -18.24 -28.54
C SER B 413 30.26 -19.23 -28.92
N PRO B 414 30.39 -19.92 -30.07
CA PRO B 414 29.50 -21.06 -30.35
C PRO B 414 29.48 -22.17 -29.28
N GLU B 415 30.60 -22.38 -28.59
CA GLU B 415 30.68 -23.33 -27.45
C GLU B 415 29.69 -23.02 -26.29
N LEU B 416 29.20 -21.79 -26.25
CA LEU B 416 28.19 -21.34 -25.28
C LEU B 416 26.75 -21.84 -25.54
N PHE B 417 26.52 -22.40 -26.73
CA PHE B 417 25.25 -23.02 -27.11
C PHE B 417 25.32 -24.52 -26.98
N ILE B 418 24.22 -25.14 -26.54
CA ILE B 418 24.09 -26.59 -26.47
C ILE B 418 22.83 -27.01 -27.18
N PRO B 419 22.77 -28.26 -27.66
CA PRO B 419 21.52 -28.81 -28.21
C PRO B 419 20.30 -28.61 -27.31
N VAL B 420 19.19 -28.26 -27.94
CA VAL B 420 17.90 -28.20 -27.29
C VAL B 420 17.59 -29.66 -26.99
N GLU B 421 17.25 -29.93 -25.73
CA GLU B 421 16.93 -31.26 -25.28
C GLU B 421 15.83 -31.19 -24.21
N ASP B 422 14.68 -31.80 -24.52
CA ASP B 422 13.57 -31.99 -23.57
C ASP B 422 13.95 -32.95 -22.40
N ASP B 423 14.72 -34.00 -22.71
CA ASP B 423 15.26 -34.96 -21.69
C ASP B 423 16.18 -34.29 -20.64
N VAL B 424 15.87 -34.44 -19.35
CA VAL B 424 16.59 -33.72 -18.26
C VAL B 424 17.94 -34.40 -17.91
N MET B 425 18.00 -35.73 -17.94
CA MET B 425 19.26 -36.53 -17.70
C MET B 425 20.34 -36.10 -18.71
N GLU B 426 19.98 -36.13 -19.99
CA GLU B 426 20.86 -35.72 -21.08
C GLU B 426 21.21 -34.22 -21.09
N ARG B 427 20.31 -33.35 -20.60
CA ARG B 427 20.60 -31.89 -20.47
C ARG B 427 21.77 -31.61 -19.54
N GLN B 428 21.82 -32.32 -18.41
CA GLN B 428 22.91 -32.17 -17.44
C GLN B 428 24.23 -32.60 -18.02
N ARG B 429 24.23 -33.76 -18.70
CA ARG B 429 25.42 -34.25 -19.44
C ARG B 429 25.96 -33.16 -20.38
N LEU B 430 25.05 -32.52 -21.13
CA LEU B 430 25.39 -31.43 -22.05
C LEU B 430 25.87 -30.15 -21.37
N ILE B 431 25.26 -29.79 -20.24
CA ILE B 431 25.70 -28.62 -19.47
C ILE B 431 27.09 -28.80 -18.86
N GLU B 432 27.35 -29.95 -18.24
CA GLU B 432 28.67 -30.27 -17.65
C GLU B 432 29.79 -30.43 -18.66
N SER B 433 29.44 -30.84 -19.87
CA SER B 433 30.40 -30.93 -20.98
C SER B 433 30.94 -29.57 -21.48
N VAL B 434 30.26 -28.48 -21.15
CA VAL B 434 30.73 -27.11 -21.47
C VAL B 434 31.59 -26.60 -20.31
N PRO B 435 32.88 -26.24 -20.59
CA PRO B 435 33.73 -25.74 -19.52
C PRO B 435 33.25 -24.42 -18.94
N ASP B 436 33.59 -24.20 -17.67
CA ASP B 436 33.24 -22.97 -16.96
C ASP B 436 33.89 -21.74 -17.55
N SER B 437 35.09 -21.93 -18.09
CA SER B 437 35.91 -20.90 -18.76
C SER B 437 35.29 -20.26 -20.00
N VAL B 438 34.38 -20.99 -20.63
CA VAL B 438 33.57 -20.50 -21.74
C VAL B 438 32.41 -19.64 -21.21
N THR B 439 32.56 -18.31 -21.34
CA THR B 439 31.62 -17.32 -20.85
C THR B 439 31.42 -16.26 -21.90
N PRO B 440 30.36 -15.45 -21.77
CA PRO B 440 30.30 -14.28 -22.64
C PRO B 440 31.34 -13.26 -22.21
N LEU B 441 31.82 -12.51 -23.18
CA LEU B 441 32.91 -11.58 -23.01
C LEU B 441 32.42 -10.18 -23.37
N ILE B 442 32.15 -9.36 -22.36
CA ILE B 442 31.82 -7.95 -22.54
C ILE B 442 33.14 -7.22 -22.84
N ILE B 443 33.37 -6.96 -24.13
CA ILE B 443 34.57 -6.25 -24.60
C ILE B 443 34.49 -4.72 -24.55
N TYR B 444 33.32 -4.17 -24.29
CA TYR B 444 33.12 -2.73 -24.24
C TYR B 444 31.78 -2.45 -23.57
N GLU B 445 31.77 -1.52 -22.65
CA GLU B 445 30.58 -1.11 -21.92
C GLU B 445 30.72 0.38 -21.74
N GLU B 446 29.62 1.09 -21.96
CA GLU B 446 29.60 2.54 -21.89
C GLU B 446 28.25 2.97 -21.40
N THR B 447 28.24 4.10 -20.72
CA THR B 447 27.05 4.72 -20.14
C THR B 447 26.96 6.19 -20.48
N THR B 448 25.73 6.70 -20.41
CA THR B 448 25.44 8.12 -20.63
C THR B 448 24.24 8.58 -19.80
N ASP B 449 24.24 9.86 -19.45
CA ASP B 449 23.11 10.50 -18.77
C ASP B 449 22.04 11.00 -19.75
N ILE B 450 22.32 10.94 -21.06
CA ILE B 450 21.39 11.38 -22.09
C ILE B 450 20.77 10.11 -22.75
N TRP B 451 21.36 9.59 -23.84
CA TRP B 451 20.94 8.32 -24.42
C TRP B 451 22.02 7.80 -25.37
N ILE B 452 22.01 6.49 -25.59
CA ILE B 452 22.82 5.83 -26.60
C ILE B 452 22.08 5.97 -27.93
N ASN B 453 22.75 6.54 -28.93
CA ASN B 453 22.30 6.52 -30.31
C ASN B 453 23.03 5.37 -30.99
N ILE B 454 22.26 4.35 -31.40
CA ILE B 454 22.79 3.20 -32.11
C ILE B 454 23.29 3.63 -33.47
N HIS B 455 24.38 3.00 -33.90
CA HIS B 455 24.96 3.22 -35.22
C HIS B 455 25.50 1.91 -35.76
N ASP B 456 25.92 1.97 -37.00
CA ASP B 456 26.39 0.81 -37.77
C ASP B 456 27.92 0.65 -37.81
N ILE B 457 28.65 1.56 -37.17
CA ILE B 457 30.10 1.50 -37.04
C ILE B 457 30.57 0.47 -36.00
N PHE B 458 31.20 -0.60 -36.48
CA PHE B 458 31.89 -1.56 -35.63
C PHE B 458 32.82 -2.40 -36.52
N HIS B 459 34.14 -2.23 -36.43
CA HIS B 459 35.13 -2.95 -37.26
C HIS B 459 36.02 -3.78 -36.37
N VAL B 460 36.09 -5.09 -36.63
CA VAL B 460 36.94 -6.03 -35.90
C VAL B 460 38.15 -6.41 -36.78
N PHE B 461 39.35 -6.19 -36.24
CA PHE B 461 40.60 -6.61 -36.90
C PHE B 461 40.84 -8.12 -36.74
N PRO B 462 41.71 -8.71 -37.60
CA PRO B 462 42.10 -10.12 -37.36
C PRO B 462 42.77 -10.31 -35.99
N GLN B 463 42.55 -11.47 -35.35
CA GLN B 463 43.17 -11.77 -34.04
C GLN B 463 44.68 -12.06 -34.18
N SER B 464 45.53 -11.27 -33.52
CA SER B 464 46.96 -11.57 -33.35
C SER B 464 47.18 -12.65 -32.29
N HIS B 465 46.51 -12.49 -31.15
CA HIS B 465 46.74 -13.27 -29.92
C HIS B 465 45.36 -13.83 -29.46
N GLU B 466 45.33 -15.10 -29.04
CA GLU B 466 44.09 -15.76 -28.53
C GLU B 466 43.44 -15.02 -27.37
N GLU B 467 44.24 -14.34 -26.53
CA GLU B 467 43.77 -13.60 -25.34
C GLU B 467 43.47 -12.08 -25.60
N GLU B 468 43.26 -11.66 -26.85
CA GLU B 468 43.20 -10.23 -27.19
C GLU B 468 42.36 -9.97 -28.44
N ILE B 469 41.53 -8.94 -28.45
CA ILE B 469 40.79 -8.48 -29.64
C ILE B 469 40.86 -6.97 -29.83
N GLU B 470 41.00 -6.55 -31.08
CA GLU B 470 41.28 -5.17 -31.46
C GLU B 470 40.15 -4.74 -32.38
N PHE B 471 39.57 -3.57 -32.14
CA PHE B 471 38.42 -3.11 -32.93
C PHE B 471 38.28 -1.60 -32.95
N ILE B 472 37.56 -1.09 -33.95
CA ILE B 472 37.18 0.31 -33.98
C ILE B 472 35.70 0.36 -33.67
N PHE B 473 35.32 1.27 -32.78
CA PHE B 473 33.91 1.57 -32.47
C PHE B 473 33.77 3.09 -32.48
N ALA B 474 32.53 3.60 -32.44
CA ALA B 474 32.24 5.00 -32.40
C ALA B 474 31.38 5.29 -31.20
N SER B 475 31.60 6.47 -30.59
CA SER B 475 30.88 6.82 -29.38
C SER B 475 30.83 8.30 -29.09
N GLU B 476 29.67 8.70 -28.55
CA GLU B 476 29.41 10.05 -28.00
C GLU B 476 29.58 10.10 -26.47
N CYS B 477 29.83 8.95 -25.85
CA CYS B 477 29.84 8.85 -24.39
C CYS B 477 31.03 9.50 -23.71
N LYS B 478 32.20 9.52 -24.33
CA LYS B 478 33.36 10.25 -23.78
C LYS B 478 33.13 11.78 -23.80
N THR B 479 32.91 12.34 -24.98
CA THR B 479 32.95 13.81 -25.20
C THR B 479 31.62 14.50 -25.49
N GLY B 480 30.58 13.74 -25.80
CA GLY B 480 29.30 14.31 -26.30
C GLY B 480 29.22 14.55 -27.81
N PHE B 481 30.27 14.24 -28.57
CA PHE B 481 30.24 14.14 -30.01
C PHE B 481 30.71 12.75 -30.39
N ARG B 482 30.10 12.20 -31.45
CA ARG B 482 30.45 10.85 -31.90
C ARG B 482 31.82 10.87 -32.53
N HIS B 483 32.72 10.05 -31.99
CA HIS B 483 34.06 9.92 -32.50
C HIS B 483 34.50 8.47 -32.57
N LEU B 484 35.54 8.24 -33.36
CA LEU B 484 36.14 6.92 -33.53
C LEU B 484 37.19 6.65 -32.46
N TYR B 485 37.15 5.43 -31.92
CA TYR B 485 38.09 4.98 -30.89
C TYR B 485 38.59 3.62 -31.31
N LYS B 486 39.92 3.43 -31.26
CA LYS B 486 40.52 2.11 -31.44
C LYS B 486 40.73 1.54 -30.05
N ILE B 487 40.16 0.37 -29.83
CA ILE B 487 40.09 -0.27 -28.53
C ILE B 487 40.71 -1.65 -28.65
N THR B 488 41.40 -2.09 -27.60
CA THR B 488 41.98 -3.43 -27.52
C THR B 488 41.55 -3.99 -26.17
N SER B 489 40.80 -5.10 -26.16
CA SER B 489 40.25 -5.68 -24.92
C SER B 489 40.89 -7.03 -24.65
N ILE B 490 41.06 -7.34 -23.36
CA ILE B 490 41.67 -8.60 -22.89
C ILE B 490 40.55 -9.66 -22.69
N LEU B 491 40.72 -10.82 -23.32
CA LEU B 491 39.79 -11.95 -23.18
C LEU B 491 40.25 -12.95 -22.09
N LYS B 492 40.08 -12.60 -20.81
CA LYS B 492 40.52 -13.51 -19.72
C LYS B 492 39.37 -14.47 -19.36
N GLU B 493 39.73 -15.58 -18.72
CA GLU B 493 38.80 -16.48 -18.03
C GLU B 493 38.01 -15.69 -16.97
N SER B 494 36.70 -15.89 -16.90
CA SER B 494 35.89 -15.18 -15.88
C SER B 494 36.12 -15.75 -14.47
N LYS B 495 35.98 -14.88 -13.46
CA LYS B 495 35.90 -15.32 -12.04
C LYS B 495 34.69 -16.22 -11.82
N TYR B 496 33.61 -15.97 -12.56
CA TYR B 496 32.42 -16.83 -12.54
C TYR B 496 32.65 -18.22 -13.14
N LYS B 497 32.34 -19.22 -12.31
CA LYS B 497 32.40 -20.63 -12.68
C LYS B 497 31.02 -21.28 -12.43
N ARG B 498 30.34 -21.58 -13.54
CA ARG B 498 29.05 -22.28 -13.58
C ARG B 498 28.88 -23.48 -12.64
N SER B 499 29.89 -24.36 -12.65
CA SER B 499 30.08 -25.48 -11.71
C SER B 499 29.54 -25.21 -10.32
N SER B 500 30.03 -24.12 -9.74
CA SER B 500 29.70 -23.71 -8.37
C SER B 500 28.22 -23.40 -8.13
N GLY B 501 27.44 -23.26 -9.20
CA GLY B 501 26.00 -23.40 -9.14
C GLY B 501 25.26 -22.17 -8.69
N GLY B 502 25.92 -21.01 -8.75
CA GLY B 502 25.30 -19.72 -8.47
C GLY B 502 25.06 -18.98 -9.77
N LEU B 503 24.71 -17.70 -9.61
CA LEU B 503 24.40 -16.78 -10.68
C LEU B 503 25.55 -15.75 -10.78
N PRO B 504 25.91 -15.28 -11.99
CA PRO B 504 27.01 -14.33 -12.11
C PRO B 504 26.63 -12.90 -11.71
N ALA B 505 27.53 -12.23 -10.98
CA ALA B 505 27.41 -10.79 -10.62
C ALA B 505 27.62 -9.92 -11.87
N PRO B 506 27.03 -8.71 -11.94
CA PRO B 506 27.01 -7.88 -13.19
C PRO B 506 28.38 -7.65 -13.90
N SER B 507 29.38 -7.33 -13.08
CA SER B 507 30.75 -7.11 -13.55
C SER B 507 31.54 -8.39 -13.99
N ASP B 508 31.06 -9.60 -13.68
CA ASP B 508 31.85 -10.87 -13.92
C ASP B 508 32.32 -11.21 -15.36
N PHE B 509 31.57 -10.75 -16.35
CA PHE B 509 31.93 -10.96 -17.74
C PHE B 509 32.60 -9.75 -18.38
N LYS B 510 32.81 -8.63 -17.64
CA LYS B 510 33.50 -7.41 -18.18
C LYS B 510 34.99 -7.74 -18.46
N CYS B 511 35.43 -7.44 -19.68
CA CYS B 511 36.84 -7.55 -20.09
C CYS B 511 37.60 -6.28 -19.70
N PRO B 512 38.86 -6.40 -19.22
CA PRO B 512 39.65 -5.21 -19.08
C PRO B 512 40.02 -4.61 -20.44
N ILE B 513 40.11 -3.27 -20.44
CA ILE B 513 40.54 -2.52 -21.62
C ILE B 513 42.04 -2.31 -21.53
N LYS B 514 42.78 -2.92 -22.46
CA LYS B 514 44.22 -2.70 -22.61
C LYS B 514 44.53 -1.31 -23.14
N GLU B 515 43.90 -0.91 -24.24
CA GLU B 515 44.16 0.36 -24.91
C GLU B 515 42.84 0.92 -25.42
N GLU B 516 42.70 2.24 -25.31
CA GLU B 516 41.57 2.97 -25.88
C GLU B 516 42.11 4.31 -26.39
N ILE B 517 42.47 4.41 -27.69
CA ILE B 517 42.95 5.68 -28.26
C ILE B 517 41.86 6.29 -29.11
N ALA B 518 41.63 7.57 -28.91
CA ALA B 518 40.74 8.37 -29.74
C ALA B 518 41.38 8.61 -31.10
N ILE B 519 40.71 8.19 -32.16
CA ILE B 519 41.18 8.38 -33.53
C ILE B 519 40.76 9.77 -34.05
N THR B 520 39.60 10.26 -33.59
CA THR B 520 39.07 11.57 -33.97
C THR B 520 38.58 12.30 -32.72
N SER B 521 38.53 13.63 -32.81
CA SER B 521 38.07 14.45 -31.66
C SER B 521 37.68 15.83 -32.15
N GLY B 522 36.86 16.52 -31.35
CA GLY B 522 36.41 17.87 -31.65
C GLY B 522 34.89 18.08 -31.48
N GLU B 523 34.50 19.33 -31.77
CA GLU B 523 33.13 19.81 -31.71
C GLU B 523 32.37 19.51 -32.99
N TRP B 524 32.32 18.24 -33.34
CA TRP B 524 31.74 17.75 -34.59
C TRP B 524 31.62 16.22 -34.52
N GLU B 525 30.74 15.63 -35.34
CA GLU B 525 30.45 14.19 -35.26
C GLU B 525 30.90 13.40 -36.48
N VAL B 526 31.26 12.15 -36.22
CA VAL B 526 31.33 11.12 -37.23
C VAL B 526 29.91 10.58 -37.43
N LEU B 527 29.58 10.28 -38.69
CA LEU B 527 28.24 9.81 -39.07
C LEU B 527 28.24 8.31 -39.18
N GLY B 528 27.27 7.68 -38.55
CA GLY B 528 27.18 6.20 -38.52
C GLY B 528 25.82 5.58 -38.81
N ARG B 529 24.87 6.39 -39.28
CA ARG B 529 23.55 5.93 -39.65
C ARG B 529 23.23 6.29 -41.09
N HIS B 530 22.15 5.67 -41.57
CA HIS B 530 21.54 5.98 -42.87
C HIS B 530 22.48 5.70 -44.06
N GLY B 531 23.30 4.67 -43.92
CA GLY B 531 24.35 4.33 -44.88
C GLY B 531 25.74 4.86 -44.62
N SER B 532 25.86 5.92 -43.82
CA SER B 532 27.16 6.46 -43.42
C SER B 532 27.88 5.41 -42.56
N ASN B 533 29.11 5.13 -42.92
CA ASN B 533 29.89 4.15 -42.22
C ASN B 533 31.35 4.46 -42.47
N ILE B 534 32.23 3.61 -41.95
CA ILE B 534 33.66 3.69 -42.18
C ILE B 534 34.12 2.64 -43.17
N GLN B 535 35.31 2.84 -43.73
CA GLN B 535 36.02 1.85 -44.53
C GLN B 535 37.47 1.89 -44.02
N VAL B 536 38.02 0.72 -43.71
CA VAL B 536 39.32 0.60 -43.11
C VAL B 536 40.28 -0.02 -44.12
N ASP B 537 41.41 0.66 -44.32
CA ASP B 537 42.53 0.18 -45.10
C ASP B 537 43.53 -0.39 -44.12
N GLU B 538 43.56 -1.72 -44.01
CA GLU B 538 44.49 -2.42 -43.11
C GLU B 538 45.96 -2.39 -43.58
N VAL B 539 46.18 -2.12 -44.87
CA VAL B 539 47.51 -2.08 -45.46
C VAL B 539 48.16 -0.76 -45.07
N ARG B 540 47.51 0.34 -45.45
CA ARG B 540 47.97 1.70 -45.11
C ARG B 540 47.62 2.16 -43.68
N ARG B 541 46.82 1.40 -42.96
CA ARG B 541 46.39 1.71 -41.60
C ARG B 541 45.64 3.03 -41.47
N LEU B 542 44.66 3.18 -42.37
CA LEU B 542 43.83 4.38 -42.48
C LEU B 542 42.38 4.02 -42.31
N VAL B 543 41.60 4.98 -41.84
CA VAL B 543 40.16 4.82 -41.75
C VAL B 543 39.46 6.00 -42.46
N TYR B 544 38.58 5.64 -43.42
CA TYR B 544 37.75 6.62 -44.15
C TYR B 544 36.45 6.71 -43.43
N PHE B 545 35.97 7.92 -43.22
CA PHE B 545 34.71 8.17 -42.51
C PHE B 545 34.08 9.47 -42.99
N GLU B 546 32.77 9.59 -42.74
CA GLU B 546 31.99 10.82 -43.05
C GLU B 546 31.73 11.59 -41.77
N GLY B 547 31.76 12.92 -41.87
CA GLY B 547 31.58 13.77 -40.69
C GLY B 547 31.20 15.21 -40.93
N THR B 548 30.98 15.92 -39.84
CA THR B 548 30.54 17.35 -39.84
C THR B 548 31.63 18.39 -39.52
N LYS B 549 32.90 17.98 -39.67
CA LYS B 549 34.02 18.78 -39.18
C LYS B 549 34.04 20.19 -39.78
N ASP B 550 33.90 20.28 -41.10
CA ASP B 550 33.87 21.57 -41.79
C ASP B 550 32.63 22.42 -41.50
N SER B 551 31.50 21.80 -41.23
CA SER B 551 30.23 22.52 -41.10
C SER B 551 29.13 21.59 -40.68
N PRO B 552 28.25 22.01 -39.76
CA PRO B 552 27.06 21.18 -39.50
C PRO B 552 26.04 21.14 -40.67
N LEU B 553 26.20 22.02 -41.65
CA LEU B 553 25.37 22.06 -42.85
C LEU B 553 25.86 21.21 -44.02
N GLU B 554 27.01 20.56 -43.91
CA GLU B 554 27.58 19.73 -44.97
C GLU B 554 28.18 18.49 -44.35
N HIS B 555 27.94 17.37 -44.99
CA HIS B 555 28.63 16.11 -44.72
C HIS B 555 29.80 15.99 -45.69
N HIS B 556 30.95 15.59 -45.17
CA HIS B 556 32.15 15.41 -45.98
C HIS B 556 32.80 14.11 -45.70
N LEU B 557 33.64 13.69 -46.65
CA LEU B 557 34.45 12.50 -46.51
C LEU B 557 35.83 12.87 -45.97
N TYR B 558 36.30 12.08 -45.00
CA TYR B 558 37.56 12.32 -44.36
C TYR B 558 38.33 11.03 -44.25
N VAL B 559 39.65 11.19 -44.13
CA VAL B 559 40.55 10.08 -43.84
C VAL B 559 41.52 10.48 -42.71
N VAL B 560 41.92 9.48 -41.94
CA VAL B 560 42.81 9.62 -40.81
C VAL B 560 43.54 8.30 -40.58
N SER B 561 44.74 8.36 -40.01
CA SER B 561 45.45 7.16 -39.55
C SER B 561 44.80 6.64 -38.26
N TYR B 562 44.53 5.35 -38.19
CA TYR B 562 44.08 4.71 -36.94
C TYR B 562 45.23 4.31 -35.99
N VAL B 563 46.43 4.13 -36.54
CA VAL B 563 47.55 3.69 -35.75
C VAL B 563 48.23 4.84 -35.03
N ASN B 564 48.38 5.98 -35.69
CA ASN B 564 49.03 7.12 -35.06
C ASN B 564 48.26 8.40 -35.31
N PRO B 565 47.03 8.47 -34.78
CA PRO B 565 46.07 9.44 -35.28
C PRO B 565 46.47 10.89 -35.11
N GLY B 566 46.26 11.70 -36.17
CA GLY B 566 46.56 13.15 -36.15
C GLY B 566 45.78 14.01 -37.14
N GLU B 567 46.43 14.45 -38.20
CA GLU B 567 45.80 15.24 -39.26
C GLU B 567 44.63 14.45 -39.90
N VAL B 568 43.44 15.02 -39.80
CA VAL B 568 42.26 14.55 -40.52
C VAL B 568 42.20 15.30 -41.86
N THR B 569 42.19 14.57 -42.96
CA THR B 569 42.16 15.12 -44.32
C THR B 569 40.75 15.01 -44.90
N ARG B 570 40.16 16.14 -45.29
CA ARG B 570 38.90 16.19 -46.05
C ARG B 570 39.18 15.86 -47.52
N LEU B 571 38.46 14.88 -48.02
CA LEU B 571 38.58 14.44 -49.42
C LEU B 571 37.52 15.07 -50.34
N THR B 572 36.36 15.46 -49.82
CA THR B 572 35.33 16.05 -50.65
C THR B 572 35.43 17.57 -50.71
N ASP B 573 34.79 18.18 -51.70
CA ASP B 573 34.92 19.63 -51.93
C ASP B 573 33.89 20.40 -51.15
N ARG B 574 34.30 21.55 -50.58
CA ARG B 574 33.39 22.42 -49.85
C ARG B 574 32.37 23.02 -50.78
N GLY B 575 31.24 23.40 -50.20
CA GLY B 575 30.09 23.97 -50.92
C GLY B 575 29.04 23.00 -51.39
N TYR B 576 29.21 21.73 -51.04
CA TYR B 576 28.30 20.64 -51.30
C TYR B 576 28.25 19.76 -50.05
N SER B 577 27.11 19.14 -49.83
CA SER B 577 26.95 18.06 -48.82
C SER B 577 27.04 16.75 -49.58
N HIS B 578 27.71 15.77 -48.98
CA HIS B 578 28.18 14.56 -49.66
C HIS B 578 27.71 13.34 -48.91
N SER B 579 27.36 12.33 -49.69
CA SER B 579 27.07 11.01 -49.23
C SER B 579 27.91 10.06 -50.11
N CYS B 580 28.75 9.28 -49.44
CA CYS B 580 29.87 8.62 -50.06
C CYS B 580 29.93 7.15 -49.75
N CYS B 581 30.57 6.46 -50.67
CA CYS B 581 30.82 5.05 -50.63
C CYS B 581 32.30 4.90 -51.00
N ILE B 582 33.08 4.17 -50.21
CA ILE B 582 34.48 3.90 -50.51
C ILE B 582 34.61 2.47 -51.04
N SER B 583 35.35 2.29 -52.12
CA SER B 583 35.72 0.97 -52.64
C SER B 583 36.38 0.13 -51.57
N GLN B 584 36.02 -1.15 -51.53
CA GLN B 584 36.66 -2.15 -50.64
C GLN B 584 38.19 -2.19 -50.80
N HIS B 585 38.65 -1.89 -52.02
CA HIS B 585 40.10 -1.80 -52.35
C HIS B 585 40.78 -0.49 -51.93
N CYS B 586 40.01 0.50 -51.47
CA CYS B 586 40.50 1.74 -50.88
C CYS B 586 41.23 2.68 -51.82
N ASP B 587 41.00 2.51 -53.11
CA ASP B 587 41.64 3.34 -54.16
C ASP B 587 40.64 4.16 -54.98
N PHE B 588 39.35 4.11 -54.61
CA PHE B 588 38.30 4.93 -55.22
C PHE B 588 37.25 5.22 -54.19
N PHE B 589 36.51 6.29 -54.44
CA PHE B 589 35.28 6.53 -53.75
C PHE B 589 34.31 7.26 -54.67
N ILE B 590 33.03 7.16 -54.30
CA ILE B 590 31.91 7.75 -55.01
C ILE B 590 31.25 8.71 -54.05
N SER B 591 30.86 9.88 -54.55
CA SER B 591 30.09 10.83 -53.80
C SER B 591 28.84 11.12 -54.57
N LYS B 592 27.70 10.98 -53.89
CA LYS B 592 26.45 11.63 -54.26
C LYS B 592 26.41 12.95 -53.50
N TYR B 593 26.33 14.04 -54.25
CA TYR B 593 26.45 15.37 -53.68
C TYR B 593 25.48 16.36 -54.32
N SER B 594 25.06 17.33 -53.52
CA SER B 594 24.21 18.41 -53.94
C SER B 594 24.48 19.65 -53.12
N ASN B 595 23.88 20.75 -53.54
CA ASN B 595 23.71 21.88 -52.67
C ASN B 595 22.38 22.55 -52.91
N GLN B 596 22.12 23.56 -52.14
CA GLN B 596 20.88 24.29 -52.17
C GLN B 596 20.54 24.79 -53.61
N LYS B 597 21.53 25.22 -54.39
CA LYS B 597 21.32 25.65 -55.82
C LYS B 597 21.26 24.49 -56.88
N ASN B 598 21.88 23.34 -56.58
CA ASN B 598 22.17 22.29 -57.56
C ASN B 598 21.63 20.95 -57.19
N PRO B 599 20.84 20.31 -58.09
CA PRO B 599 20.42 18.95 -57.78
C PRO B 599 21.53 17.91 -57.68
N HIS B 600 21.20 16.76 -57.12
N HIS B 600 21.19 16.76 -57.12
CA HIS B 600 22.14 15.70 -56.82
CA HIS B 600 22.14 15.71 -56.77
C HIS B 600 22.90 15.24 -58.09
C HIS B 600 22.90 15.24 -58.06
N CYS B 601 24.22 15.08 -57.93
CA CYS B 601 25.12 14.47 -58.94
C CYS B 601 25.72 13.26 -58.27
N VAL B 602 26.23 12.32 -59.06
CA VAL B 602 27.03 11.23 -58.53
C VAL B 602 28.28 11.11 -59.35
N SER B 603 29.44 11.20 -58.68
CA SER B 603 30.73 11.20 -59.36
C SER B 603 31.66 10.21 -58.68
N LEU B 604 32.60 9.71 -59.47
CA LEU B 604 33.64 8.78 -59.05
C LEU B 604 34.98 9.52 -58.96
N TYR B 605 35.69 9.29 -57.85
CA TYR B 605 37.00 9.89 -57.59
C TYR B 605 38.03 8.79 -57.32
N LYS B 606 39.19 8.90 -57.97
CA LYS B 606 40.37 8.02 -57.72
C LYS B 606 41.18 8.58 -56.55
N LEU B 607 41.65 7.68 -55.67
CA LEU B 607 42.49 8.00 -54.52
C LEU B 607 43.93 7.59 -54.78
N SER B 608 44.84 8.54 -54.60
CA SER B 608 46.26 8.22 -54.54
C SER B 608 46.92 8.90 -53.33
N SER B 609 48.16 8.51 -53.08
CA SER B 609 49.02 9.14 -52.10
C SER B 609 50.26 9.66 -52.80
N PRO B 610 50.80 10.79 -52.34
CA PRO B 610 52.12 11.23 -52.88
C PRO B 610 53.27 10.24 -52.62
N GLU B 611 54.26 10.17 -53.52
CA GLU B 611 55.38 9.20 -53.38
C GLU B 611 56.10 9.29 -52.02
N ASP B 612 56.30 10.51 -51.54
CA ASP B 612 56.95 10.74 -50.26
C ASP B 612 56.16 10.36 -48.99
N ASP B 613 54.85 10.17 -49.05
CA ASP B 613 54.05 9.94 -47.82
C ASP B 613 52.75 9.14 -48.08
N PRO B 614 52.80 7.82 -47.91
CA PRO B 614 51.59 7.00 -48.08
C PRO B 614 50.43 7.23 -47.09
N THR B 615 50.66 7.87 -45.94
CA THR B 615 49.59 8.36 -45.05
C THR B 615 48.69 9.39 -45.68
N CYS B 616 49.28 10.25 -46.51
CA CYS B 616 48.60 11.39 -47.05
C CYS B 616 47.78 10.93 -48.23
N LYS B 617 46.50 11.28 -48.25
CA LYS B 617 45.63 10.87 -49.32
C LYS B 617 45.17 12.08 -50.11
N THR B 618 45.23 11.93 -51.44
CA THR B 618 44.68 12.88 -52.39
C THR B 618 43.64 12.21 -53.30
N LYS B 619 42.91 13.05 -54.02
CA LYS B 619 41.76 12.68 -54.81
C LYS B 619 41.88 13.32 -56.19
N GLU B 620 41.53 12.56 -57.22
CA GLU B 620 41.31 13.07 -58.56
C GLU B 620 39.93 12.65 -59.11
N PHE B 621 39.19 13.59 -59.71
CA PHE B 621 37.95 13.27 -60.44
C PHE B 621 38.29 12.26 -61.55
N TRP B 622 37.46 11.19 -61.63
CA TRP B 622 37.59 10.14 -62.66
C TRP B 622 36.45 10.16 -63.69
N ALA B 623 35.21 10.16 -63.20
CA ALA B 623 34.03 10.06 -64.07
C ALA B 623 32.75 10.45 -63.41
N THR B 624 31.81 10.90 -64.22
CA THR B 624 30.44 11.09 -63.80
C THR B 624 29.66 9.78 -63.99
N ILE B 625 28.93 9.41 -62.95
CA ILE B 625 27.94 8.33 -63.00
C ILE B 625 26.57 8.92 -63.33
N LEU B 626 26.19 10.00 -62.66
CA LEU B 626 24.91 10.66 -62.84
C LEU B 626 25.12 12.17 -62.83
N ASP B 627 24.75 12.79 -63.95
CA ASP B 627 24.78 14.23 -64.10
C ASP B 627 23.50 14.81 -63.51
N SER B 628 23.54 16.02 -62.93
CA SER B 628 22.31 16.63 -62.38
C SER B 628 21.51 17.23 -63.53
N ALA B 629 20.27 17.60 -63.25
CA ALA B 629 19.36 18.12 -64.28
C ALA B 629 19.61 19.61 -64.70
N GLY B 630 20.80 20.16 -64.42
CA GLY B 630 21.00 21.61 -64.26
C GLY B 630 20.16 22.12 -63.10
N PRO B 631 20.17 23.45 -62.85
CA PRO B 631 19.09 24.00 -61.97
C PRO B 631 17.64 23.81 -62.52
N LEU B 632 16.69 23.37 -61.67
CA LEU B 632 15.25 23.22 -62.04
C LEU B 632 14.66 24.59 -62.39
N PRO B 633 13.86 24.67 -63.47
CA PRO B 633 13.58 25.98 -64.06
C PRO B 633 12.56 26.86 -63.31
N ASP B 634 11.52 26.27 -62.71
CA ASP B 634 10.51 27.01 -61.97
C ASP B 634 10.71 26.74 -60.46
N TYR B 635 11.94 26.99 -59.99
CA TYR B 635 12.35 26.81 -58.56
C TYR B 635 13.43 27.81 -58.11
N THR B 636 13.14 28.61 -57.07
CA THR B 636 14.13 29.50 -56.41
C THR B 636 14.37 28.97 -55.00
N PRO B 637 15.64 28.64 -54.68
CA PRO B 637 15.93 28.01 -53.38
C PRO B 637 15.86 28.96 -52.21
N PRO B 638 15.78 28.40 -50.99
CA PRO B 638 15.84 29.24 -49.84
C PRO B 638 17.28 29.71 -49.50
N GLU B 639 17.37 30.81 -48.75
CA GLU B 639 18.63 31.23 -48.11
C GLU B 639 18.74 30.55 -46.76
N ILE B 640 19.92 30.01 -46.44
CA ILE B 640 20.21 29.54 -45.09
C ILE B 640 20.61 30.75 -44.24
N PHE B 641 20.00 30.87 -43.07
CA PHE B 641 20.37 31.88 -42.07
C PHE B 641 20.70 31.20 -40.76
N SER B 642 21.26 32.01 -39.87
CA SER B 642 21.55 31.61 -38.49
C SER B 642 21.37 32.76 -37.52
N PHE B 643 21.15 32.40 -36.26
CA PHE B 643 21.01 33.35 -35.17
C PHE B 643 21.57 32.78 -33.88
N GLU B 644 22.10 33.69 -33.05
CA GLU B 644 22.66 33.34 -31.76
C GLU B 644 21.51 33.35 -30.79
N SER B 645 21.20 32.18 -30.25
CA SER B 645 20.04 31.99 -29.39
C SER B 645 20.40 32.34 -27.97
N THR B 646 19.41 32.81 -27.20
CA THR B 646 19.51 32.97 -25.73
C THR B 646 19.86 31.67 -24.99
N THR B 647 19.56 30.56 -25.62
CA THR B 647 19.95 29.23 -25.16
C THR B 647 21.44 28.90 -25.25
N GLY B 648 22.23 29.77 -25.89
CA GLY B 648 23.68 29.57 -25.99
C GLY B 648 24.17 28.96 -27.30
N PHE B 649 23.26 28.39 -28.07
CA PHE B 649 23.57 27.76 -29.36
C PHE B 649 23.32 28.69 -30.51
N THR B 650 24.15 28.53 -31.54
CA THR B 650 23.80 29.01 -32.89
C THR B 650 22.69 28.08 -33.40
N LEU B 651 21.57 28.64 -33.84
CA LEU B 651 20.53 27.87 -34.55
C LEU B 651 20.47 28.25 -36.00
N TYR B 652 20.18 27.27 -36.86
CA TYR B 652 20.13 27.51 -38.30
C TYR B 652 18.69 27.38 -38.81
N GLY B 653 18.43 28.12 -39.88
CA GLY B 653 17.17 28.09 -40.56
C GLY B 653 17.31 28.31 -42.05
N MET B 654 16.19 28.12 -42.73
CA MET B 654 16.06 28.38 -44.16
C MET B 654 14.92 29.38 -44.32
N LEU B 655 15.07 30.31 -45.26
CA LEU B 655 14.07 31.34 -45.53
C LEU B 655 13.74 31.31 -47.02
N TYR B 656 12.46 31.16 -47.34
CA TYR B 656 11.95 31.31 -48.70
C TYR B 656 11.25 32.67 -48.72
N LYS B 657 11.87 33.66 -49.38
CA LYS B 657 11.23 34.96 -49.58
C LYS B 657 10.13 34.81 -50.64
N PRO B 658 9.05 35.60 -50.53
CA PRO B 658 8.06 35.63 -51.60
C PRO B 658 8.65 36.10 -52.92
N HIS B 659 8.16 35.49 -54.00
CA HIS B 659 8.63 35.78 -55.36
C HIS B 659 7.93 37.09 -55.78
N ASP B 660 8.56 37.87 -56.66
CA ASP B 660 8.09 39.23 -57.03
C ASP B 660 7.65 40.00 -55.76
N LEU B 661 8.60 40.09 -54.83
CA LEU B 661 8.43 40.75 -53.55
C LEU B 661 8.30 42.27 -53.75
N GLN B 662 7.09 42.78 -53.56
N GLN B 662 7.08 42.78 -53.54
CA GLN B 662 6.81 44.20 -53.74
CA GLN B 662 6.77 44.19 -53.69
C GLN B 662 7.29 44.96 -52.48
C GLN B 662 7.31 44.95 -52.45
N PRO B 663 7.88 46.16 -52.66
CA PRO B 663 8.38 46.93 -51.51
C PRO B 663 7.22 47.60 -50.76
N GLY B 664 7.41 47.82 -49.45
CA GLY B 664 6.37 48.36 -48.58
C GLY B 664 5.14 47.47 -48.31
N LYS B 665 5.24 46.16 -48.58
CA LYS B 665 4.15 45.23 -48.27
C LYS B 665 4.66 44.12 -47.33
N LYS B 666 3.76 43.64 -46.47
CA LYS B 666 4.07 42.56 -45.52
C LYS B 666 3.20 41.33 -45.80
N TYR B 667 3.80 40.17 -45.67
CA TYR B 667 3.33 38.95 -46.31
C TYR B 667 3.06 37.89 -45.23
N PRO B 668 2.03 37.03 -45.45
CA PRO B 668 1.76 35.96 -44.52
C PRO B 668 2.89 34.96 -44.52
N THR B 669 3.04 34.27 -43.40
CA THR B 669 4.22 33.48 -43.13
C THR B 669 3.82 32.07 -42.74
N VAL B 670 4.53 31.08 -43.25
CA VAL B 670 4.24 29.69 -42.94
C VAL B 670 5.51 29.09 -42.44
N LEU B 671 5.43 28.49 -41.28
CA LEU B 671 6.54 27.84 -40.65
C LEU B 671 6.32 26.35 -40.88
N PHE B 672 7.14 25.74 -41.72
CA PHE B 672 7.18 24.30 -41.87
C PHE B 672 8.15 23.75 -40.80
N ILE B 673 7.73 22.70 -40.11
CA ILE B 673 8.41 22.19 -38.92
C ILE B 673 8.42 20.65 -38.86
N TYR B 674 9.56 20.11 -38.44
CA TYR B 674 9.67 18.75 -37.92
C TYR B 674 10.05 18.88 -36.45
N GLY B 675 11.31 19.25 -36.15
CA GLY B 675 11.73 19.60 -34.77
C GLY B 675 11.96 18.48 -33.76
N GLY B 676 11.95 17.24 -34.20
CA GLY B 676 12.18 16.09 -33.35
C GLY B 676 13.57 15.51 -33.52
N PRO B 677 13.91 14.49 -32.68
CA PRO B 677 15.20 13.85 -32.78
C PRO B 677 15.43 13.04 -34.07
N GLN B 678 16.71 12.85 -34.36
CA GLN B 678 17.23 12.11 -35.51
C GLN B 678 17.10 12.77 -36.90
N VAL B 679 16.61 14.01 -36.96
CA VAL B 679 16.39 14.72 -38.21
C VAL B 679 17.01 16.14 -38.16
N GLN B 680 17.59 16.54 -39.29
CA GLN B 680 18.03 17.88 -39.53
C GLN B 680 17.43 18.31 -40.87
N LEU B 681 16.57 19.34 -40.86
CA LEU B 681 16.02 19.95 -42.07
C LEU B 681 16.91 20.96 -42.77
N VAL B 682 17.71 21.69 -42.00
CA VAL B 682 18.46 22.81 -42.50
C VAL B 682 19.89 22.36 -42.72
N ASN B 683 20.27 22.35 -43.98
CA ASN B 683 21.62 22.05 -44.39
C ASN B 683 21.76 22.44 -45.86
N ASN B 684 22.95 22.30 -46.40
CA ASN B 684 23.25 22.69 -47.76
C ASN B 684 23.05 21.50 -48.71
N ARG B 685 21.80 21.07 -48.85
CA ARG B 685 21.38 20.06 -49.82
C ARG B 685 20.32 20.66 -50.73
N PHE B 686 20.14 20.06 -51.90
CA PHE B 686 19.05 20.46 -52.78
C PHE B 686 17.71 20.06 -52.15
N LYS B 687 16.86 21.07 -51.98
CA LYS B 687 15.52 20.90 -51.41
C LYS B 687 14.39 21.00 -52.44
N GLY B 688 14.72 21.24 -53.70
CA GLY B 688 13.74 21.37 -54.75
C GLY B 688 12.99 20.13 -55.22
N VAL B 689 13.30 18.94 -54.69
CA VAL B 689 12.47 17.74 -54.91
C VAL B 689 11.59 17.58 -53.68
N LYS B 690 12.20 17.18 -52.58
CA LYS B 690 11.48 16.79 -51.37
C LYS B 690 10.61 17.96 -50.82
N TYR B 691 11.12 19.21 -50.85
CA TYR B 691 10.45 20.41 -50.28
C TYR B 691 10.06 21.45 -51.37
N PHE B 692 9.73 20.95 -52.54
CA PHE B 692 9.34 21.76 -53.69
C PHE B 692 8.12 22.63 -53.43
N ARG B 693 7.13 22.12 -52.71
CA ARG B 693 5.92 22.91 -52.37
C ARG B 693 6.12 24.07 -51.45
N LEU B 694 7.21 24.09 -50.69
CA LEU B 694 7.62 25.29 -49.96
C LEU B 694 7.93 26.40 -50.95
N ASN B 695 8.62 26.06 -52.04
CA ASN B 695 8.83 27.01 -53.14
C ASN B 695 7.50 27.46 -53.80
N THR B 696 6.55 26.52 -53.97
CA THR B 696 5.23 26.86 -54.52
C THR B 696 4.52 27.88 -53.64
N LEU B 697 4.55 27.67 -52.32
CA LEU B 697 3.99 28.65 -51.36
C LEU B 697 4.63 30.03 -51.50
N ALA B 698 5.97 30.06 -51.57
CA ALA B 698 6.67 31.32 -51.83
C ALA B 698 6.19 31.97 -53.15
N SER B 699 5.95 31.17 -54.19
CA SER B 699 5.42 31.71 -55.47
C SER B 699 4.04 32.37 -55.36
N LEU B 700 3.21 31.87 -54.44
CA LEU B 700 1.89 32.46 -54.16
C LEU B 700 1.90 33.70 -53.24
N GLY B 701 3.04 33.94 -52.59
CA GLY B 701 3.27 35.08 -51.72
C GLY B 701 3.29 34.80 -50.24
N TYR B 702 3.52 33.56 -49.81
CA TYR B 702 3.83 33.28 -48.42
C TYR B 702 5.35 33.41 -48.20
N VAL B 703 5.75 33.93 -47.06
CA VAL B 703 7.10 33.73 -46.57
C VAL B 703 7.09 32.31 -46.03
N VAL B 704 8.10 31.53 -46.36
CA VAL B 704 8.26 30.19 -45.74
C VAL B 704 9.57 30.11 -44.93
N VAL B 705 9.45 29.52 -43.73
CA VAL B 705 10.51 29.47 -42.75
C VAL B 705 10.65 28.06 -42.22
N VAL B 706 11.90 27.62 -42.08
CA VAL B 706 12.24 26.34 -41.45
C VAL B 706 13.39 26.60 -40.50
N ILE B 707 13.29 26.05 -39.29
CA ILE B 707 14.30 26.21 -38.25
C ILE B 707 14.54 24.86 -37.60
N ASP B 708 15.81 24.51 -37.42
CA ASP B 708 16.22 23.37 -36.63
C ASP B 708 16.40 23.78 -35.18
N ASN B 709 15.35 23.55 -34.40
CA ASN B 709 15.41 23.74 -32.95
C ASN B 709 16.31 22.71 -32.26
N ARG B 710 16.61 22.99 -31.00
CA ARG B 710 17.32 22.05 -30.13
C ARG B 710 16.60 20.73 -30.05
N GLY B 711 17.38 19.67 -30.04
CA GLY B 711 16.87 18.32 -30.19
C GLY B 711 17.11 17.69 -31.53
N SER B 712 17.27 18.54 -32.54
CA SER B 712 17.57 18.12 -33.86
C SER B 712 19.02 17.59 -33.95
N CYS B 713 19.30 17.02 -35.09
CA CYS B 713 20.42 16.14 -35.36
C CYS B 713 21.69 16.94 -35.79
N HIS B 714 22.84 16.24 -35.77
CA HIS B 714 24.12 16.71 -36.27
C HIS B 714 24.74 17.89 -35.51
N ARG B 715 24.33 18.10 -34.25
CA ARG B 715 24.93 19.14 -33.40
C ARG B 715 25.52 18.63 -32.09
N GLY B 716 25.61 17.30 -31.96
CA GLY B 716 26.17 16.60 -30.81
C GLY B 716 25.10 16.24 -29.80
N LEU B 717 25.51 15.43 -28.82
CA LEU B 717 24.58 14.85 -27.86
C LEU B 717 23.97 15.85 -26.88
N LYS B 718 24.72 16.89 -26.52
CA LYS B 718 24.22 17.91 -25.60
C LYS B 718 23.09 18.70 -26.21
N PHE B 719 23.28 19.12 -27.45
CA PHE B 719 22.26 19.83 -28.25
C PHE B 719 21.01 18.98 -28.37
N GLU B 720 21.22 17.72 -28.76
CA GLU B 720 20.12 16.75 -28.91
C GLU B 720 19.40 16.55 -27.58
N GLY B 721 20.19 16.45 -26.50
CA GLY B 721 19.70 16.20 -25.17
C GLY B 721 18.87 17.26 -24.50
N ALA B 722 18.82 18.46 -25.06
CA ALA B 722 18.03 19.58 -24.45
C ALA B 722 16.59 19.26 -24.04
N PHE B 723 15.91 18.40 -24.82
CA PHE B 723 14.51 17.98 -24.48
C PHE B 723 14.36 16.62 -23.76
N LYS B 724 15.44 16.01 -23.25
CA LYS B 724 15.29 14.80 -22.41
C LYS B 724 14.26 15.06 -21.32
N TYR B 725 13.26 14.17 -21.24
CA TYR B 725 12.13 14.28 -20.31
C TYR B 725 11.15 15.42 -20.58
N LYS B 726 11.43 16.26 -21.57
CA LYS B 726 10.83 17.60 -21.68
C LYS B 726 10.31 17.81 -23.10
N MET B 727 9.96 16.75 -23.82
CA MET B 727 9.52 16.92 -25.21
C MET B 727 8.26 17.80 -25.26
N GLY B 728 8.21 18.67 -26.25
CA GLY B 728 7.16 19.69 -26.38
C GLY B 728 7.33 20.98 -25.62
N GLN B 729 8.20 21.00 -24.63
CA GLN B 729 8.35 22.17 -23.77
C GLN B 729 9.32 23.25 -24.29
N ILE B 730 10.26 22.90 -25.17
CA ILE B 730 11.33 23.81 -25.57
C ILE B 730 11.38 24.21 -27.04
N GLU B 731 10.77 23.40 -27.90
CA GLU B 731 11.03 23.47 -29.32
C GLU B 731 10.39 24.74 -29.88
N ILE B 732 9.20 25.09 -29.41
CA ILE B 732 8.49 26.26 -29.88
C ILE B 732 9.17 27.56 -29.45
N ASP B 733 9.78 27.62 -28.26
CA ASP B 733 10.60 28.79 -27.93
C ASP B 733 11.67 29.10 -29.00
N ASP B 734 12.33 28.05 -29.49
CA ASP B 734 13.35 28.22 -30.54
C ASP B 734 12.76 28.69 -31.86
N GLN B 735 11.65 28.07 -32.22
CA GLN B 735 10.94 28.38 -33.44
C GLN B 735 10.48 29.84 -33.48
N VAL B 736 9.90 30.30 -32.37
CA VAL B 736 9.50 31.69 -32.22
C VAL B 736 10.68 32.65 -32.18
N GLU B 737 11.74 32.27 -31.50
CA GLU B 737 12.96 33.09 -31.42
C GLU B 737 13.51 33.35 -32.81
N GLY B 738 13.60 32.29 -33.63
CA GLY B 738 14.04 32.40 -35.04
C GLY B 738 13.11 33.29 -35.86
N LEU B 739 11.81 33.09 -35.63
CA LEU B 739 10.78 33.88 -36.28
C LEU B 739 10.91 35.37 -35.94
N GLN B 740 11.11 35.65 -34.65
CA GLN B 740 11.33 37.02 -34.18
C GLN B 740 12.63 37.66 -34.68
N TYR B 741 13.71 36.86 -34.75
CA TYR B 741 14.96 37.33 -35.38
C TYR B 741 14.71 37.78 -36.82
N LEU B 742 14.05 36.92 -37.59
CA LEU B 742 13.70 37.24 -38.97
C LEU B 742 12.83 38.48 -39.13
N ALA B 743 11.82 38.61 -38.29
CA ALA B 743 10.88 39.75 -38.42
C ALA B 743 11.52 41.11 -38.11
N SER B 744 12.45 41.15 -37.17
CA SER B 744 13.25 42.38 -36.92
C SER B 744 14.20 42.73 -38.09
N ARG B 745 14.76 41.71 -38.74
CA ARG B 745 15.62 41.87 -39.91
C ARG B 745 14.85 42.19 -41.21
N TYR B 746 13.66 41.62 -41.37
CA TYR B 746 12.90 41.67 -42.62
C TYR B 746 11.49 42.19 -42.33
N ASP B 747 11.25 43.43 -42.70
CA ASP B 747 9.93 44.05 -42.50
C ASP B 747 8.80 43.42 -43.34
N PHE B 748 9.12 42.64 -44.38
CA PHE B 748 8.11 41.90 -45.14
C PHE B 748 7.40 40.72 -44.43
N ILE B 749 7.82 40.33 -43.24
CA ILE B 749 7.14 39.28 -42.46
C ILE B 749 6.00 39.89 -41.68
N ASP B 750 4.76 39.51 -41.99
CA ASP B 750 3.59 39.89 -41.21
C ASP B 750 3.44 38.89 -40.08
N LEU B 751 3.83 39.28 -38.88
CA LEU B 751 3.67 38.43 -37.69
C LEU B 751 2.23 38.22 -37.22
N ASP B 752 1.30 39.05 -37.67
CA ASP B 752 -0.13 38.81 -37.43
C ASP B 752 -0.74 37.63 -38.24
N ARG B 753 -0.03 37.12 -39.26
CA ARG B 753 -0.51 36.02 -40.12
C ARG B 753 0.57 34.95 -40.32
N VAL B 754 0.78 34.20 -39.25
CA VAL B 754 1.73 33.09 -39.21
C VAL B 754 0.97 31.78 -39.09
N GLY B 755 1.32 30.84 -39.95
CA GLY B 755 0.82 29.48 -39.89
C GLY B 755 1.95 28.50 -39.59
N ILE B 756 1.58 27.33 -39.12
CA ILE B 756 2.57 26.28 -38.86
C ILE B 756 2.04 24.94 -39.34
N HIS B 757 2.96 24.16 -39.89
CA HIS B 757 2.61 22.88 -40.48
C HIS B 757 3.74 21.89 -40.35
N GLY B 758 3.41 20.67 -39.97
CA GLY B 758 4.35 19.59 -39.93
C GLY B 758 3.66 18.27 -39.84
N TRP B 759 4.43 17.21 -40.02
N TRP B 759 4.43 17.20 -40.01
CA TRP B 759 3.95 15.84 -40.04
CA TRP B 759 3.96 15.81 -40.04
C TRP B 759 4.65 15.06 -38.94
C TRP B 759 4.65 15.06 -38.94
N SER B 760 3.88 14.28 -38.19
CA SER B 760 4.39 13.36 -37.15
C SER B 760 4.91 14.17 -35.95
N TYR B 761 6.21 14.21 -35.69
CA TYR B 761 6.74 15.13 -34.67
C TYR B 761 6.39 16.59 -35.03
N GLY B 762 6.44 16.88 -36.33
CA GLY B 762 6.00 18.16 -36.88
C GLY B 762 4.55 18.51 -36.64
N GLY B 763 3.71 17.49 -36.64
CA GLY B 763 2.30 17.64 -36.37
C GLY B 763 2.09 17.89 -34.89
N TYR B 764 2.80 17.10 -34.09
CA TYR B 764 2.89 17.28 -32.65
C TYR B 764 3.22 18.72 -32.28
N LEU B 765 4.34 19.20 -32.81
CA LEU B 765 4.77 20.54 -32.51
C LEU B 765 3.84 21.60 -33.06
N SER B 766 3.18 21.35 -34.20
CA SER B 766 2.22 22.29 -34.73
C SER B 766 1.06 22.49 -33.76
N LEU B 767 0.61 21.41 -33.16
CA LEU B 767 -0.40 21.50 -32.11
C LEU B 767 0.15 22.23 -30.86
N MET B 768 1.37 21.92 -30.46
CA MET B 768 1.99 22.56 -29.33
C MET B 768 2.11 24.05 -29.50
N ALA B 769 2.44 24.45 -30.73
CA ALA B 769 2.51 25.85 -31.09
C ALA B 769 1.20 26.59 -30.91
N LEU B 770 0.11 25.98 -31.38
CA LEU B 770 -1.20 26.60 -31.24
C LEU B 770 -1.66 26.65 -29.80
N MET B 771 -1.33 25.61 -29.07
CA MET B 771 -1.77 25.46 -27.70
C MET B 771 -1.01 26.43 -26.80
N GLN B 772 0.32 26.40 -26.91
CA GLN B 772 1.20 27.27 -26.12
C GLN B 772 1.25 28.74 -26.57
N ARG B 773 1.20 28.99 -27.89
CA ARG B 773 1.51 30.30 -28.47
C ARG B 773 0.48 30.76 -29.50
N SER B 774 -0.78 30.77 -29.10
CA SER B 774 -1.86 31.27 -29.97
C SER B 774 -1.73 32.76 -30.26
N ASP B 775 -1.05 33.51 -29.39
CA ASP B 775 -0.62 34.90 -29.67
C ASP B 775 0.25 35.08 -30.95
N ILE B 776 1.01 34.05 -31.31
CA ILE B 776 1.91 34.06 -32.47
C ILE B 776 1.39 33.32 -33.69
N PHE B 777 0.85 32.13 -33.47
CA PHE B 777 0.41 31.25 -34.59
C PHE B 777 -1.09 31.38 -34.76
N ARG B 778 -1.49 31.88 -35.92
CA ARG B 778 -2.88 32.07 -36.30
C ARG B 778 -3.50 30.69 -36.68
N VAL B 779 -2.80 29.89 -37.48
CA VAL B 779 -3.29 28.54 -37.84
C VAL B 779 -2.23 27.49 -37.66
N ALA B 780 -2.69 26.29 -37.35
CA ALA B 780 -1.84 25.13 -37.21
C ALA B 780 -2.46 23.98 -37.99
N ILE B 781 -1.63 23.28 -38.75
CA ILE B 781 -2.08 22.18 -39.59
C ILE B 781 -1.18 21.02 -39.22
N ALA B 782 -1.76 20.07 -38.51
CA ALA B 782 -1.01 19.01 -37.86
C ALA B 782 -1.33 17.66 -38.52
N GLY B 783 -0.32 17.11 -39.21
CA GLY B 783 -0.40 15.81 -39.82
C GLY B 783 0.12 14.72 -38.92
N ALA B 784 -0.63 13.64 -38.81
CA ALA B 784 -0.26 12.44 -38.04
C ALA B 784 0.39 12.77 -36.68
N PRO B 785 -0.24 13.62 -35.90
CA PRO B 785 0.39 14.07 -34.66
C PRO B 785 0.45 13.01 -33.57
N VAL B 786 1.53 12.96 -32.81
CA VAL B 786 1.55 12.32 -31.50
C VAL B 786 0.79 13.26 -30.59
N THR B 787 -0.26 12.77 -29.96
CA THR B 787 -1.02 13.49 -28.96
C THR B 787 -1.00 12.91 -27.54
N LEU B 788 -0.54 11.67 -27.38
CA LEU B 788 -0.34 11.04 -26.06
C LEU B 788 0.84 10.15 -26.17
N TRP B 789 1.90 10.53 -25.48
CA TRP B 789 3.10 9.74 -25.49
C TRP B 789 2.93 8.33 -24.94
N ILE B 790 1.93 8.10 -24.09
CA ILE B 790 1.59 6.75 -23.64
C ILE B 790 1.15 5.77 -24.75
N PHE B 791 0.67 6.28 -25.87
CA PHE B 791 0.32 5.46 -27.06
C PHE B 791 1.47 5.15 -27.98
N TYR B 792 2.56 5.89 -27.86
CA TYR B 792 3.72 5.62 -28.68
C TYR B 792 4.55 4.48 -28.05
N ASP B 793 5.53 4.00 -28.78
CA ASP B 793 6.21 2.74 -28.47
C ASP B 793 7.33 2.87 -27.45
N THR B 794 7.75 1.73 -26.92
CA THR B 794 8.82 1.66 -25.93
C THR B 794 10.14 2.27 -26.43
N GLY B 795 10.64 1.78 -27.56
CA GLY B 795 11.99 2.10 -28.01
C GLY B 795 12.27 3.56 -28.27
N TYR B 796 11.31 4.27 -28.84
CA TYR B 796 11.46 5.68 -29.06
C TYR B 796 11.17 6.44 -27.79
N THR B 797 9.98 6.25 -27.23
CA THR B 797 9.46 7.13 -26.17
C THR B 797 10.30 7.10 -24.92
N GLU B 798 10.64 5.90 -24.46
CA GLU B 798 11.46 5.72 -23.24
C GLU B 798 12.87 6.28 -23.39
N ARG B 799 13.40 6.30 -24.61
CA ARG B 799 14.74 6.84 -24.87
C ARG B 799 14.83 8.32 -24.46
N TYR B 800 13.86 9.08 -24.95
CA TYR B 800 13.78 10.52 -24.81
C TYR B 800 13.05 10.97 -23.55
N MET B 801 12.12 10.16 -23.05
CA MET B 801 11.20 10.58 -21.97
C MET B 801 11.23 9.68 -20.74
N GLY B 802 12.01 8.59 -20.73
CA GLY B 802 11.99 7.61 -19.64
C GLY B 802 10.67 6.87 -19.51
N HIS B 803 10.59 6.08 -18.45
CA HIS B 803 9.39 5.36 -18.07
C HIS B 803 8.36 6.40 -17.53
N PRO B 804 7.06 6.25 -17.85
CA PRO B 804 6.04 7.22 -17.41
C PRO B 804 5.92 7.51 -15.93
N ASP B 805 6.13 6.50 -15.10
CA ASP B 805 6.19 6.66 -13.64
C ASP B 805 7.30 7.54 -13.11
N GLN B 806 8.39 7.59 -13.86
CA GLN B 806 9.56 8.42 -13.55
C GLN B 806 9.52 9.80 -14.22
N ASN B 807 8.41 10.13 -14.88
CA ASN B 807 8.29 11.38 -15.60
C ASN B 807 6.82 11.80 -15.77
N GLU B 808 6.09 11.81 -14.67
CA GLU B 808 4.64 12.06 -14.70
C GLU B 808 4.32 13.42 -15.33
N GLN B 809 5.04 14.46 -14.89
CA GLN B 809 4.85 15.80 -15.41
C GLN B 809 5.27 15.94 -16.89
N GLY B 810 6.39 15.34 -17.28
CA GLY B 810 6.85 15.40 -18.69
C GLY B 810 5.86 14.74 -19.66
N TYR B 811 5.37 13.56 -19.31
CA TYR B 811 4.29 12.90 -20.07
C TYR B 811 3.03 13.75 -20.14
N TYR B 812 2.65 14.41 -19.04
CA TYR B 812 1.47 15.25 -19.02
C TYR B 812 1.67 16.45 -19.96
N LEU B 813 2.74 17.21 -19.73
CA LEU B 813 3.00 18.45 -20.46
C LEU B 813 3.35 18.21 -21.89
N GLY B 814 3.98 17.07 -22.19
CA GLY B 814 4.30 16.71 -23.55
C GLY B 814 3.18 16.07 -24.35
N SER B 815 2.04 15.79 -23.72
CA SER B 815 0.90 15.14 -24.36
C SER B 815 -0.18 16.17 -24.65
N VAL B 816 -0.31 16.51 -25.93
CA VAL B 816 -1.28 17.54 -26.39
C VAL B 816 -2.70 17.25 -25.91
N ALA B 817 -3.12 15.99 -26.00
CA ALA B 817 -4.49 15.57 -25.68
C ALA B 817 -4.89 15.70 -24.21
N MET B 818 -3.91 15.67 -23.32
CA MET B 818 -4.21 15.97 -21.90
C MET B 818 -4.50 17.48 -21.65
N GLN B 819 -4.29 18.34 -22.65
CA GLN B 819 -4.38 19.78 -22.53
C GLN B 819 -5.33 20.42 -23.55
N ALA B 820 -6.41 19.72 -23.88
CA ALA B 820 -7.34 20.20 -24.93
C ALA B 820 -7.99 21.54 -24.65
N GLU B 821 -8.27 21.81 -23.38
CA GLU B 821 -8.78 23.13 -22.90
C GLU B 821 -7.92 24.34 -23.32
N LYS B 822 -6.63 24.12 -23.53
CA LYS B 822 -5.69 25.18 -24.00
C LYS B 822 -5.75 25.52 -25.49
N PHE B 823 -6.54 24.78 -26.28
CA PHE B 823 -6.75 25.13 -27.69
C PHE B 823 -7.64 26.37 -27.81
N PRO B 824 -7.66 27.04 -28.99
CA PRO B 824 -8.54 28.21 -29.13
C PRO B 824 -10.00 27.88 -29.22
N SER B 825 -10.85 28.81 -28.78
CA SER B 825 -12.29 28.76 -29.00
C SER B 825 -12.72 29.53 -30.27
N GLU B 826 -11.85 29.63 -31.26
CA GLU B 826 -12.17 30.22 -32.54
C GLU B 826 -11.92 29.13 -33.57
N PRO B 827 -12.86 28.97 -34.51
CA PRO B 827 -12.64 28.02 -35.59
C PRO B 827 -11.67 28.55 -36.64
N ASN B 828 -11.34 27.71 -37.61
CA ASN B 828 -10.44 28.07 -38.71
C ASN B 828 -9.00 28.30 -38.31
N ARG B 829 -8.61 27.65 -37.22
CA ARG B 829 -7.23 27.72 -36.69
C ARG B 829 -6.51 26.37 -36.55
N LEU B 830 -7.26 25.30 -36.41
CA LEU B 830 -6.75 23.97 -36.20
C LEU B 830 -7.31 23.04 -37.25
N LEU B 831 -6.41 22.38 -37.96
CA LEU B 831 -6.69 21.38 -38.97
C LEU B 831 -5.86 20.14 -38.67
N LEU B 832 -6.53 19.00 -38.53
CA LEU B 832 -5.87 17.72 -38.29
C LEU B 832 -5.91 16.89 -39.56
N LEU B 833 -4.77 16.29 -39.90
CA LEU B 833 -4.64 15.39 -41.05
C LEU B 833 -4.12 14.07 -40.54
N HIS B 834 -4.64 12.96 -41.04
CA HIS B 834 -4.13 11.67 -40.60
C HIS B 834 -4.41 10.58 -41.60
N GLY B 835 -3.41 9.71 -41.81
CA GLY B 835 -3.60 8.47 -42.52
C GLY B 835 -4.38 7.50 -41.66
N PHE B 836 -5.51 7.03 -42.15
CA PHE B 836 -6.44 6.24 -41.34
C PHE B 836 -5.90 4.89 -40.88
N LEU B 837 -4.99 4.35 -41.67
CA LEU B 837 -4.40 3.02 -41.50
C LEU B 837 -3.05 3.04 -40.84
N ASP B 838 -2.63 4.18 -40.28
CA ASP B 838 -1.30 4.37 -39.74
C ASP B 838 -1.17 3.43 -38.53
N GLU B 839 -0.20 2.51 -38.61
CA GLU B 839 0.17 1.55 -37.54
C GLU B 839 1.33 2.03 -36.67
N ASN B 840 1.97 3.12 -37.10
CA ASN B 840 3.06 3.76 -36.41
C ASN B 840 2.50 4.79 -35.41
N VAL B 841 1.97 5.91 -35.94
CA VAL B 841 1.19 6.87 -35.17
C VAL B 841 -0.27 6.53 -35.41
N HIS B 842 -0.87 5.74 -34.51
N HIS B 842 -0.87 5.75 -34.51
CA HIS B 842 -2.25 5.23 -34.65
CA HIS B 842 -2.23 5.24 -34.69
C HIS B 842 -3.22 6.38 -34.79
C HIS B 842 -3.22 6.38 -34.79
N PHE B 843 -4.29 6.18 -35.53
CA PHE B 843 -5.32 7.20 -35.73
C PHE B 843 -5.95 7.65 -34.39
N ALA B 844 -5.91 6.76 -33.42
CA ALA B 844 -6.33 7.03 -32.04
C ALA B 844 -5.73 8.28 -31.41
N HIS B 845 -4.47 8.61 -31.76
CA HIS B 845 -3.89 9.91 -31.39
C HIS B 845 -4.82 11.04 -31.78
N THR B 846 -5.30 10.99 -33.03
CA THR B 846 -6.29 11.96 -33.48
C THR B 846 -7.66 11.77 -32.84
N SER B 847 -8.15 10.54 -32.79
CA SER B 847 -9.51 10.34 -32.33
C SER B 847 -9.67 10.69 -30.84
N ILE B 848 -8.66 10.35 -30.01
CA ILE B 848 -8.65 10.72 -28.60
C ILE B 848 -8.56 12.25 -28.43
N LEU B 849 -7.72 12.93 -29.22
CA LEU B 849 -7.67 14.36 -29.18
C LEU B 849 -9.05 14.97 -29.47
N LEU B 850 -9.69 14.48 -30.53
CA LEU B 850 -11.02 15.00 -30.89
C LEU B 850 -12.02 14.72 -29.81
N SER B 851 -11.92 13.54 -29.20
CA SER B 851 -12.76 13.20 -28.04
C SER B 851 -12.70 14.31 -26.97
N PHE B 852 -11.48 14.76 -26.66
CA PHE B 852 -11.27 15.81 -25.65
C PHE B 852 -11.62 17.21 -26.14
N LEU B 853 -11.33 17.48 -27.40
CA LEU B 853 -11.80 18.74 -28.01
C LEU B 853 -13.29 18.90 -27.97
N VAL B 854 -14.01 17.84 -28.26
CA VAL B 854 -15.48 17.84 -28.23
C VAL B 854 -15.98 18.06 -26.80
N ARG B 855 -15.45 17.29 -25.86
CA ARG B 855 -15.79 17.39 -24.43
C ARG B 855 -15.52 18.83 -23.91
N ALA B 856 -14.42 19.45 -24.36
CA ALA B 856 -14.10 20.86 -24.03
C ALA B 856 -14.82 21.96 -24.83
N GLY B 857 -15.66 21.60 -25.78
CA GLY B 857 -16.35 22.56 -26.65
C GLY B 857 -15.49 23.34 -27.63
N LYS B 858 -14.41 22.76 -28.16
CA LYS B 858 -13.49 23.48 -29.06
C LYS B 858 -13.69 23.05 -30.51
N PRO B 859 -13.56 23.98 -31.47
CA PRO B 859 -13.70 23.63 -32.86
C PRO B 859 -12.42 23.03 -33.43
N TYR B 860 -12.61 22.24 -34.49
CA TYR B 860 -11.52 21.66 -35.27
C TYR B 860 -11.97 21.43 -36.68
N ASP B 861 -10.99 21.32 -37.57
CA ASP B 861 -11.17 20.79 -38.91
C ASP B 861 -10.37 19.52 -39.03
N LEU B 862 -10.83 18.63 -39.90
CA LEU B 862 -10.27 17.28 -40.03
C LEU B 862 -10.29 16.79 -41.48
N GLN B 863 -9.19 16.19 -41.90
CA GLN B 863 -9.08 15.42 -43.14
C GLN B 863 -8.45 14.09 -42.81
N ILE B 864 -9.00 13.03 -43.40
CA ILE B 864 -8.50 11.66 -43.33
C ILE B 864 -8.09 11.23 -44.72
N TYR B 865 -7.01 10.45 -44.76
CA TYR B 865 -6.52 9.80 -45.98
C TYR B 865 -6.77 8.30 -45.74
N PRO B 866 -7.98 7.81 -46.09
CA PRO B 866 -8.39 6.44 -45.75
C PRO B 866 -7.58 5.32 -46.36
N GLN B 867 -6.84 5.57 -47.45
CA GLN B 867 -5.94 4.56 -48.02
C GLN B 867 -4.49 4.61 -47.58
N GLU B 868 -4.14 5.52 -46.67
CA GLU B 868 -2.77 5.74 -46.28
C GLU B 868 -2.42 5.31 -44.85
N ARG B 869 -1.18 4.87 -44.70
CA ARG B 869 -0.57 4.61 -43.40
C ARG B 869 0.15 5.92 -42.92
N HIS B 870 1.37 5.83 -42.44
CA HIS B 870 2.12 6.98 -41.97
C HIS B 870 2.59 7.87 -43.12
N SER B 871 3.16 7.20 -44.10
CA SER B 871 3.46 7.75 -45.44
C SER B 871 2.20 7.99 -46.28
N ILE B 872 2.36 8.80 -47.33
CA ILE B 872 1.38 9.02 -48.40
C ILE B 872 1.94 8.42 -49.70
N ARG B 873 1.42 7.26 -50.07
CA ARG B 873 1.90 6.46 -51.19
C ARG B 873 1.07 6.53 -52.46
N VAL B 874 -0.25 6.54 -52.33
CA VAL B 874 -1.16 6.68 -53.49
C VAL B 874 -1.09 8.16 -53.96
N PRO B 875 -0.73 8.40 -55.23
CA PRO B 875 -0.55 9.80 -55.70
C PRO B 875 -1.76 10.76 -55.54
N GLU B 876 -2.95 10.22 -55.77
CA GLU B 876 -4.22 10.91 -55.57
C GLU B 876 -4.36 11.44 -54.14
N SER B 877 -3.92 10.65 -53.15
CA SER B 877 -3.93 11.10 -51.76
C SER B 877 -3.03 12.32 -51.59
N GLY B 878 -1.85 12.29 -52.22
CA GLY B 878 -0.90 13.39 -52.15
C GLY B 878 -1.37 14.64 -52.84
N GLU B 879 -1.99 14.46 -54.01
CA GLU B 879 -2.62 15.56 -54.73
C GLU B 879 -3.69 16.29 -53.90
N HIS B 880 -4.49 15.52 -53.16
CA HIS B 880 -5.58 16.05 -52.35
C HIS B 880 -5.06 16.75 -51.11
N TYR B 881 -4.05 16.15 -50.49
CA TYR B 881 -3.37 16.76 -49.37
C TYR B 881 -2.80 18.13 -49.75
N GLU B 882 -2.04 18.18 -50.84
CA GLU B 882 -1.42 19.44 -51.28
C GLU B 882 -2.47 20.46 -51.58
N LEU B 883 -3.50 20.06 -52.31
CA LEU B 883 -4.58 20.95 -52.69
C LEU B 883 -5.33 21.50 -51.47
N HIS B 884 -5.69 20.61 -50.55
CA HIS B 884 -6.40 21.03 -49.34
C HIS B 884 -5.57 21.95 -48.48
N LEU B 885 -4.28 21.64 -48.35
CA LEU B 885 -3.36 22.47 -47.58
C LEU B 885 -3.29 23.89 -48.10
N LEU B 886 -3.04 24.03 -49.39
CA LEU B 886 -2.97 25.36 -50.02
C LEU B 886 -4.27 26.12 -49.95
N HIS B 887 -5.35 25.40 -50.14
CA HIS B 887 -6.65 26.02 -50.04
C HIS B 887 -6.96 26.49 -48.60
N TYR B 888 -6.63 25.65 -47.60
CA TYR B 888 -6.84 26.03 -46.21
C TYR B 888 -6.07 27.28 -45.86
N LEU B 889 -4.79 27.31 -46.26
CA LEU B 889 -3.93 28.44 -46.00
C LEU B 889 -4.47 29.71 -46.66
N GLN B 890 -4.83 29.59 -47.93
CA GLN B 890 -5.47 30.68 -48.66
C GLN B 890 -6.69 31.24 -47.92
N GLU B 891 -7.59 30.36 -47.53
CA GLU B 891 -8.87 30.76 -46.93
C GLU B 891 -8.79 31.20 -45.48
N ASN B 892 -7.83 30.67 -44.71
CA ASN B 892 -7.70 30.95 -43.27
C ASN B 892 -6.47 31.73 -42.78
N LEU B 893 -5.54 32.05 -43.70
CA LEU B 893 -4.32 32.81 -43.41
C LEU B 893 -4.00 33.90 -44.44
N GLY B 894 -3.82 33.52 -45.69
CA GLY B 894 -3.26 34.40 -46.72
C GLY B 894 -4.13 35.42 -47.44
N SER B 895 -5.39 35.10 -47.71
CA SER B 895 -6.24 35.93 -48.60
C SER B 895 -6.88 37.11 -47.87
N ARG B 896 -7.53 37.97 -48.66
CA ARG B 896 -8.36 39.07 -48.13
C ARG B 896 -9.54 38.50 -47.33
N ILE B 897 -10.20 37.48 -47.89
CA ILE B 897 -11.33 36.81 -47.21
C ILE B 897 -10.93 36.22 -45.84
N ALA B 898 -9.71 35.72 -45.72
CA ALA B 898 -9.19 35.21 -44.44
C ALA B 898 -9.14 36.28 -43.36
N ALA B 899 -8.55 37.42 -43.70
CA ALA B 899 -8.49 38.55 -42.78
C ALA B 899 -9.88 39.10 -42.48
N LEU B 900 -10.75 39.09 -43.49
CA LEU B 900 -12.12 39.60 -43.37
C LEU B 900 -12.98 38.76 -42.44
N LYS B 901 -12.71 37.45 -42.31
CA LYS B 901 -13.56 36.57 -41.52
C LYS B 901 -13.12 36.38 -40.07
N VAL B 902 -12.33 37.29 -39.52
CA VAL B 902 -11.57 37.02 -38.29
C VAL B 902 -12.29 37.22 -36.93
N ILE B 903 -13.56 37.67 -36.90
CA ILE B 903 -14.31 38.06 -35.63
C ILE B 903 -13.53 38.88 -34.59
N LYS C 52 -59.98 2.87 30.09
CA LYS C 52 -58.62 2.26 30.26
C LYS C 52 -58.24 2.14 31.78
N LEU C 53 -57.07 1.52 32.02
CA LEU C 53 -56.46 1.32 33.37
C LEU C 53 -55.36 2.37 33.71
N GLU C 54 -55.05 2.59 35.02
CA GLU C 54 -54.01 3.57 35.45
C GLU C 54 -52.59 2.90 35.37
N PRO C 55 -51.53 3.65 34.96
CA PRO C 55 -50.22 2.99 34.85
C PRO C 55 -49.61 2.72 36.23
N PHE C 56 -49.05 1.54 36.42
CA PHE C 56 -48.20 1.24 37.58
C PHE C 56 -46.82 1.76 37.30
N TYR C 57 -46.27 2.55 38.22
CA TYR C 57 -44.85 2.96 38.19
C TYR C 57 -44.02 2.15 39.19
N VAL C 58 -42.88 1.59 38.74
CA VAL C 58 -41.98 0.88 39.65
C VAL C 58 -41.37 1.88 40.63
N GLU C 59 -41.07 1.38 41.82
CA GLU C 59 -40.49 2.22 42.88
C GLU C 59 -39.11 2.63 42.37
N ARG C 60 -38.79 3.90 42.59
CA ARG C 60 -37.57 4.51 42.12
C ARG C 60 -36.51 4.41 43.23
N TYR C 61 -35.72 3.35 43.17
CA TYR C 61 -34.57 3.12 44.03
C TYR C 61 -33.36 3.89 43.52
N SER C 62 -32.51 4.34 44.42
CA SER C 62 -31.19 4.90 44.09
C SER C 62 -30.31 3.77 43.66
N TRP C 63 -29.15 4.14 43.12
CA TRP C 63 -28.16 3.17 42.61
C TRP C 63 -27.64 2.28 43.78
N SER C 64 -27.27 2.92 44.90
CA SER C 64 -26.81 2.25 46.13
C SER C 64 -27.85 1.30 46.70
N GLN C 65 -29.10 1.75 46.72
CA GLN C 65 -30.26 0.96 47.18
C GLN C 65 -30.47 -0.28 46.35
N LEU C 66 -30.49 -0.09 45.03
CA LEU C 66 -30.56 -1.20 44.09
C LEU C 66 -29.44 -2.20 44.22
N LYS C 67 -28.24 -1.70 44.51
CA LYS C 67 -27.05 -2.54 44.69
C LYS C 67 -27.23 -3.45 45.89
N LYS C 68 -27.66 -2.87 47.04
CA LYS C 68 -27.96 -3.64 48.28
C LYS C 68 -29.07 -4.65 48.00
N LEU C 69 -30.17 -4.19 47.40
CA LEU C 69 -31.30 -5.05 47.02
C LEU C 69 -30.91 -6.29 46.22
N LEU C 70 -30.07 -6.07 45.21
CA LEU C 70 -29.54 -7.14 44.41
C LEU C 70 -28.59 -8.02 45.18
N ALA C 71 -27.74 -7.44 46.02
CA ALA C 71 -26.84 -8.23 46.90
C ALA C 71 -27.58 -9.14 47.89
N ASP C 72 -28.57 -8.59 48.59
CA ASP C 72 -29.41 -9.31 49.55
C ASP C 72 -30.15 -10.49 48.93
N THR C 73 -30.60 -10.35 47.68
CA THR C 73 -31.35 -11.40 46.96
C THR C 73 -30.47 -12.46 46.29
N ARG C 74 -29.22 -12.13 46.00
CA ARG C 74 -28.20 -13.09 45.59
C ARG C 74 -27.59 -13.89 46.76
N LYS C 75 -27.55 -13.32 48.00
CA LYS C 75 -26.72 -13.86 49.14
C LYS C 75 -27.21 -15.22 49.66
N TYR C 76 -28.53 -15.39 49.75
CA TYR C 76 -29.13 -16.74 49.94
C TYR C 76 -28.88 -17.66 48.69
N HIS C 77 -29.04 -17.12 47.47
CA HIS C 77 -28.99 -17.87 46.16
C HIS C 77 -27.68 -17.80 45.36
N MET C 81 -25.16 -21.73 41.61
CA MET C 81 -23.89 -21.80 40.88
C MET C 81 -22.93 -22.85 41.52
N ALA C 82 -23.15 -24.12 41.18
CA ALA C 82 -22.35 -25.32 41.63
C ALA C 82 -22.68 -26.61 40.78
N LYS C 83 -21.71 -27.16 40.02
CA LYS C 83 -21.96 -28.24 38.98
C LYS C 83 -22.60 -29.49 39.57
N ALA C 84 -23.73 -29.88 38.98
CA ALA C 84 -24.33 -31.16 39.23
C ALA C 84 -23.39 -32.29 38.72
N PRO C 85 -23.45 -33.47 39.33
CA PRO C 85 -22.74 -34.62 38.82
C PRO C 85 -22.92 -34.86 37.31
N HIS C 86 -21.82 -35.18 36.64
CA HIS C 86 -21.75 -35.44 35.20
C HIS C 86 -20.55 -36.33 34.86
N ASP C 87 -20.43 -36.69 33.58
CA ASP C 87 -19.42 -37.64 33.05
C ASP C 87 -19.40 -38.93 33.88
N PHE C 88 -20.57 -39.55 33.99
CA PHE C 88 -20.72 -40.80 34.74
C PHE C 88 -20.10 -41.97 34.02
N MET C 89 -19.58 -42.88 34.80
CA MET C 89 -19.11 -44.15 34.33
C MET C 89 -19.38 -45.20 35.40
N PHE C 90 -19.77 -46.37 34.95
CA PHE C 90 -20.17 -47.47 35.82
C PHE C 90 -19.12 -48.57 35.70
N VAL C 91 -18.66 -49.07 36.84
CA VAL C 91 -17.66 -50.14 36.86
C VAL C 91 -18.19 -51.21 37.79
N LYS C 92 -18.21 -52.44 37.31
CA LYS C 92 -18.68 -53.56 38.09
C LYS C 92 -17.69 -53.93 39.19
N ARG C 93 -18.21 -54.27 40.38
CA ARG C 93 -17.39 -54.72 41.52
C ARG C 93 -16.87 -56.14 41.37
N ASN C 94 -17.71 -57.04 40.85
CA ASN C 94 -17.34 -58.45 40.64
C ASN C 94 -16.82 -59.10 41.94
N ASP C 95 -17.59 -58.89 43.01
CA ASP C 95 -17.31 -59.47 44.31
C ASP C 95 -18.59 -60.17 44.73
N PRO C 96 -18.71 -61.50 44.50
CA PRO C 96 -19.96 -62.19 44.85
C PRO C 96 -20.37 -62.15 46.33
N ASP C 97 -19.42 -62.06 47.26
CA ASP C 97 -19.74 -61.88 48.70
C ASP C 97 -20.03 -60.43 49.12
N GLY C 98 -19.59 -59.45 48.32
CA GLY C 98 -19.70 -58.03 48.68
C GLY C 98 -21.11 -57.49 48.48
N PRO C 99 -21.43 -56.34 49.11
CA PRO C 99 -22.77 -55.74 49.00
C PRO C 99 -23.02 -54.81 47.80
N HIS C 100 -21.98 -54.55 46.98
CA HIS C 100 -22.14 -53.60 45.85
C HIS C 100 -22.02 -54.24 44.49
N SER C 101 -22.92 -53.87 43.58
CA SER C 101 -22.88 -54.32 42.19
C SER C 101 -21.89 -53.51 41.38
N ASP C 102 -21.93 -52.21 41.56
CA ASP C 102 -21.18 -51.23 40.79
C ASP C 102 -20.62 -50.13 41.68
N ARG C 103 -19.54 -49.50 41.18
CA ARG C 103 -19.08 -48.18 41.64
C ARG C 103 -19.31 -47.23 40.48
N ILE C 104 -19.97 -46.10 40.75
CA ILE C 104 -20.11 -45.05 39.73
C ILE C 104 -19.10 -43.96 40.06
N TYR C 105 -18.43 -43.49 39.03
CA TYR C 105 -17.53 -42.37 39.07
C TYR C 105 -18.17 -41.20 38.32
N TYR C 106 -17.93 -39.99 38.81
CA TYR C 106 -18.43 -38.78 38.18
C TYR C 106 -17.66 -37.55 38.58
N LEU C 107 -17.73 -36.54 37.73
CA LEU C 107 -17.22 -35.21 38.03
C LEU C 107 -18.30 -34.39 38.69
N ALA C 108 -17.93 -33.56 39.65
CA ALA C 108 -18.87 -32.64 40.32
C ALA C 108 -18.13 -31.64 41.20
N MET C 109 -18.87 -30.64 41.67
CA MET C 109 -18.45 -29.73 42.72
C MET C 109 -19.17 -30.10 44.04
N SER C 110 -18.39 -30.31 45.10
CA SER C 110 -18.89 -30.60 46.49
C SER C 110 -19.81 -29.46 47.04
N GLY C 111 -19.42 -28.20 46.82
CA GLY C 111 -20.22 -27.01 47.22
C GLY C 111 -19.91 -25.73 46.45
N GLU C 112 -20.46 -24.58 46.89
CA GLU C 112 -20.20 -23.26 46.26
C GLU C 112 -18.76 -22.79 46.57
N ASN C 113 -18.09 -22.27 45.54
CA ASN C 113 -16.64 -21.90 45.58
C ASN C 113 -15.68 -23.08 45.94
N ARG C 114 -15.98 -24.29 45.43
CA ARG C 114 -15.11 -25.51 45.53
C ARG C 114 -14.74 -26.05 44.12
N GLU C 115 -13.60 -26.74 44.00
CA GLU C 115 -13.12 -27.18 42.65
C GLU C 115 -13.97 -28.36 42.11
N ASN C 116 -14.09 -28.47 40.79
CA ASN C 116 -14.74 -29.58 40.11
C ASN C 116 -13.73 -30.74 40.15
N THR C 117 -14.15 -31.88 40.70
CA THR C 117 -13.26 -33.06 40.84
C THR C 117 -14.02 -34.40 40.68
N LEU C 118 -13.26 -35.49 40.70
CA LEU C 118 -13.78 -36.84 40.62
C LEU C 118 -14.24 -37.34 41.95
N PHE C 119 -15.47 -37.86 41.95
CA PHE C 119 -16.07 -38.58 43.06
C PHE C 119 -16.51 -39.96 42.62
N TYR C 120 -16.71 -40.83 43.61
CA TYR C 120 -17.38 -42.10 43.43
C TYR C 120 -18.49 -42.30 44.45
N SER C 121 -19.46 -43.13 44.06
CA SER C 121 -20.49 -43.65 44.95
C SER C 121 -20.67 -45.15 44.71
N GLU C 122 -21.13 -45.85 45.76
CA GLU C 122 -21.28 -47.32 45.76
C GLU C 122 -22.74 -47.66 45.49
N ILE C 123 -23.01 -48.47 44.47
CA ILE C 123 -24.38 -48.92 44.12
C ILE C 123 -24.60 -50.27 44.75
N PRO C 124 -25.53 -50.36 45.71
CA PRO C 124 -25.79 -51.66 46.32
C PRO C 124 -26.57 -52.66 45.43
N LYS C 125 -26.27 -53.94 45.63
CA LYS C 125 -27.01 -55.07 45.03
C LYS C 125 -28.51 -55.09 45.30
N THR C 126 -28.90 -54.65 46.49
CA THR C 126 -30.30 -54.52 46.94
C THR C 126 -30.52 -53.23 47.74
N ILE C 127 -31.76 -52.83 47.90
CA ILE C 127 -32.16 -51.63 48.64
C ILE C 127 -33.35 -51.96 49.51
N ASN C 128 -33.54 -51.15 50.55
CA ASN C 128 -34.77 -51.17 51.34
C ASN C 128 -35.76 -50.28 50.59
N ARG C 129 -36.82 -50.90 50.08
CA ARG C 129 -37.84 -50.21 49.24
C ARG C 129 -38.86 -49.37 50.02
N ALA C 130 -38.90 -49.57 51.35
CA ALA C 130 -39.57 -48.65 52.28
C ALA C 130 -38.89 -47.28 52.41
N ALA C 131 -37.57 -47.25 52.20
CA ALA C 131 -36.73 -46.05 52.32
C ALA C 131 -36.28 -45.49 50.96
N VAL C 132 -35.67 -44.30 51.04
CA VAL C 132 -34.99 -43.65 49.94
C VAL C 132 -33.49 -43.59 50.29
N LEU C 133 -32.66 -44.21 49.48
CA LEU C 133 -31.21 -44.20 49.67
C LEU C 133 -30.58 -42.95 49.06
N MET C 134 -29.88 -42.17 49.91
CA MET C 134 -29.03 -41.05 49.44
C MET C 134 -27.63 -41.59 49.34
N LEU C 135 -27.03 -41.61 48.16
CA LEU C 135 -25.66 -42.11 48.01
C LEU C 135 -24.67 -41.08 48.52
N SER C 136 -23.71 -41.52 49.33
CA SER C 136 -22.58 -40.69 49.78
C SER C 136 -21.65 -40.43 48.60
N TRP C 137 -21.13 -39.20 48.52
CA TRP C 137 -20.11 -38.82 47.53
C TRP C 137 -18.77 -39.01 48.21
N LYS C 138 -18.01 -39.98 47.74
CA LYS C 138 -16.71 -40.33 48.32
C LYS C 138 -15.73 -39.68 47.31
N PRO C 139 -14.80 -38.80 47.76
CA PRO C 139 -13.85 -38.21 46.83
C PRO C 139 -12.78 -39.20 46.41
N LEU C 140 -12.49 -39.23 45.12
CA LEU C 140 -11.51 -40.13 44.56
C LEU C 140 -10.09 -39.59 44.72
N LEU C 141 -9.93 -38.26 44.74
CA LEU C 141 -8.60 -37.62 44.74
C LEU C 141 -8.24 -36.84 45.98
N ASP C 142 -6.94 -36.73 46.23
CA ASP C 142 -6.34 -35.83 47.21
C ASP C 142 -5.41 -34.89 46.40
N LEU C 143 -5.99 -33.82 45.83
CA LEU C 143 -5.26 -32.74 45.12
C LEU C 143 -4.40 -33.25 43.97
N TYR C 153 -4.56 -19.99 34.66
CA TYR C 153 -4.84 -20.52 33.32
C TYR C 153 -3.95 -19.94 32.21
N SER C 154 -3.39 -20.83 31.39
CA SER C 154 -2.75 -20.46 30.09
C SER C 154 -3.77 -19.90 29.09
N ARG C 155 -3.29 -19.18 28.07
CA ARG C 155 -4.14 -18.73 26.94
C ARG C 155 -4.87 -19.91 26.31
N GLU C 156 -4.18 -21.03 26.13
CA GLU C 156 -4.79 -22.22 25.56
C GLU C 156 -5.95 -22.74 26.42
N GLU C 157 -5.79 -22.75 27.74
CA GLU C 157 -6.88 -23.12 28.66
C GLU C 157 -8.04 -22.12 28.64
N GLU C 158 -7.74 -20.81 28.67
CA GLU C 158 -8.76 -19.76 28.65
C GLU C 158 -9.65 -19.91 27.44
N LEU C 159 -9.02 -20.01 26.27
CA LEU C 159 -9.72 -20.10 24.97
C LEU C 159 -10.53 -21.36 24.88
N LEU C 160 -9.97 -22.50 25.27
CA LEU C 160 -10.73 -23.75 25.27
C LEU C 160 -11.98 -23.65 26.15
N ARG C 161 -11.83 -23.03 27.33
CA ARG C 161 -12.94 -22.83 28.26
C ARG C 161 -14.03 -21.92 27.70
N GLU C 162 -13.62 -20.90 26.95
CA GLU C 162 -14.54 -20.06 26.16
C GLU C 162 -15.29 -20.89 25.11
N ARG C 163 -14.58 -21.69 24.33
CA ARG C 163 -15.18 -22.53 23.27
C ARG C 163 -16.09 -23.62 23.84
N LYS C 164 -15.68 -24.28 24.92
CA LYS C 164 -16.50 -25.29 25.61
C LYS C 164 -17.61 -24.70 26.52
N ARG C 165 -17.56 -23.40 26.81
CA ARG C 165 -18.55 -22.71 27.68
C ARG C 165 -18.57 -23.27 29.12
N ILE C 166 -17.38 -23.44 29.69
CA ILE C 166 -17.26 -24.04 31.02
C ILE C 166 -16.76 -23.01 32.00
N GLY C 167 -17.55 -22.81 33.08
CA GLY C 167 -17.21 -21.96 34.23
C GLY C 167 -16.56 -22.69 35.41
N THR C 168 -16.27 -23.98 35.24
CA THR C 168 -15.78 -24.84 36.31
C THR C 168 -14.28 -24.62 36.42
N VAL C 169 -13.79 -24.67 37.64
CA VAL C 169 -12.38 -24.67 37.95
C VAL C 169 -12.06 -26.12 38.29
N GLY C 170 -10.95 -26.65 37.78
CA GLY C 170 -10.38 -27.95 38.20
C GLY C 170 -10.40 -28.94 37.06
N ILE C 171 -10.98 -30.12 37.27
CA ILE C 171 -10.96 -31.17 36.27
C ILE C 171 -12.18 -31.00 35.43
N ALA C 172 -11.98 -30.81 34.15
CA ALA C 172 -13.11 -30.61 33.23
C ALA C 172 -13.54 -31.92 32.56
N SER C 173 -12.58 -32.81 32.34
CA SER C 173 -12.82 -34.16 31.84
C SER C 173 -11.75 -35.16 32.27
N TYR C 174 -12.03 -36.42 31.99
CA TYR C 174 -11.15 -37.53 32.25
C TYR C 174 -11.33 -38.63 31.22
N ASP C 175 -10.28 -39.43 31.13
CA ASP C 175 -10.19 -40.66 30.37
C ASP C 175 -9.98 -41.78 31.34
N TYR C 176 -10.36 -42.98 30.90
CA TYR C 176 -10.30 -44.23 31.70
C TYR C 176 -10.03 -45.42 30.80
N HIS C 177 -9.38 -46.45 31.34
CA HIS C 177 -9.11 -47.70 30.60
C HIS C 177 -9.57 -48.83 31.52
N GLN C 178 -10.66 -49.48 31.09
CA GLN C 178 -11.36 -50.53 31.84
C GLN C 178 -10.43 -51.63 32.34
N GLY C 179 -9.56 -52.12 31.45
CA GLY C 179 -8.72 -53.30 31.72
C GLY C 179 -7.64 -53.10 32.77
N SER C 180 -7.20 -51.86 32.92
CA SER C 180 -6.15 -51.48 33.87
C SER C 180 -6.68 -50.72 35.07
N GLY C 181 -7.84 -50.08 34.93
CA GLY C 181 -8.35 -49.13 35.92
C GLY C 181 -7.64 -47.77 35.94
N THR C 182 -6.96 -47.41 34.87
CA THR C 182 -6.18 -46.19 34.82
C THR C 182 -7.09 -45.01 34.46
N PHE C 183 -7.20 -44.03 35.35
CA PHE C 183 -7.70 -42.70 35.06
C PHE C 183 -6.58 -41.79 34.57
N LEU C 184 -6.88 -40.94 33.60
CA LEU C 184 -5.97 -39.95 33.08
C LEU C 184 -6.73 -38.66 32.99
N PHE C 185 -6.15 -37.63 33.54
CA PHE C 185 -6.80 -36.33 33.52
C PHE C 185 -5.81 -35.20 33.67
N GLN C 186 -6.17 -34.09 33.05
CA GLN C 186 -5.53 -32.79 33.28
C GLN C 186 -6.12 -32.12 34.52
N ALA C 187 -5.27 -31.53 35.34
CA ALA C 187 -5.71 -30.61 36.39
C ALA C 187 -4.75 -29.42 36.34
N GLY C 188 -5.11 -28.42 35.54
CA GLY C 188 -4.32 -27.24 35.37
C GLY C 188 -3.07 -27.56 34.59
N SER C 189 -1.99 -26.96 35.03
CA SER C 189 -0.63 -27.24 34.62
C SER C 189 -0.30 -28.73 34.33
N GLY C 190 -0.73 -29.64 35.22
CA GLY C 190 -0.31 -31.05 35.18
C GLY C 190 -1.24 -32.03 34.51
N ILE C 191 -0.66 -33.10 33.98
CA ILE C 191 -1.37 -34.32 33.58
C ILE C 191 -1.08 -35.38 34.66
N TYR C 192 -2.13 -35.97 35.21
CA TYR C 192 -2.02 -36.93 36.28
C TYR C 192 -2.70 -38.24 35.91
N HIS C 193 -2.24 -39.32 36.57
CA HIS C 193 -2.93 -40.60 36.54
C HIS C 193 -2.98 -41.27 37.91
N VAL C 194 -4.06 -42.03 38.09
CA VAL C 194 -4.32 -42.97 39.16
C VAL C 194 -5.06 -44.20 38.65
N LYS C 195 -4.97 -45.27 39.41
CA LYS C 195 -5.73 -46.50 39.22
C LYS C 195 -6.84 -46.67 40.24
N ASP C 196 -8.02 -47.04 39.77
CA ASP C 196 -9.07 -47.61 40.62
C ASP C 196 -9.96 -48.51 39.78
N GLY C 197 -10.25 -49.68 40.36
CA GLY C 197 -11.27 -50.58 39.78
C GLY C 197 -10.97 -51.53 38.61
N GLY C 198 -9.69 -51.73 38.38
CA GLY C 198 -9.22 -52.84 37.59
C GLY C 198 -8.72 -53.95 38.50
N PRO C 199 -7.72 -54.70 38.02
CA PRO C 199 -7.06 -55.72 38.82
C PRO C 199 -6.55 -55.27 40.17
N GLN C 200 -6.00 -54.06 40.24
CA GLN C 200 -5.46 -53.47 41.49
C GLN C 200 -6.51 -53.31 42.60
N GLY C 201 -7.81 -53.27 42.24
CA GLY C 201 -8.90 -53.20 43.21
C GLY C 201 -9.43 -51.79 43.43
N PHE C 202 -10.25 -51.68 44.47
CA PHE C 202 -11.05 -50.48 44.74
C PHE C 202 -10.61 -49.81 46.04
N THR C 203 -10.17 -48.55 45.94
CA THR C 203 -9.83 -47.78 47.13
C THR C 203 -11.04 -47.54 48.03
N GLN C 204 -10.79 -47.49 49.32
CA GLN C 204 -11.75 -47.02 50.29
C GLN C 204 -11.42 -45.61 50.81
N GLN C 205 -10.49 -44.90 50.17
CA GLN C 205 -10.20 -43.50 50.54
C GLN C 205 -9.63 -42.71 49.35
N PRO C 206 -9.52 -41.38 49.45
CA PRO C 206 -8.99 -40.65 48.29
C PRO C 206 -7.51 -40.99 47.96
N LEU C 207 -7.21 -40.89 46.68
CA LEU C 207 -5.95 -41.26 46.11
C LEU C 207 -5.17 -40.03 45.76
N ARG C 208 -3.89 -40.02 46.15
CA ARG C 208 -2.95 -39.02 45.64
C ARG C 208 -2.52 -39.41 44.25
N PRO C 209 -2.81 -38.55 43.25
CA PRO C 209 -2.40 -38.88 41.92
C PRO C 209 -0.92 -38.76 41.66
N ASN C 210 -0.53 -39.33 40.52
CA ASN C 210 0.82 -39.34 40.05
C ASN C 210 0.93 -38.37 38.89
N LEU C 211 1.91 -37.47 38.97
CA LEU C 211 2.19 -36.51 37.91
C LEU C 211 2.93 -37.20 36.78
N VAL C 212 2.47 -37.03 35.54
CA VAL C 212 3.18 -37.54 34.38
C VAL C 212 4.31 -36.57 34.13
N GLU C 213 5.52 -37.08 34.24
CA GLU C 213 6.73 -36.29 33.97
C GLU C 213 6.79 -35.88 32.51
N THR C 214 7.39 -34.72 32.30
CA THR C 214 7.62 -34.18 30.99
C THR C 214 8.84 -33.29 30.98
N SER C 215 9.44 -33.19 29.79
CA SER C 215 10.47 -32.22 29.44
C SER C 215 9.91 -31.05 28.65
N CYS C 216 8.61 -31.06 28.34
CA CYS C 216 8.01 -30.03 27.53
C CYS C 216 7.87 -28.73 28.31
N PRO C 217 8.28 -27.59 27.73
CA PRO C 217 8.22 -26.31 28.46
C PRO C 217 6.82 -25.68 28.67
N ASN C 218 5.88 -25.98 27.81
CA ASN C 218 4.57 -25.31 27.74
C ASN C 218 3.46 -26.25 28.17
N ILE C 219 2.30 -25.64 28.37
CA ILE C 219 1.10 -26.37 28.76
C ILE C 219 0.82 -27.54 27.78
N ARG C 220 0.59 -28.69 28.37
CA ARG C 220 0.21 -29.90 27.66
C ARG C 220 -1.30 -30.00 27.71
N MET C 221 -1.91 -30.21 26.56
CA MET C 221 -3.37 -30.19 26.39
C MET C 221 -3.87 -31.49 25.82
N ASP C 222 -5.15 -31.77 26.07
CA ASP C 222 -5.87 -32.84 25.42
C ASP C 222 -5.23 -34.24 25.60
N PRO C 223 -4.98 -34.62 26.86
CA PRO C 223 -4.39 -35.92 27.10
C PRO C 223 -5.39 -37.05 26.87
N LYS C 224 -4.97 -38.07 26.12
CA LYS C 224 -5.74 -39.31 25.96
C LYS C 224 -4.87 -40.55 26.18
N LEU C 225 -5.38 -41.51 26.95
CA LEU C 225 -4.82 -42.87 27.04
C LEU C 225 -4.97 -43.61 25.76
N CYS C 226 -3.96 -44.41 25.43
CA CYS C 226 -4.05 -45.33 24.31
C CYS C 226 -4.93 -46.48 24.75
N PRO C 227 -6.08 -46.70 24.08
CA PRO C 227 -6.97 -47.80 24.51
C PRO C 227 -6.42 -49.21 24.38
N ALA C 228 -5.42 -49.37 23.50
CA ALA C 228 -4.68 -50.61 23.29
C ALA C 228 -3.54 -50.88 24.26
N ASP C 229 -2.92 -49.84 24.81
CA ASP C 229 -1.83 -49.97 25.80
C ASP C 229 -1.91 -48.80 26.75
N PRO C 230 -2.47 -49.01 27.95
CA PRO C 230 -2.60 -47.89 28.89
C PRO C 230 -1.30 -47.37 29.55
N ASP C 231 -0.15 -47.94 29.24
CA ASP C 231 1.13 -47.32 29.53
C ASP C 231 1.39 -46.06 28.66
N TRP C 232 0.75 -45.91 27.51
CA TRP C 232 1.01 -44.78 26.59
C TRP C 232 -0.09 -43.76 26.65
N ILE C 233 0.29 -42.48 26.64
CA ILE C 233 -0.62 -41.37 26.45
C ILE C 233 -0.15 -40.55 25.29
N ALA C 234 -1.09 -39.78 24.74
CA ALA C 234 -0.79 -38.70 23.83
C ALA C 234 -1.34 -37.39 24.38
N PHE C 235 -0.76 -36.31 23.88
CA PHE C 235 -1.19 -34.97 24.21
C PHE C 235 -0.74 -34.00 23.12
N ILE C 236 -1.20 -32.76 23.24
CA ILE C 236 -0.78 -31.68 22.39
C ILE C 236 0.14 -30.78 23.20
N HIS C 237 1.21 -30.36 22.56
CA HIS C 237 2.09 -29.31 23.10
C HIS C 237 2.52 -28.39 21.96
N SER C 238 2.28 -27.10 22.11
CA SER C 238 2.57 -26.09 21.08
C SER C 238 2.12 -26.58 19.71
N ASN C 239 0.87 -27.03 19.65
CA ASN C 239 0.24 -27.47 18.41
C ASN C 239 0.89 -28.64 17.64
N ASP C 240 1.61 -29.49 18.35
CA ASP C 240 2.12 -30.75 17.80
C ASP C 240 1.76 -31.86 18.78
N ILE C 241 1.73 -33.08 18.25
CA ILE C 241 1.35 -34.26 19.04
C ILE C 241 2.60 -34.89 19.63
N TRP C 242 2.51 -35.19 20.92
CA TRP C 242 3.54 -35.95 21.62
C TRP C 242 2.90 -37.17 22.22
N ILE C 243 3.73 -38.18 22.46
CA ILE C 243 3.35 -39.32 23.26
C ILE C 243 4.33 -39.50 24.39
N SER C 244 3.84 -40.18 25.41
CA SER C 244 4.57 -40.34 26.64
C SER C 244 4.17 -41.64 27.32
N ASN C 245 5.16 -42.37 27.81
CA ASN C 245 4.92 -43.65 28.46
C ASN C 245 4.99 -43.42 29.97
N ILE C 246 3.87 -43.67 30.65
CA ILE C 246 3.72 -43.39 32.08
C ILE C 246 4.38 -44.39 33.02
N VAL C 247 4.93 -45.48 32.46
CA VAL C 247 5.76 -46.43 33.20
C VAL C 247 7.25 -46.22 32.91
N THR C 248 7.63 -46.23 31.64
CA THR C 248 9.05 -46.14 31.23
C THR C 248 9.60 -44.73 31.24
N ARG C 249 8.68 -43.74 31.23
CA ARG C 249 8.98 -42.32 31.20
C ARG C 249 9.47 -41.81 29.82
N GLU C 250 9.38 -42.64 28.78
CA GLU C 250 9.81 -42.21 27.44
C GLU C 250 8.81 -41.21 26.90
N GLU C 251 9.35 -40.14 26.35
CA GLU C 251 8.59 -39.05 25.82
C GLU C 251 9.09 -38.81 24.40
N ARG C 252 8.17 -38.63 23.47
CA ARG C 252 8.50 -38.55 22.07
C ARG C 252 7.52 -37.64 21.33
N ARG C 253 8.08 -36.68 20.62
CA ARG C 253 7.33 -35.80 19.73
C ARG C 253 7.01 -36.53 18.44
N LEU C 254 5.76 -36.52 18.03
CA LEU C 254 5.32 -37.19 16.77
C LEU C 254 5.21 -36.32 15.54
N THR C 255 4.83 -35.06 15.73
CA THR C 255 4.66 -34.14 14.61
C THR C 255 5.53 -32.93 14.81
N TYR C 256 5.94 -32.34 13.70
CA TYR C 256 6.90 -31.23 13.70
C TYR C 256 6.40 -30.15 12.74
N VAL C 257 5.14 -29.79 12.89
CA VAL C 257 4.51 -28.79 12.01
C VAL C 257 4.52 -27.35 12.55
N HIS C 258 4.68 -27.19 13.87
CA HIS C 258 4.68 -25.88 14.54
C HIS C 258 6.03 -25.64 15.17
N ASN C 259 6.38 -24.36 15.26
CA ASN C 259 7.55 -23.87 15.98
C ASN C 259 7.04 -22.82 16.98
N GLU C 260 6.99 -23.19 18.27
CA GLU C 260 6.62 -22.26 19.38
C GLU C 260 7.36 -20.90 19.35
N LEU C 261 8.64 -20.92 18.98
CA LEU C 261 9.48 -19.72 18.91
C LEU C 261 9.11 -18.71 17.81
N ALA C 262 8.34 -19.13 16.79
CA ALA C 262 7.97 -18.25 15.68
C ALA C 262 6.67 -17.47 15.95
N ASN C 263 6.48 -16.43 15.14
CA ASN C 263 5.26 -15.66 15.14
C ASN C 263 4.20 -16.43 14.42
N MET C 264 3.00 -16.42 14.99
CA MET C 264 1.82 -17.03 14.37
C MET C 264 1.53 -16.54 12.89
N GLU C 265 1.92 -15.29 12.63
CA GLU C 265 1.87 -14.68 11.30
C GLU C 265 2.69 -15.47 10.22
N GLU C 266 3.83 -16.08 10.59
CA GLU C 266 4.63 -16.96 9.67
C GLU C 266 4.35 -18.47 9.86
N ASP C 267 3.89 -18.88 11.04
CA ASP C 267 3.77 -20.27 11.42
C ASP C 267 2.30 -20.61 11.76
N ALA C 268 1.61 -21.05 10.72
CA ALA C 268 0.20 -21.31 10.77
C ALA C 268 -0.20 -22.79 10.70
N ARG C 269 0.74 -23.73 10.84
CA ARG C 269 0.41 -25.17 10.84
C ARG C 269 0.24 -25.74 12.25
N SER C 270 -0.65 -26.71 12.35
CA SER C 270 -0.93 -27.43 13.59
C SER C 270 -1.34 -28.85 13.29
N ALA C 271 -1.10 -29.73 14.23
CA ALA C 271 -1.46 -31.13 14.15
C ALA C 271 -2.20 -31.54 15.42
N GLY C 272 -3.30 -32.23 15.25
CA GLY C 272 -4.00 -32.81 16.36
C GLY C 272 -4.95 -31.89 17.08
N VAL C 273 -5.08 -30.62 16.65
CA VAL C 273 -5.99 -29.66 17.29
C VAL C 273 -7.10 -29.30 16.33
N ALA C 274 -8.29 -29.11 16.90
CA ALA C 274 -9.41 -28.48 16.22
C ALA C 274 -9.20 -26.98 16.23
N THR C 275 -9.34 -26.37 15.04
CA THR C 275 -9.23 -24.94 14.87
C THR C 275 -10.51 -24.28 15.41
N PHE C 276 -10.47 -22.96 15.47
CA PHE C 276 -11.49 -22.13 16.08
C PHE C 276 -12.91 -22.45 15.68
N VAL C 277 -13.16 -22.54 14.38
CA VAL C 277 -14.56 -22.74 13.90
C VAL C 277 -15.11 -24.09 14.35
N LEU C 278 -14.22 -25.10 14.36
CA LEU C 278 -14.61 -26.42 14.81
C LEU C 278 -14.98 -26.45 16.29
N GLN C 279 -14.26 -25.72 17.11
CA GLN C 279 -14.58 -25.67 18.54
C GLN C 279 -15.81 -24.80 18.81
N GLU C 280 -15.86 -23.64 18.15
CA GLU C 280 -16.96 -22.67 18.34
C GLU C 280 -18.27 -23.06 17.69
N GLU C 281 -18.22 -23.64 16.49
CA GLU C 281 -19.41 -23.90 15.71
C GLU C 281 -19.81 -25.33 15.47
N PHE C 282 -18.93 -26.26 15.76
CA PHE C 282 -19.21 -27.68 15.62
C PHE C 282 -18.99 -28.50 16.90
N ASP C 283 -18.50 -27.90 18.00
CA ASP C 283 -18.17 -28.63 19.24
C ASP C 283 -17.26 -29.85 19.12
N ARG C 284 -16.26 -29.71 18.24
CA ARG C 284 -15.13 -30.64 18.12
C ARG C 284 -13.93 -29.93 18.72
N TYR C 285 -13.38 -30.51 19.77
CA TYR C 285 -12.24 -29.91 20.51
C TYR C 285 -10.93 -30.64 20.31
N SER C 286 -11.00 -31.89 19.87
CA SER C 286 -9.84 -32.71 19.60
C SER C 286 -9.62 -32.87 18.09
N GLY C 287 -8.35 -33.01 17.70
CA GLY C 287 -7.97 -33.31 16.29
C GLY C 287 -7.13 -34.56 16.10
N TYR C 288 -7.16 -35.50 17.06
CA TYR C 288 -6.41 -36.76 16.96
C TYR C 288 -7.15 -37.86 17.68
N TRP C 289 -6.99 -39.07 17.18
CA TRP C 289 -7.77 -40.24 17.62
C TRP C 289 -6.86 -41.43 17.61
N TRP C 290 -6.62 -42.00 18.82
CA TRP C 290 -5.91 -43.29 18.95
C TRP C 290 -6.69 -44.42 18.23
N CYS C 291 -5.97 -45.23 17.47
CA CYS C 291 -6.49 -46.51 16.99
C CYS C 291 -6.67 -47.43 18.21
N PRO C 292 -7.88 -47.99 18.40
CA PRO C 292 -8.16 -48.73 19.63
C PRO C 292 -7.50 -50.10 19.77
N LYS C 293 -6.85 -50.61 18.72
CA LYS C 293 -6.16 -51.88 18.73
C LYS C 293 -4.75 -51.72 18.21
N ALA C 294 -3.89 -52.61 18.69
CA ALA C 294 -2.48 -52.66 18.32
C ALA C 294 -2.29 -53.82 17.35
N GLU C 295 -1.49 -53.59 16.32
CA GLU C 295 -1.13 -54.62 15.36
C GLU C 295 0.11 -55.28 15.92
N THR C 296 0.04 -56.60 16.09
CA THR C 296 1.15 -57.39 16.59
C THR C 296 2.25 -57.57 15.50
N THR C 297 3.51 -57.56 15.91
CA THR C 297 4.67 -57.74 14.97
C THR C 297 5.31 -59.12 15.15
N PRO C 298 5.99 -59.66 14.10
CA PRO C 298 6.78 -60.89 14.24
C PRO C 298 7.87 -60.87 15.34
N SER C 299 8.43 -59.69 15.64
CA SER C 299 9.44 -59.53 16.74
C SER C 299 8.95 -59.79 18.20
N GLY C 300 7.63 -59.89 18.41
CA GLY C 300 7.04 -59.81 19.74
C GLY C 300 6.66 -58.41 20.17
N GLY C 301 6.85 -57.40 19.28
CA GLY C 301 6.51 -56.00 19.55
C GLY C 301 5.08 -55.68 19.13
N LYS C 302 4.87 -54.41 18.76
CA LYS C 302 3.57 -53.93 18.24
C LYS C 302 3.61 -52.55 17.56
N ILE C 303 2.55 -52.27 16.80
CA ILE C 303 2.39 -50.96 16.11
C ILE C 303 1.15 -50.31 16.68
N LEU C 304 1.32 -49.08 17.19
CA LEU C 304 0.18 -48.24 17.59
C LEU C 304 -0.01 -47.19 16.53
N ARG C 305 -1.23 -46.71 16.41
CA ARG C 305 -1.58 -45.75 15.35
C ARG C 305 -2.38 -44.58 15.91
N ILE C 306 -2.08 -43.36 15.43
CA ILE C 306 -2.89 -42.18 15.70
C ILE C 306 -3.29 -41.52 14.41
N LEU C 307 -4.60 -41.41 14.21
CA LEU C 307 -5.16 -40.60 13.17
C LEU C 307 -5.18 -39.20 13.66
N TYR C 308 -4.79 -38.27 12.80
CA TYR C 308 -4.91 -36.86 13.16
C TYR C 308 -5.24 -35.92 12.00
N GLU C 309 -5.93 -34.83 12.35
CA GLU C 309 -6.17 -33.70 11.47
C GLU C 309 -4.88 -32.87 11.47
N GLU C 310 -4.36 -32.53 10.29
CA GLU C 310 -3.33 -31.51 10.13
C GLU C 310 -3.96 -30.31 9.44
N ASN C 311 -3.78 -29.12 10.01
CA ASN C 311 -4.37 -27.86 9.54
C ASN C 311 -3.28 -26.91 9.12
N ASP C 312 -3.60 -26.10 8.13
CA ASP C 312 -2.77 -25.01 7.66
C ASP C 312 -3.66 -23.77 7.55
N GLU C 313 -3.42 -22.83 8.47
CA GLU C 313 -4.18 -21.63 8.59
C GLU C 313 -3.56 -20.44 7.87
N SER C 314 -2.52 -20.66 7.08
CA SER C 314 -1.78 -19.59 6.33
C SER C 314 -2.62 -18.57 5.60
N GLU C 315 -3.69 -19.05 4.95
CA GLU C 315 -4.58 -18.18 4.16
C GLU C 315 -5.79 -17.67 4.94
N VAL C 316 -5.89 -18.02 6.23
CA VAL C 316 -7.01 -17.57 7.07
C VAL C 316 -6.68 -16.15 7.54
N GLU C 317 -7.70 -15.31 7.61
CA GLU C 317 -7.53 -13.92 7.99
C GLU C 317 -7.08 -13.81 9.45
N ILE C 318 -6.18 -12.85 9.70
CA ILE C 318 -5.72 -12.54 11.03
C ILE C 318 -6.45 -11.30 11.55
N ILE C 319 -7.17 -11.49 12.66
CA ILE C 319 -7.67 -10.37 13.47
C ILE C 319 -6.88 -10.17 14.74
N HIS C 320 -7.10 -9.01 15.34
CA HIS C 320 -6.52 -8.62 16.60
C HIS C 320 -7.60 -8.38 17.63
N VAL C 321 -7.45 -9.02 18.77
CA VAL C 321 -8.35 -8.88 19.93
C VAL C 321 -7.50 -8.34 21.08
N THR C 322 -8.03 -7.33 21.77
CA THR C 322 -7.36 -6.71 22.94
C THR C 322 -6.90 -7.78 23.95
N SER C 323 -5.63 -7.70 24.34
CA SER C 323 -5.08 -8.62 25.34
C SER C 323 -5.73 -8.25 26.69
N PRO C 324 -6.14 -9.25 27.50
CA PRO C 324 -6.68 -9.01 28.85
C PRO C 324 -5.85 -8.16 29.77
N MET C 325 -4.54 -8.24 29.63
CA MET C 325 -3.60 -7.42 30.37
C MET C 325 -3.64 -5.99 29.81
N LEU C 326 -4.69 -5.25 30.14
CA LEU C 326 -4.92 -3.89 29.59
C LEU C 326 -3.77 -2.89 29.74
N GLU C 327 -2.99 -3.05 30.82
N GLU C 327 -2.99 -3.04 30.82
CA GLU C 327 -1.74 -2.30 31.08
CA GLU C 327 -1.83 -2.18 31.07
C GLU C 327 -0.74 -2.36 29.93
C GLU C 327 -0.72 -2.37 29.99
N THR C 328 -0.75 -3.47 29.21
CA THR C 328 0.18 -3.71 28.11
C THR C 328 -0.11 -2.89 26.87
N ARG C 329 -1.40 -2.60 26.63
CA ARG C 329 -1.86 -1.75 25.52
C ARG C 329 -1.54 -2.46 24.21
N ARG C 330 -1.84 -3.76 24.21
CA ARG C 330 -1.49 -4.71 23.15
C ARG C 330 -2.72 -5.58 22.84
N ALA C 331 -2.58 -6.40 21.83
CA ALA C 331 -3.64 -7.10 21.17
C ALA C 331 -3.05 -8.44 20.71
N ASP C 332 -3.84 -9.48 20.80
CA ASP C 332 -3.43 -10.83 20.41
C ASP C 332 -3.93 -11.11 19.00
N SER C 333 -3.12 -11.82 18.22
CA SER C 333 -3.51 -12.32 16.92
C SER C 333 -4.37 -13.58 16.98
N PHE C 334 -5.46 -13.62 16.22
CA PHE C 334 -6.33 -14.78 16.04
C PHE C 334 -6.47 -15.06 14.54
N ARG C 335 -6.39 -16.34 14.19
CA ARG C 335 -6.88 -16.83 12.91
C ARG C 335 -8.43 -16.95 12.97
N TYR C 336 -9.14 -16.02 12.31
CA TYR C 336 -10.61 -15.96 12.35
C TYR C 336 -11.13 -15.96 10.91
N PRO C 337 -11.72 -17.09 10.51
CA PRO C 337 -12.24 -17.13 9.16
C PRO C 337 -13.60 -16.46 9.11
N LYS C 338 -13.61 -15.21 8.67
CA LYS C 338 -14.88 -14.50 8.47
C LYS C 338 -15.65 -15.06 7.29
N THR C 339 -16.96 -14.90 7.35
CA THR C 339 -17.86 -15.22 6.27
C THR C 339 -17.28 -14.87 4.91
N GLY C 340 -17.35 -15.85 4.02
CA GLY C 340 -16.89 -15.73 2.66
C GLY C 340 -15.41 -15.81 2.40
N THR C 341 -14.60 -16.15 3.39
CA THR C 341 -13.12 -16.16 3.28
C THR C 341 -12.58 -17.55 3.59
N ALA C 342 -11.29 -17.75 3.46
CA ALA C 342 -10.72 -19.09 3.52
C ALA C 342 -10.84 -19.71 4.91
N ASN C 343 -11.41 -20.91 4.95
CA ASN C 343 -11.21 -21.84 6.05
C ASN C 343 -9.81 -22.44 5.96
N PRO C 344 -9.34 -23.07 7.06
CA PRO C 344 -8.03 -23.73 7.01
C PRO C 344 -7.95 -24.85 5.98
N LYS C 345 -6.78 -25.03 5.37
CA LYS C 345 -6.52 -26.18 4.48
C LYS C 345 -6.28 -27.37 5.44
N VAL C 346 -7.16 -28.37 5.36
CA VAL C 346 -7.14 -29.56 6.20
C VAL C 346 -6.70 -30.80 5.41
N THR C 347 -6.13 -31.76 6.13
CA THR C 347 -5.95 -33.11 5.64
C THR C 347 -5.89 -34.08 6.82
N PHE C 348 -5.93 -35.37 6.49
CA PHE C 348 -5.71 -36.42 7.47
C PHE C 348 -4.31 -36.93 7.31
N LYS C 349 -3.74 -37.29 8.43
CA LYS C 349 -2.40 -37.88 8.49
C LYS C 349 -2.50 -39.01 9.48
N MET C 350 -1.51 -39.87 9.44
CA MET C 350 -1.42 -40.94 10.39
C MET C 350 0.01 -41.09 10.88
N SER C 351 0.12 -41.28 12.19
CA SER C 351 1.38 -41.58 12.83
C SER C 351 1.38 -43.06 13.17
N GLU C 352 2.42 -43.75 12.76
CA GLU C 352 2.58 -45.18 12.96
C GLU C 352 3.77 -45.33 13.91
N ILE C 353 3.52 -45.91 15.07
CA ILE C 353 4.48 -45.91 16.18
C ILE C 353 4.85 -47.36 16.47
N MET C 354 6.08 -47.81 16.13
CA MET C 354 6.53 -49.21 16.37
C MET C 354 7.17 -49.26 17.73
N ILE C 355 6.67 -50.14 18.59
CA ILE C 355 7.12 -50.34 19.97
C ILE C 355 7.73 -51.75 20.05
N ASP C 356 8.82 -51.90 20.80
CA ASP C 356 9.47 -53.24 20.97
C ASP C 356 8.76 -54.06 22.06
N ALA C 357 9.27 -55.27 22.29
CA ALA C 357 8.73 -56.22 23.27
C ALA C 357 8.62 -55.67 24.70
N GLU C 358 9.54 -54.79 25.12
CA GLU C 358 9.48 -54.21 26.48
C GLU C 358 9.05 -52.72 26.49
N GLY C 359 8.22 -52.28 25.54
CA GLY C 359 7.65 -50.91 25.55
C GLY C 359 8.54 -49.72 25.16
N ARG C 360 9.72 -50.00 24.59
CA ARG C 360 10.60 -48.96 24.06
C ARG C 360 10.14 -48.68 22.62
N ILE C 361 10.14 -47.42 22.22
CA ILE C 361 9.87 -47.03 20.86
C ILE C 361 11.05 -47.49 20.01
N ILE C 362 10.74 -48.16 18.91
CA ILE C 362 11.71 -48.47 17.84
C ILE C 362 11.78 -47.29 16.87
N ASP C 363 10.62 -46.89 16.36
CA ASP C 363 10.56 -45.94 15.25
C ASP C 363 9.19 -45.31 15.19
N VAL C 364 9.14 -44.15 14.57
CA VAL C 364 7.89 -43.43 14.29
C VAL C 364 7.87 -43.05 12.82
N ILE C 365 6.80 -43.43 12.11
CA ILE C 365 6.68 -43.16 10.69
C ILE C 365 5.44 -42.27 10.51
N ASP C 366 5.67 -41.07 10.01
CA ASP C 366 4.59 -40.13 9.72
C ASP C 366 4.08 -40.42 8.32
N LYS C 367 2.77 -40.57 8.18
CA LYS C 367 2.17 -41.02 6.93
C LYS C 367 1.10 -40.08 6.45
N GLU C 368 1.04 -39.89 5.13
CA GLU C 368 0.14 -38.96 4.44
C GLU C 368 -0.75 -39.74 3.49
N LEU C 369 -1.89 -39.16 3.15
CA LEU C 369 -2.80 -39.76 2.17
C LEU C 369 -2.12 -39.94 0.82
N ILE C 370 -2.38 -41.09 0.19
CA ILE C 370 -1.77 -41.43 -1.09
C ILE C 370 -2.00 -40.41 -2.21
N GLN C 371 -3.17 -39.79 -2.19
CA GLN C 371 -3.50 -38.66 -3.07
C GLN C 371 -4.02 -37.55 -2.15
N PRO C 372 -4.01 -36.30 -2.64
CA PRO C 372 -4.44 -35.21 -1.75
C PRO C 372 -5.89 -35.28 -1.28
N PHE C 373 -6.13 -34.73 -0.11
CA PHE C 373 -7.47 -34.66 0.51
C PHE C 373 -8.52 -34.10 -0.47
N GLU C 374 -8.18 -33.02 -1.15
CA GLU C 374 -9.05 -32.35 -2.11
C GLU C 374 -9.52 -33.26 -3.27
N ILE C 375 -8.66 -34.19 -3.68
CA ILE C 375 -8.94 -35.17 -4.75
C ILE C 375 -9.80 -36.35 -4.23
N LEU C 376 -9.37 -36.92 -3.10
CA LEU C 376 -10.07 -38.04 -2.46
C LEU C 376 -11.42 -37.71 -1.86
N PHE C 377 -11.58 -36.47 -1.41
CA PHE C 377 -12.81 -36.01 -0.74
C PHE C 377 -13.29 -34.72 -1.41
N GLU C 378 -13.64 -34.84 -2.68
N GLU C 378 -13.68 -34.86 -2.68
CA GLU C 378 -14.09 -33.72 -3.54
CA GLU C 378 -14.20 -33.76 -3.51
C GLU C 378 -15.21 -32.94 -2.81
C GLU C 378 -15.24 -32.95 -2.76
N GLY C 379 -15.02 -31.63 -2.70
CA GLY C 379 -16.01 -30.72 -2.12
C GLY C 379 -16.12 -30.59 -0.62
N VAL C 380 -15.28 -31.32 0.12
CA VAL C 380 -15.33 -31.30 1.57
C VAL C 380 -14.58 -30.08 2.04
N GLU C 381 -15.24 -29.31 2.89
CA GLU C 381 -14.67 -28.14 3.55
C GLU C 381 -14.29 -28.48 5.00
N TYR C 382 -15.19 -29.15 5.75
CA TYR C 382 -15.03 -29.42 7.16
C TYR C 382 -14.98 -30.92 7.55
N ILE C 383 -14.04 -31.29 8.41
CA ILE C 383 -14.02 -32.57 9.08
C ILE C 383 -14.81 -32.39 10.39
N ALA C 384 -16.07 -32.80 10.40
CA ALA C 384 -16.95 -32.52 11.54
C ALA C 384 -16.68 -33.46 12.69
N ARG C 385 -16.50 -34.73 12.38
CA ARG C 385 -16.27 -35.79 13.33
C ARG C 385 -15.33 -36.82 12.75
N ALA C 386 -14.63 -37.51 13.64
CA ALA C 386 -13.74 -38.60 13.26
C ALA C 386 -13.47 -39.52 14.41
N GLY C 387 -13.03 -40.70 14.04
CA GLY C 387 -12.85 -41.78 14.98
C GLY C 387 -12.39 -43.03 14.27
N TRP C 388 -12.53 -44.14 14.99
CA TRP C 388 -12.24 -45.46 14.46
C TRP C 388 -13.40 -46.41 14.64
N THR C 389 -13.44 -47.43 13.78
CA THR C 389 -14.38 -48.55 13.97
C THR C 389 -13.90 -49.32 15.22
N PRO C 390 -14.80 -50.03 15.92
CA PRO C 390 -14.43 -50.72 17.18
C PRO C 390 -13.22 -51.67 17.12
N GLU C 391 -13.04 -52.37 15.99
CA GLU C 391 -11.94 -53.28 15.75
C GLU C 391 -10.64 -52.57 15.33
N GLY C 392 -10.72 -51.29 14.97
CA GLY C 392 -9.62 -50.55 14.39
C GLY C 392 -9.33 -50.79 12.91
N LYS C 393 -10.18 -51.54 12.18
CA LYS C 393 -9.90 -51.84 10.76
C LYS C 393 -9.91 -50.56 9.92
N TYR C 394 -10.86 -49.65 10.18
CA TYR C 394 -10.99 -48.38 9.46
C TYR C 394 -11.04 -47.21 10.44
N ALA C 395 -10.45 -46.09 10.00
CA ALA C 395 -10.80 -44.79 10.54
C ALA C 395 -12.10 -44.38 9.84
N TRP C 396 -12.93 -43.63 10.57
CA TRP C 396 -14.11 -43.01 9.96
C TRP C 396 -14.07 -41.50 10.12
N SER C 397 -14.82 -40.85 9.25
CA SER C 397 -15.04 -39.43 9.34
C SER C 397 -16.40 -39.01 8.80
N ILE C 398 -16.97 -37.96 9.38
CA ILE C 398 -18.16 -37.30 8.91
C ILE C 398 -17.68 -35.96 8.35
N LEU C 399 -18.00 -35.74 7.09
CA LEU C 399 -17.45 -34.66 6.29
C LEU C 399 -18.55 -33.78 5.70
N LEU C 400 -18.33 -32.46 5.69
CA LEU C 400 -19.31 -31.50 5.16
C LEU C 400 -18.72 -30.74 4.03
N ASP C 401 -19.58 -30.37 3.09
CA ASP C 401 -19.25 -29.34 2.10
C ASP C 401 -19.35 -27.96 2.72
N ARG C 402 -18.82 -26.97 2.01
CA ARG C 402 -18.83 -25.59 2.51
C ARG C 402 -20.21 -25.04 2.86
N SER C 403 -21.18 -25.31 2.01
CA SER C 403 -22.56 -24.80 2.22
C SER C 403 -23.32 -25.54 3.33
N GLN C 404 -22.78 -26.66 3.78
CA GLN C 404 -23.30 -27.45 4.90
C GLN C 404 -24.66 -28.08 4.59
N THR C 405 -24.80 -28.46 3.33
CA THR C 405 -25.98 -29.12 2.80
C THR C 405 -25.69 -30.55 2.32
N ARG C 406 -24.43 -30.99 2.33
CA ARG C 406 -24.08 -32.38 1.99
C ARG C 406 -23.21 -32.94 3.13
N LEU C 407 -23.66 -34.02 3.73
CA LEU C 407 -22.88 -34.80 4.71
C LEU C 407 -22.50 -36.11 4.07
N GLN C 408 -21.28 -36.57 4.36
CA GLN C 408 -20.80 -37.89 3.94
C GLN C 408 -20.17 -38.56 5.16
N ILE C 409 -20.38 -39.86 5.30
CA ILE C 409 -19.71 -40.68 6.31
C ILE C 409 -18.77 -41.52 5.50
N VAL C 410 -17.48 -41.46 5.82
CA VAL C 410 -16.44 -42.06 5.01
C VAL C 410 -15.52 -42.92 5.85
N LEU C 411 -15.23 -44.14 5.38
CA LEU C 411 -14.24 -45.04 5.97
C LEU C 411 -12.94 -44.93 5.22
N ILE C 412 -11.87 -44.87 6.02
CA ILE C 412 -10.52 -44.55 5.56
C ILE C 412 -9.65 -45.67 6.11
N SER C 413 -9.18 -46.56 5.24
CA SER C 413 -8.29 -47.62 5.63
C SER C 413 -6.91 -47.05 5.95
N PRO C 414 -6.22 -47.59 6.97
CA PRO C 414 -4.80 -47.27 7.17
C PRO C 414 -3.90 -47.51 5.96
N GLU C 415 -4.21 -48.53 5.14
CA GLU C 415 -3.48 -48.81 3.90
C GLU C 415 -3.49 -47.67 2.87
N LEU C 416 -4.45 -46.75 3.02
CA LEU C 416 -4.55 -45.50 2.24
C LEU C 416 -3.47 -44.42 2.51
N PHE C 417 -2.74 -44.59 3.61
CA PHE C 417 -1.65 -43.71 4.00
C PHE C 417 -0.30 -44.32 3.63
N ILE C 418 0.64 -43.49 3.21
CA ILE C 418 2.02 -43.91 2.91
C ILE C 418 2.99 -43.02 3.62
N PRO C 419 4.23 -43.49 3.87
CA PRO C 419 5.27 -42.60 4.42
C PRO C 419 5.42 -41.26 3.69
N VAL C 420 5.62 -40.21 4.45
CA VAL C 420 6.03 -38.92 3.89
C VAL C 420 7.44 -39.18 3.38
N GLU C 421 7.65 -38.87 2.11
CA GLU C 421 8.95 -39.01 1.49
C GLU C 421 9.10 -37.88 0.47
N ASP C 422 9.99 -36.94 0.79
CA ASP C 422 10.32 -35.81 -0.08
C ASP C 422 11.11 -36.26 -1.33
N ASP C 423 11.98 -37.29 -1.18
CA ASP C 423 12.60 -38.02 -2.31
C ASP C 423 11.58 -38.62 -3.31
N VAL C 424 11.70 -38.26 -4.59
CA VAL C 424 10.63 -38.45 -5.56
C VAL C 424 10.65 -39.87 -6.16
N MET C 425 11.84 -40.43 -6.40
CA MET C 425 12.01 -41.83 -6.90
C MET C 425 11.35 -42.82 -5.91
N GLU C 426 11.73 -42.69 -4.65
CA GLU C 426 11.16 -43.50 -3.57
C GLU C 426 9.65 -43.30 -3.31
N ARG C 427 9.15 -42.08 -3.53
CA ARG C 427 7.73 -41.78 -3.38
C ARG C 427 6.84 -42.57 -4.34
N GLN C 428 7.30 -42.68 -5.59
CA GLN C 428 6.59 -43.45 -6.61
C GLN C 428 6.52 -44.90 -6.29
N ARG C 429 7.65 -45.45 -5.85
CA ARG C 429 7.70 -46.82 -5.31
C ARG C 429 6.61 -47.05 -4.25
N LEU C 430 6.48 -46.10 -3.32
CA LEU C 430 5.44 -46.16 -2.27
C LEU C 430 4.01 -46.01 -2.78
N ILE C 431 3.79 -45.15 -3.77
CA ILE C 431 2.46 -45.01 -4.41
C ILE C 431 2.02 -46.29 -5.15
N GLU C 432 2.92 -46.87 -5.93
CA GLU C 432 2.64 -48.09 -6.70
C GLU C 432 2.41 -49.33 -5.83
N SER C 433 3.06 -49.36 -4.66
CA SER C 433 2.89 -50.43 -3.69
C SER C 433 1.50 -50.53 -3.04
N VAL C 434 0.69 -49.46 -3.12
CA VAL C 434 -0.68 -49.47 -2.64
C VAL C 434 -1.61 -49.89 -3.79
N PRO C 435 -2.38 -50.97 -3.59
CA PRO C 435 -3.29 -51.41 -4.68
C PRO C 435 -4.40 -50.40 -5.01
N ASP C 436 -4.90 -50.45 -6.23
CA ASP C 436 -6.02 -49.59 -6.67
C ASP C 436 -7.31 -49.85 -5.94
N SER C 437 -7.48 -51.10 -5.51
CA SER C 437 -8.64 -51.58 -4.71
C SER C 437 -8.86 -50.91 -3.37
N VAL C 438 -7.78 -50.37 -2.81
CA VAL C 438 -7.84 -49.58 -1.56
C VAL C 438 -8.23 -48.13 -1.89
N THR C 439 -9.49 -47.80 -1.57
CA THR C 439 -10.06 -46.47 -1.81
C THR C 439 -10.85 -46.02 -0.61
N PRO C 440 -11.18 -44.72 -0.53
CA PRO C 440 -12.10 -44.31 0.53
C PRO C 440 -13.49 -44.81 0.22
N LEU C 441 -14.24 -45.08 1.28
CA LEU C 441 -15.52 -45.73 1.17
C LEU C 441 -16.58 -44.82 1.77
N ILE C 442 -17.34 -44.15 0.91
CA ILE C 442 -18.48 -43.35 1.36
C ILE C 442 -19.64 -44.33 1.63
N ILE C 443 -19.83 -44.62 2.90
CA ILE C 443 -20.89 -45.51 3.37
C ILE C 443 -22.25 -44.83 3.57
N TYR C 444 -22.27 -43.51 3.57
CA TYR C 444 -23.50 -42.78 3.74
C TYR C 444 -23.34 -41.39 3.18
N GLU C 445 -24.33 -40.91 2.41
CA GLU C 445 -24.36 -39.53 1.92
C GLU C 445 -25.79 -39.04 1.99
N GLU C 446 -25.98 -37.80 2.43
CA GLU C 446 -27.27 -37.17 2.49
C GLU C 446 -27.13 -35.70 2.11
N THR C 447 -28.25 -35.14 1.66
CA THR C 447 -28.40 -33.75 1.27
C THR C 447 -29.66 -33.15 1.86
N THR C 448 -29.67 -31.81 1.95
CA THR C 448 -30.82 -31.04 2.41
C THR C 448 -30.85 -29.66 1.76
N ASP C 449 -32.04 -29.11 1.65
CA ASP C 449 -32.23 -27.73 1.20
C ASP C 449 -32.16 -26.70 2.33
N ILE C 450 -32.03 -27.18 3.57
CA ILE C 450 -31.97 -26.35 4.76
C ILE C 450 -30.52 -26.37 5.27
N TRP C 451 -30.16 -27.26 6.21
CA TRP C 451 -28.74 -27.45 6.61
C TRP C 451 -28.60 -28.78 7.36
N ILE C 452 -27.39 -29.31 7.36
CA ILE C 452 -27.03 -30.44 8.22
C ILE C 452 -26.72 -29.86 9.60
N ASN C 453 -27.42 -30.36 10.60
CA ASN C 453 -27.05 -30.17 12.00
C ASN C 453 -26.23 -31.39 12.41
N ILE C 454 -24.96 -31.13 12.71
CA ILE C 454 -24.03 -32.14 13.17
C ILE C 454 -24.43 -32.59 14.56
N HIS C 455 -24.23 -33.89 14.79
CA HIS C 455 -24.51 -34.51 16.08
C HIS C 455 -23.46 -35.57 16.39
N ASP C 456 -23.56 -36.10 17.60
CA ASP C 456 -22.61 -37.09 18.13
C ASP C 456 -23.01 -38.57 17.99
N ILE C 457 -24.19 -38.82 17.45
CA ILE C 457 -24.68 -40.18 17.23
C ILE C 457 -24.07 -40.81 15.97
N PHE C 458 -23.31 -41.87 16.22
CA PHE C 458 -22.82 -42.74 15.18
C PHE C 458 -22.30 -44.02 15.86
N HIS C 459 -22.99 -45.15 15.67
CA HIS C 459 -22.63 -46.43 16.29
C HIS C 459 -22.38 -47.45 15.21
N VAL C 460 -21.20 -48.04 15.25
CA VAL C 460 -20.77 -49.06 14.30
C VAL C 460 -20.79 -50.43 15.00
N PHE C 461 -21.50 -51.37 14.39
CA PHE C 461 -21.54 -52.74 14.86
C PHE C 461 -20.25 -53.52 14.50
N PRO C 462 -19.99 -54.64 15.18
CA PRO C 462 -18.92 -55.52 14.71
C PRO C 462 -19.17 -56.04 13.29
N GLN C 463 -18.12 -56.17 12.49
CA GLN C 463 -18.24 -56.66 11.10
C GLN C 463 -18.56 -58.18 11.05
N SER C 464 -19.70 -58.56 10.47
CA SER C 464 -20.01 -59.98 10.11
C SER C 464 -19.21 -60.47 8.91
N HIS C 465 -19.17 -59.62 7.88
CA HIS C 465 -18.58 -59.91 6.61
C HIS C 465 -17.55 -58.81 6.27
N GLU C 466 -16.40 -59.17 5.69
CA GLU C 466 -15.39 -58.23 5.16
C GLU C 466 -15.96 -57.17 4.19
N GLU C 467 -16.98 -57.54 3.41
CA GLU C 467 -17.62 -56.66 2.41
C GLU C 467 -18.90 -55.94 2.87
N GLU C 468 -19.11 -55.81 4.18
CA GLU C 468 -20.37 -55.26 4.71
C GLU C 468 -20.14 -54.57 6.02
N ILE C 469 -20.70 -53.37 6.16
CA ILE C 469 -20.71 -52.67 7.45
C ILE C 469 -22.09 -52.20 7.84
N GLU C 470 -22.39 -52.36 9.12
CA GLU C 470 -23.67 -52.12 9.70
C GLU C 470 -23.49 -51.02 10.76
N PHE C 471 -24.38 -50.03 10.79
CA PHE C 471 -24.29 -48.93 11.74
C PHE C 471 -25.63 -48.28 11.99
N ILE C 472 -25.72 -47.59 13.13
CA ILE C 472 -26.83 -46.70 13.40
C ILE C 472 -26.32 -45.29 13.24
N PHE C 473 -27.06 -44.46 12.52
CA PHE C 473 -26.80 -43.02 12.38
C PHE C 473 -28.14 -42.30 12.64
N ALA C 474 -28.11 -40.99 12.77
CA ALA C 474 -29.32 -40.17 12.97
C ALA C 474 -29.35 -39.10 11.92
N SER C 475 -30.54 -38.71 11.49
CA SER C 475 -30.70 -37.71 10.45
C SER C 475 -32.09 -37.05 10.40
N GLU C 476 -32.10 -35.76 10.03
CA GLU C 476 -33.30 -34.97 9.74
C GLU C 476 -33.64 -34.95 8.23
N CYS C 477 -32.78 -35.52 7.39
CA CYS C 477 -32.86 -35.31 5.94
C CYS C 477 -34.00 -36.03 5.25
N LYS C 478 -34.44 -37.20 5.76
CA LYS C 478 -35.64 -37.87 5.19
C LYS C 478 -36.92 -37.10 5.53
N THR C 479 -37.23 -36.94 6.82
CA THR C 479 -38.56 -36.49 7.29
C THR C 479 -38.64 -35.04 7.75
N GLY C 480 -37.50 -34.40 8.00
CA GLY C 480 -37.48 -33.10 8.67
C GLY C 480 -37.41 -33.13 10.20
N PHE C 481 -37.42 -34.32 10.81
CA PHE C 481 -37.15 -34.51 12.23
C PHE C 481 -36.00 -35.50 12.35
N ARG C 482 -35.12 -35.27 13.33
CA ARG C 482 -33.99 -36.17 13.58
C ARG C 482 -34.47 -37.50 14.10
N HIS C 483 -34.12 -38.55 13.37
CA HIS C 483 -34.48 -39.92 13.74
C HIS C 483 -33.34 -40.87 13.53
N LEU C 484 -33.46 -42.04 14.16
CA LEU C 484 -32.45 -43.08 14.11
C LEU C 484 -32.72 -44.02 12.95
N TYR C 485 -31.66 -44.37 12.23
CA TYR C 485 -31.73 -45.28 11.09
C TYR C 485 -30.63 -46.35 11.22
N LYS C 486 -30.95 -47.62 10.97
CA LYS C 486 -29.95 -48.69 10.86
C LYS C 486 -29.70 -48.90 9.39
N ILE C 487 -28.44 -48.77 9.03
CA ILE C 487 -27.99 -48.79 7.65
C ILE C 487 -26.95 -49.89 7.53
N THR C 488 -27.01 -50.58 6.40
CA THR C 488 -26.03 -51.59 6.06
C THR C 488 -25.54 -51.25 4.66
N SER C 489 -24.24 -51.02 4.52
CA SER C 489 -23.64 -50.55 3.28
C SER C 489 -22.67 -51.59 2.73
N ILE C 490 -22.58 -51.67 1.40
CA ILE C 490 -21.70 -52.63 0.69
C ILE C 490 -20.32 -52.00 0.47
N LEU C 491 -19.25 -52.69 0.88
CA LEU C 491 -17.85 -52.25 0.66
C LEU C 491 -17.23 -52.86 -0.60
N LYS C 492 -17.59 -52.33 -1.76
CA LYS C 492 -17.15 -52.89 -3.04
C LYS C 492 -15.83 -52.21 -3.46
N GLU C 493 -15.11 -52.87 -4.36
CA GLU C 493 -13.98 -52.28 -5.10
C GLU C 493 -14.53 -51.10 -5.92
N SER C 494 -13.82 -49.97 -5.92
CA SER C 494 -14.21 -48.84 -6.74
C SER C 494 -13.89 -49.10 -8.21
N LYS C 495 -14.70 -48.50 -9.08
CA LYS C 495 -14.42 -48.39 -10.52
C LYS C 495 -13.11 -47.61 -10.77
N TYR C 496 -12.81 -46.65 -9.90
CA TYR C 496 -11.60 -45.85 -10.00
C TYR C 496 -10.32 -46.61 -9.70
N LYS C 497 -9.41 -46.56 -10.69
CA LYS C 497 -8.09 -47.16 -10.59
C LYS C 497 -7.02 -46.05 -10.75
N ARG C 498 -6.39 -45.69 -9.63
CA ARG C 498 -5.19 -44.83 -9.56
C ARG C 498 -4.12 -45.06 -10.64
N SER C 499 -3.76 -46.34 -10.84
CA SER C 499 -2.89 -46.84 -11.93
C SER C 499 -3.04 -46.06 -13.22
N SER C 500 -4.28 -45.98 -13.68
CA SER C 500 -4.65 -45.32 -14.95
C SER C 500 -4.29 -43.82 -15.04
N GLY C 501 -4.00 -43.21 -13.90
CA GLY C 501 -3.41 -41.86 -13.82
C GLY C 501 -4.42 -40.75 -14.00
N GLY C 502 -5.71 -41.03 -13.73
CA GLY C 502 -6.80 -40.07 -13.81
C GLY C 502 -7.16 -39.58 -12.42
N LEU C 503 -8.22 -38.77 -12.37
CA LEU C 503 -8.83 -38.27 -11.14
C LEU C 503 -10.22 -38.93 -11.01
N PRO C 504 -10.69 -39.26 -9.79
CA PRO C 504 -12.02 -39.87 -9.63
C PRO C 504 -13.18 -38.90 -9.82
N ALA C 505 -14.24 -39.37 -10.50
CA ALA C 505 -15.55 -38.68 -10.55
C ALA C 505 -16.24 -38.75 -9.16
N PRO C 506 -17.09 -37.77 -8.81
CA PRO C 506 -17.63 -37.64 -7.41
C PRO C 506 -18.27 -38.92 -6.80
N SER C 507 -19.08 -39.58 -7.62
CA SER C 507 -19.74 -40.84 -7.26
C SER C 507 -18.82 -42.09 -7.12
N ASP C 508 -17.56 -42.06 -7.58
CA ASP C 508 -16.65 -43.25 -7.55
C ASP C 508 -16.35 -43.94 -6.23
N PHE C 509 -16.43 -43.20 -5.12
CA PHE C 509 -16.22 -43.78 -3.82
C PHE C 509 -17.51 -44.09 -3.08
N LYS C 510 -18.69 -43.79 -3.66
CA LYS C 510 -20.02 -44.09 -3.05
C LYS C 510 -20.23 -45.62 -2.97
N CYS C 511 -20.55 -46.11 -1.78
CA CYS C 511 -20.99 -47.49 -1.56
C CYS C 511 -22.51 -47.62 -1.78
N PRO C 512 -22.98 -48.72 -2.37
CA PRO C 512 -24.44 -48.93 -2.37
C PRO C 512 -24.97 -49.23 -0.95
N ILE C 513 -26.24 -48.86 -0.71
CA ILE C 513 -26.94 -49.15 0.53
C ILE C 513 -27.72 -50.43 0.33
N LYS C 514 -27.40 -51.47 1.09
CA LYS C 514 -28.17 -52.72 1.17
C LYS C 514 -29.54 -52.52 1.84
N GLU C 515 -29.53 -51.96 3.04
CA GLU C 515 -30.75 -51.71 3.79
C GLU C 515 -30.62 -50.41 4.57
N GLU C 516 -31.71 -49.66 4.64
CA GLU C 516 -31.83 -48.49 5.49
C GLU C 516 -33.22 -48.57 6.14
N ILE C 517 -33.27 -49.02 7.40
CA ILE C 517 -34.53 -49.11 8.13
C ILE C 517 -34.61 -47.99 9.16
N ALA C 518 -35.76 -47.34 9.25
CA ALA C 518 -36.03 -46.36 10.29
C ALA C 518 -36.29 -47.07 11.59
N ILE C 519 -35.52 -46.73 12.64
CA ILE C 519 -35.78 -47.22 13.99
C ILE C 519 -36.84 -46.36 14.67
N THR C 520 -36.86 -45.06 14.36
CA THR C 520 -37.81 -44.11 14.93
C THR C 520 -38.41 -43.22 13.85
N SER C 521 -39.60 -42.71 14.12
CA SER C 521 -40.32 -41.84 13.15
C SER C 521 -41.38 -41.07 13.88
N GLY C 522 -41.78 -39.97 13.25
CA GLY C 522 -42.82 -39.08 13.78
C GLY C 522 -42.46 -37.60 13.85
N GLU C 523 -43.40 -36.82 14.40
CA GLU C 523 -43.30 -35.35 14.49
C GLU C 523 -42.58 -34.95 15.78
N TRP C 524 -41.35 -35.43 15.92
CA TRP C 524 -40.54 -35.22 17.14
C TRP C 524 -39.10 -35.64 16.87
N GLU C 525 -38.13 -35.14 17.64
CA GLU C 525 -36.71 -35.39 17.37
C GLU C 525 -36.05 -36.27 18.41
N VAL C 526 -35.10 -37.06 17.94
CA VAL C 526 -34.06 -37.66 18.75
C VAL C 526 -32.98 -36.58 18.98
N LEU C 527 -32.43 -36.54 20.19
CA LEU C 527 -31.43 -35.54 20.56
C LEU C 527 -30.03 -36.12 20.43
N GLY C 528 -29.12 -35.38 19.81
CA GLY C 528 -27.72 -35.84 19.63
C GLY C 528 -26.61 -34.86 19.91
N ARG C 529 -26.94 -33.77 20.58
CA ARG C 529 -25.99 -32.76 21.00
C ARG C 529 -26.02 -32.51 22.49
N HIS C 530 -24.98 -31.82 22.96
CA HIS C 530 -24.89 -31.36 24.36
C HIS C 530 -24.83 -32.55 25.38
N GLY C 531 -24.24 -33.67 24.96
CA GLY C 531 -24.17 -34.91 25.75
C GLY C 531 -25.28 -35.93 25.53
N SER C 532 -26.35 -35.53 24.84
CA SER C 532 -27.36 -36.47 24.38
C SER C 532 -26.71 -37.38 23.32
N ASN C 533 -26.87 -38.68 23.52
CA ASN C 533 -26.36 -39.65 22.59
C ASN C 533 -27.25 -40.88 22.73
N ILE C 534 -26.89 -41.92 22.01
CA ILE C 534 -27.49 -43.24 22.15
C ILE C 534 -26.57 -44.17 22.90
N GLN C 535 -27.17 -45.19 23.47
CA GLN C 535 -26.47 -46.32 24.04
C GLN C 535 -27.14 -47.55 23.44
N VAL C 536 -26.34 -48.45 22.92
CA VAL C 536 -26.80 -49.59 22.18
C VAL C 536 -26.49 -50.84 22.98
N ASP C 537 -27.51 -51.70 23.15
CA ASP C 537 -27.37 -52.99 23.80
C ASP C 537 -27.36 -54.01 22.68
N GLU C 538 -26.18 -54.53 22.38
CA GLU C 538 -26.03 -55.53 21.31
C GLU C 538 -26.55 -56.93 21.68
N VAL C 539 -26.74 -57.20 22.98
CA VAL C 539 -27.26 -58.52 23.44
C VAL C 539 -28.77 -58.56 23.18
N ARG C 540 -29.46 -57.60 23.78
CA ARG C 540 -30.92 -57.45 23.65
C ARG C 540 -31.37 -56.76 22.36
N ARG C 541 -30.44 -56.20 21.63
CA ARG C 541 -30.70 -55.58 20.30
C ARG C 541 -31.62 -54.34 20.43
N LEU C 542 -31.28 -53.49 21.38
CA LEU C 542 -32.03 -52.32 21.77
C LEU C 542 -31.13 -51.09 21.65
N VAL C 543 -31.77 -49.94 21.52
CA VAL C 543 -31.06 -48.63 21.55
C VAL C 543 -31.82 -47.66 22.45
N TYR C 544 -31.08 -47.15 23.44
CA TYR C 544 -31.57 -46.13 24.36
C TYR C 544 -31.23 -44.79 23.76
N PHE C 545 -32.20 -43.88 23.76
CA PHE C 545 -32.00 -42.53 23.25
C PHE C 545 -32.87 -41.52 24.00
N GLU C 546 -32.53 -40.23 23.85
CA GLU C 546 -33.34 -39.11 24.37
C GLU C 546 -34.12 -38.45 23.25
N GLY C 547 -35.31 -37.96 23.56
CA GLY C 547 -36.20 -37.38 22.53
C GLY C 547 -37.30 -36.49 23.02
N THR C 548 -38.01 -35.86 22.08
CA THR C 548 -39.13 -34.92 22.34
C THR C 548 -40.54 -35.47 22.07
N LYS C 549 -40.65 -36.80 22.07
CA LYS C 549 -41.86 -37.47 21.60
C LYS C 549 -43.08 -37.07 22.41
N ASP C 550 -42.97 -37.11 23.73
CA ASP C 550 -44.04 -36.70 24.63
C ASP C 550 -44.37 -35.21 24.61
N SER C 551 -43.41 -34.36 24.32
CA SER C 551 -43.60 -32.92 24.39
C SER C 551 -42.37 -32.19 23.89
N PRO C 552 -42.53 -31.12 23.11
CA PRO C 552 -41.35 -30.28 22.81
C PRO C 552 -40.76 -29.50 24.01
N LEU C 553 -41.52 -29.42 25.12
CA LEU C 553 -41.07 -28.79 26.35
C LEU C 553 -40.36 -29.71 27.36
N GLU C 554 -40.23 -31.00 27.07
CA GLU C 554 -39.59 -31.97 27.97
C GLU C 554 -38.74 -32.93 27.15
N HIS C 555 -37.55 -33.23 27.64
CA HIS C 555 -36.69 -34.28 27.10
C HIS C 555 -36.90 -35.52 27.94
N HIS C 556 -37.01 -36.66 27.28
CA HIS C 556 -37.25 -37.96 27.92
C HIS C 556 -36.38 -39.02 27.37
N LEU C 557 -36.21 -40.08 28.16
CA LEU C 557 -35.40 -41.22 27.77
C LEU C 557 -36.33 -42.30 27.26
N TYR C 558 -35.91 -42.90 26.16
CA TYR C 558 -36.68 -43.89 25.47
C TYR C 558 -35.81 -45.08 25.14
N VAL C 559 -36.44 -46.23 24.96
CA VAL C 559 -35.80 -47.42 24.42
C VAL C 559 -36.65 -48.03 23.30
N VAL C 560 -35.95 -48.62 22.32
CA VAL C 560 -36.59 -49.16 21.12
C VAL C 560 -35.71 -50.27 20.58
N SER C 561 -36.33 -51.25 19.91
CA SER C 561 -35.58 -52.30 19.22
C SER C 561 -35.00 -51.77 17.93
N TYR C 562 -33.70 -52.04 17.69
CA TYR C 562 -33.10 -51.74 16.38
C TYR C 562 -33.35 -52.82 15.31
N VAL C 563 -33.62 -54.05 15.74
CA VAL C 563 -33.79 -55.17 14.83
C VAL C 563 -35.19 -55.21 14.24
N ASN C 564 -36.20 -54.99 15.07
CA ASN C 564 -37.58 -55.09 14.56
C ASN C 564 -38.42 -53.95 15.04
N PRO C 565 -38.08 -52.73 14.63
CA PRO C 565 -38.46 -51.54 15.38
C PRO C 565 -39.95 -51.33 15.46
N GLY C 566 -40.42 -51.03 16.68
CA GLY C 566 -41.84 -50.81 16.92
C GLY C 566 -42.17 -49.86 18.05
N GLU C 567 -42.70 -50.44 19.14
CA GLU C 567 -43.04 -49.69 20.33
C GLU C 567 -41.79 -48.98 20.90
N VAL C 568 -41.91 -47.66 21.00
CA VAL C 568 -40.97 -46.81 21.71
C VAL C 568 -41.49 -46.69 23.17
N THR C 569 -40.65 -47.14 24.10
CA THR C 569 -40.96 -47.15 25.53
C THR C 569 -40.25 -45.95 26.21
N ARG C 570 -41.02 -45.06 26.83
CA ARG C 570 -40.51 -43.97 27.65
C ARG C 570 -40.10 -44.51 29.03
N LEU C 571 -38.87 -44.23 29.42
CA LEU C 571 -38.34 -44.64 30.72
C LEU C 571 -38.41 -43.53 31.78
N THR C 572 -38.45 -42.27 31.40
CA THR C 572 -38.52 -41.19 32.39
C THR C 572 -39.94 -40.76 32.66
N ASP C 573 -40.15 -40.13 33.81
CA ASP C 573 -41.50 -39.73 34.24
C ASP C 573 -41.90 -38.41 33.68
N ARG C 574 -43.14 -38.30 33.26
CA ARG C 574 -43.72 -37.06 32.74
C ARG C 574 -43.77 -36.02 33.84
N GLY C 575 -43.78 -34.77 33.40
CA GLY C 575 -43.82 -33.62 34.29
C GLY C 575 -42.47 -33.01 34.62
N TYR C 576 -41.39 -33.57 34.07
CA TYR C 576 -40.02 -33.09 34.24
C TYR C 576 -39.31 -33.21 32.91
N SER C 577 -38.37 -32.31 32.65
CA SER C 577 -37.38 -32.48 31.56
C SER C 577 -36.17 -33.21 32.13
N HIS C 578 -35.59 -34.12 31.34
CA HIS C 578 -34.58 -35.06 31.80
C HIS C 578 -33.36 -34.99 30.89
N SER C 579 -32.21 -35.13 31.54
CA SER C 579 -30.93 -35.26 30.92
C SER C 579 -30.30 -36.52 31.51
N CYS C 580 -29.96 -37.47 30.65
CA CYS C 580 -29.71 -38.83 31.04
C CYS C 580 -28.39 -39.39 30.57
N CYS C 581 -27.95 -40.40 31.29
CA CYS C 581 -26.74 -41.14 31.04
C CYS C 581 -27.10 -42.61 31.30
N ILE C 582 -26.81 -43.50 30.36
CA ILE C 582 -27.02 -44.94 30.52
C ILE C 582 -25.67 -45.59 30.80
N SER C 583 -25.66 -46.47 31.79
CA SER C 583 -24.50 -47.33 32.08
C SER C 583 -24.10 -48.11 30.83
N GLN C 584 -22.80 -48.24 30.63
CA GLN C 584 -22.23 -49.10 29.58
C GLN C 584 -22.75 -50.56 29.60
N HIS C 585 -23.08 -51.01 30.79
CA HIS C 585 -23.65 -52.32 31.04
C HIS C 585 -25.16 -52.43 30.79
N CYS C 586 -25.83 -51.29 30.56
CA CYS C 586 -27.23 -51.22 30.14
C CYS C 586 -28.25 -51.76 31.15
N ASP C 587 -27.87 -51.74 32.40
CA ASP C 587 -28.70 -52.16 33.52
C ASP C 587 -29.02 -51.03 34.51
N PHE C 588 -28.58 -49.81 34.21
CA PHE C 588 -28.86 -48.62 35.02
C PHE C 588 -28.85 -47.42 34.11
N PHE C 589 -29.56 -46.40 34.56
CA PHE C 589 -29.41 -45.09 34.02
C PHE C 589 -29.60 -44.03 35.11
N ILE C 590 -29.08 -42.84 34.79
CA ILE C 590 -29.14 -41.67 35.64
C ILE C 590 -29.91 -40.62 34.89
N SER C 591 -30.76 -39.90 35.63
CA SER C 591 -31.44 -38.74 35.11
C SER C 591 -31.13 -37.58 36.00
N LYS C 592 -30.65 -36.48 35.38
CA LYS C 592 -30.68 -35.13 35.94
C LYS C 592 -31.96 -34.49 35.41
N TYR C 593 -32.84 -34.06 36.31
CA TYR C 593 -34.18 -33.62 35.98
C TYR C 593 -34.68 -32.47 36.83
N SER C 594 -35.51 -31.65 36.24
CA SER C 594 -36.13 -30.51 36.89
C SER C 594 -37.45 -30.20 36.21
N ASN C 595 -38.19 -29.30 36.81
CA ASN C 595 -39.26 -28.64 36.12
C ASN C 595 -39.32 -27.18 36.54
N GLN C 596 -40.26 -26.47 35.96
CA GLN C 596 -40.43 -25.07 36.20
C GLN C 596 -40.57 -24.74 37.70
N LYS C 597 -41.27 -25.59 38.47
CA LYS C 597 -41.47 -25.39 39.93
C LYS C 597 -40.33 -25.91 40.84
N ASN C 598 -39.51 -26.86 40.36
CA ASN C 598 -38.58 -27.66 41.20
C ASN C 598 -37.14 -27.65 40.68
N PRO C 599 -36.16 -27.32 41.54
CA PRO C 599 -34.76 -27.35 41.03
C PRO C 599 -34.24 -28.72 40.67
N HIS C 600 -33.13 -28.74 39.94
N HIS C 600 -33.08 -28.73 40.02
CA HIS C 600 -32.50 -29.94 39.39
CA HIS C 600 -32.49 -29.94 39.48
C HIS C 600 -32.22 -30.99 40.52
C HIS C 600 -32.22 -31.00 40.56
N CYS C 601 -32.56 -32.25 40.24
CA CYS C 601 -32.24 -33.44 41.09
C CYS C 601 -31.42 -34.35 40.19
N VAL C 602 -30.68 -35.27 40.80
CA VAL C 602 -30.07 -36.37 40.06
C VAL C 602 -30.38 -37.67 40.75
N SER C 603 -30.97 -38.60 40.00
CA SER C 603 -31.38 -39.88 40.54
C SER C 603 -30.88 -41.04 39.66
N LEU C 604 -30.76 -42.20 40.30
CA LEU C 604 -30.29 -43.44 39.70
C LEU C 604 -31.45 -44.41 39.61
N TYR C 605 -31.60 -45.02 38.44
CA TYR C 605 -32.69 -45.97 38.16
C TYR C 605 -32.10 -47.28 37.65
N LYS C 606 -32.60 -48.40 38.18
CA LYS C 606 -32.21 -49.75 37.76
C LYS C 606 -33.13 -50.19 36.64
N LEU C 607 -32.52 -50.74 35.60
CA LEU C 607 -33.21 -51.32 34.44
C LEU C 607 -33.23 -52.84 34.51
N SER C 608 -34.42 -53.41 34.41
CA SER C 608 -34.60 -54.86 34.22
C SER C 608 -35.64 -55.13 33.15
N SER C 609 -35.69 -56.40 32.74
CA SER C 609 -36.62 -56.91 31.74
C SER C 609 -37.37 -58.12 32.34
N PRO C 610 -38.66 -58.30 32.00
CA PRO C 610 -39.39 -59.50 32.47
C PRO C 610 -38.79 -60.83 31.99
N GLU C 611 -38.93 -61.92 32.76
CA GLU C 611 -38.43 -63.27 32.38
C GLU C 611 -38.91 -63.70 30.98
N ASP C 612 -40.18 -63.43 30.67
CA ASP C 612 -40.74 -63.76 29.37
C ASP C 612 -40.24 -62.99 28.14
N ASP C 613 -39.59 -61.84 28.29
CA ASP C 613 -39.27 -60.98 27.11
C ASP C 613 -38.04 -60.05 27.34
N PRO C 614 -36.85 -60.49 26.89
CA PRO C 614 -35.66 -59.63 27.02
C PRO C 614 -35.67 -58.30 26.23
N THR C 615 -36.50 -58.14 25.21
CA THR C 615 -36.77 -56.84 24.52
C THR C 615 -37.37 -55.79 25.41
N CYS C 616 -38.18 -56.19 26.37
CA CYS C 616 -39.04 -55.25 27.07
C CYS C 616 -38.25 -54.67 28.22
N LYS C 617 -38.27 -53.36 28.44
CA LYS C 617 -37.53 -52.75 29.57
C LYS C 617 -38.44 -52.07 30.60
N THR C 618 -38.11 -52.24 31.89
CA THR C 618 -38.75 -51.51 33.01
C THR C 618 -37.68 -50.87 33.88
N LYS C 619 -38.14 -49.95 34.70
CA LYS C 619 -37.34 -49.05 35.47
C LYS C 619 -37.81 -49.15 36.94
N GLU C 620 -36.86 -49.15 37.85
CA GLU C 620 -37.12 -48.98 39.28
C GLU C 620 -36.18 -47.89 39.85
N PHE C 621 -36.72 -46.96 40.63
CA PHE C 621 -35.89 -46.02 41.38
C PHE C 621 -34.97 -46.79 42.33
N TRP C 622 -33.67 -46.43 42.31
CA TRP C 622 -32.65 -47.06 43.13
C TRP C 622 -32.12 -46.12 44.23
N ALA C 623 -31.66 -44.93 43.84
CA ALA C 623 -31.06 -43.98 44.79
C ALA C 623 -30.96 -42.59 44.26
N THR C 624 -30.96 -41.64 45.19
CA THR C 624 -30.67 -40.26 44.85
C THR C 624 -29.16 -40.02 44.96
N ILE C 625 -28.61 -39.36 43.96
CA ILE C 625 -27.24 -38.84 43.95
C ILE C 625 -27.24 -37.40 44.42
N LEU C 626 -28.19 -36.59 43.96
CA LEU C 626 -28.33 -35.19 44.32
C LEU C 626 -29.76 -34.81 44.55
N ASP C 627 -30.06 -34.41 45.78
CA ASP C 627 -31.41 -33.97 46.16
C ASP C 627 -31.50 -32.48 45.82
N SER C 628 -32.68 -31.98 45.43
CA SER C 628 -32.81 -30.52 45.09
C SER C 628 -32.97 -29.76 46.38
N ALA C 629 -32.89 -28.43 46.31
CA ALA C 629 -33.00 -27.56 47.49
C ALA C 629 -34.45 -27.36 48.03
N GLY C 630 -35.41 -28.21 47.65
CA GLY C 630 -36.85 -27.86 47.66
C GLY C 630 -37.09 -26.67 46.72
N PRO C 631 -38.36 -26.21 46.60
CA PRO C 631 -38.56 -24.86 45.99
C PRO C 631 -37.87 -23.68 46.78
N LEU C 632 -37.17 -22.79 46.05
CA LEU C 632 -36.49 -21.60 46.63
C LEU C 632 -37.55 -20.64 47.20
N PRO C 633 -37.29 -20.01 48.37
CA PRO C 633 -38.35 -19.21 49.02
C PRO C 633 -38.66 -17.84 48.36
N ASP C 634 -37.64 -17.18 47.79
CA ASP C 634 -37.81 -15.83 47.26
C ASP C 634 -37.88 -15.86 45.71
N TYR C 635 -38.67 -16.80 45.17
CA TYR C 635 -38.72 -17.14 43.71
C TYR C 635 -40.09 -17.72 43.32
N THR C 636 -40.78 -17.04 42.40
CA THR C 636 -42.04 -17.54 41.82
C THR C 636 -41.80 -17.80 40.32
N PRO C 637 -42.07 -19.05 39.86
CA PRO C 637 -41.80 -19.39 38.46
C PRO C 637 -42.76 -18.77 37.48
N PRO C 638 -42.37 -18.74 36.20
CA PRO C 638 -43.27 -18.28 35.18
C PRO C 638 -44.31 -19.37 34.79
N GLU C 639 -45.39 -18.93 34.15
CA GLU C 639 -46.33 -19.81 33.47
C GLU C 639 -45.85 -19.96 32.03
N ILE C 640 -45.85 -21.20 31.53
CA ILE C 640 -45.71 -21.46 30.11
C ILE C 640 -47.07 -21.23 29.43
N PHE C 641 -47.04 -20.49 28.34
CA PHE C 641 -48.20 -20.34 27.47
C PHE C 641 -47.83 -20.70 26.05
N SER C 642 -48.87 -20.82 25.22
CA SER C 642 -48.76 -21.00 23.80
C SER C 642 -49.84 -20.23 23.06
N PHE C 643 -49.56 -19.95 21.79
CA PHE C 643 -50.51 -19.34 20.88
C PHE C 643 -50.34 -19.91 19.48
N GLU C 644 -51.46 -19.95 18.76
CA GLU C 644 -51.49 -20.45 17.40
C GLU C 644 -51.17 -19.27 16.51
N SER C 645 -50.02 -19.35 15.86
CA SER C 645 -49.50 -18.22 15.09
C SER C 645 -50.11 -18.22 13.70
N THR C 646 -50.27 -17.02 13.13
CA THR C 646 -50.60 -16.82 11.71
C THR C 646 -49.63 -17.51 10.72
N THR C 647 -48.42 -17.75 11.20
CA THR C 647 -47.41 -18.52 10.50
C THR C 647 -47.70 -20.03 10.38
N GLY C 648 -48.72 -20.54 11.05
CA GLY C 648 -49.08 -21.95 11.00
C GLY C 648 -48.51 -22.85 12.09
N PHE C 649 -47.61 -22.32 12.92
CA PHE C 649 -47.05 -23.09 14.06
C PHE C 649 -47.64 -22.63 15.38
N THR C 650 -47.76 -23.58 16.32
CA THR C 650 -47.90 -23.26 17.74
C THR C 650 -46.55 -22.69 18.22
N LEU C 651 -46.56 -21.52 18.85
CA LEU C 651 -45.34 -20.96 19.50
C LEU C 651 -45.52 -20.93 21.00
N TYR C 652 -44.43 -21.19 21.74
CA TYR C 652 -44.47 -21.24 23.19
C TYR C 652 -43.74 -20.07 23.80
N GLY C 653 -44.21 -19.68 24.97
CA GLY C 653 -43.62 -18.61 25.75
C GLY C 653 -43.74 -18.83 27.25
N MET C 654 -43.07 -17.95 27.98
CA MET C 654 -43.10 -17.92 29.44
C MET C 654 -43.54 -16.54 29.83
N LEU C 655 -44.43 -16.47 30.81
CA LEU C 655 -44.91 -15.21 31.34
C LEU C 655 -44.60 -15.15 32.83
N TYR C 656 -43.86 -14.11 33.23
CA TYR C 656 -43.70 -13.78 34.63
C TYR C 656 -44.63 -12.61 34.90
N LYS C 657 -45.73 -12.86 35.63
CA LYS C 657 -46.63 -11.77 36.05
C LYS C 657 -45.96 -10.96 37.16
N PRO C 658 -46.28 -9.66 37.29
CA PRO C 658 -45.81 -8.88 38.45
C PRO C 658 -46.31 -9.47 39.76
N HIS C 659 -45.47 -9.38 40.78
CA HIS C 659 -45.80 -9.88 42.12
C HIS C 659 -46.70 -8.80 42.78
N ASP C 660 -47.53 -9.17 43.76
CA ASP C 660 -48.50 -8.23 44.42
C ASP C 660 -49.21 -7.38 43.34
N LEU C 661 -49.84 -8.10 42.42
CA LEU C 661 -50.48 -7.54 41.24
C LEU C 661 -51.76 -6.81 41.62
N GLN C 662 -51.75 -5.47 41.61
N GLN C 662 -51.72 -5.47 41.57
CA GLN C 662 -52.91 -4.67 41.99
CA GLN C 662 -52.85 -4.60 41.90
C GLN C 662 -53.92 -4.65 40.83
C GLN C 662 -53.90 -4.75 40.78
N PRO C 663 -55.22 -4.77 41.12
CA PRO C 663 -56.24 -4.78 40.06
C PRO C 663 -56.47 -3.35 39.53
N GLY C 664 -56.84 -3.25 38.26
CA GLY C 664 -57.02 -1.96 37.58
C GLY C 664 -55.76 -1.14 37.31
N LYS C 665 -54.57 -1.73 37.40
CA LYS C 665 -53.32 -1.07 37.01
C LYS C 665 -52.64 -1.86 35.89
N LYS C 666 -51.90 -1.15 35.03
CA LYS C 666 -51.15 -1.78 33.90
C LYS C 666 -49.64 -1.51 34.07
N TYR C 667 -48.84 -2.50 33.74
CA TYR C 667 -47.47 -2.63 34.19
C TYR C 667 -46.49 -2.62 33.00
N PRO C 668 -45.28 -2.04 33.19
CA PRO C 668 -44.29 -2.05 32.12
C PRO C 668 -43.79 -3.44 31.86
N THR C 669 -43.38 -3.70 30.63
CA THR C 669 -43.16 -5.05 30.18
C THR C 669 -41.76 -5.15 29.61
N VAL C 670 -41.06 -6.22 29.95
CA VAL C 670 -39.73 -6.47 29.45
C VAL C 670 -39.78 -7.79 28.74
N LEU C 671 -39.31 -7.80 27.51
CA LEU C 671 -39.21 -9.00 26.72
C LEU C 671 -37.75 -9.39 26.76
N PHE C 672 -37.45 -10.49 27.44
CA PHE C 672 -36.17 -11.13 27.34
C PHE C 672 -36.17 -12.07 26.12
N ILE C 673 -35.11 -12.04 25.33
CA ILE C 673 -35.05 -12.73 24.02
C ILE C 673 -33.67 -13.29 23.73
N TYR C 674 -33.64 -14.48 23.13
CA TYR C 674 -32.47 -15.01 22.41
C TYR C 674 -32.88 -15.10 20.94
N GLY C 675 -33.73 -16.07 20.60
CA GLY C 675 -34.31 -16.16 19.25
C GLY C 675 -33.48 -16.68 18.10
N GLY C 676 -32.29 -17.19 18.38
CA GLY C 676 -31.39 -17.71 17.38
C GLY C 676 -31.48 -19.19 17.23
N PRO C 677 -30.77 -19.75 16.22
CA PRO C 677 -30.68 -21.21 16.12
C PRO C 677 -29.92 -21.88 17.28
N GLN C 678 -30.19 -23.16 17.43
CA GLN C 678 -29.54 -24.07 18.39
C GLN C 678 -29.95 -23.91 19.86
N VAL C 679 -30.94 -23.05 20.15
CA VAL C 679 -31.37 -22.74 21.51
C VAL C 679 -32.91 -22.77 21.61
N GLN C 680 -33.39 -23.29 22.73
CA GLN C 680 -34.77 -23.18 23.16
C GLN C 680 -34.71 -22.65 24.58
N LEU C 681 -35.42 -21.56 24.82
CA LEU C 681 -35.60 -20.99 26.15
C LEU C 681 -36.80 -21.51 26.88
N VAL C 682 -37.89 -21.79 26.17
CA VAL C 682 -39.18 -22.11 26.76
C VAL C 682 -39.32 -23.61 26.80
N ASN C 683 -39.28 -24.11 28.03
CA ASN C 683 -39.48 -25.52 28.26
C ASN C 683 -39.72 -25.72 29.76
N ASN C 684 -40.00 -26.95 30.14
CA ASN C 684 -40.35 -27.28 31.51
C ASN C 684 -39.10 -27.68 32.30
N ARG C 685 -38.25 -26.69 32.52
CA ARG C 685 -37.02 -26.79 33.32
C ARG C 685 -37.03 -25.67 34.34
N PHE C 686 -36.28 -25.89 35.42
CA PHE C 686 -36.12 -24.85 36.41
C PHE C 686 -35.28 -23.71 35.85
N LYS C 687 -35.85 -22.52 35.90
CA LYS C 687 -35.28 -21.28 35.44
C LYS C 687 -34.83 -20.38 36.61
N GLY C 688 -35.06 -20.80 37.86
CA GLY C 688 -34.70 -20.00 39.01
C GLY C 688 -33.25 -19.80 39.36
N VAL C 689 -32.32 -20.44 38.64
CA VAL C 689 -30.90 -20.16 38.77
C VAL C 689 -30.52 -19.25 37.63
N LYS C 690 -30.48 -19.78 36.41
CA LYS C 690 -29.97 -19.03 35.27
C LYS C 690 -30.79 -17.71 35.02
N TYR C 691 -32.13 -17.78 35.12
CA TYR C 691 -33.06 -16.62 34.83
C TYR C 691 -33.77 -16.10 36.09
N PHE C 692 -33.03 -16.18 37.21
CA PHE C 692 -33.48 -15.67 38.50
C PHE C 692 -33.84 -14.17 38.47
N ARG C 693 -33.05 -13.38 37.74
CA ARG C 693 -33.30 -11.95 37.61
C ARG C 693 -34.53 -11.57 36.82
N LEU C 694 -35.04 -12.47 35.99
CA LEU C 694 -36.37 -12.30 35.40
C LEU C 694 -37.42 -12.29 36.50
N ASN C 695 -37.28 -13.19 37.47
CA ASN C 695 -38.12 -13.15 38.68
C ASN C 695 -37.95 -11.85 39.49
N THR C 696 -36.71 -11.37 39.61
CA THR C 696 -36.41 -10.12 40.30
C THR C 696 -37.12 -8.95 39.64
N LEU C 697 -37.07 -8.89 38.31
CA LEU C 697 -37.85 -7.90 37.56
C LEU C 697 -39.35 -7.96 37.83
N ALA C 698 -39.90 -9.16 37.81
CA ALA C 698 -41.30 -9.35 38.21
C ALA C 698 -41.57 -8.83 39.61
N SER C 699 -40.65 -9.06 40.55
CA SER C 699 -40.80 -8.56 41.95
C SER C 699 -40.85 -7.02 42.04
N LEU C 700 -40.15 -6.34 41.13
CA LEU C 700 -40.20 -4.85 41.04
C LEU C 700 -41.40 -4.27 40.31
N GLY C 701 -42.15 -5.13 39.62
CA GLY C 701 -43.37 -4.76 38.91
C GLY C 701 -43.25 -4.69 37.40
N TYR C 702 -42.27 -5.36 36.82
CA TYR C 702 -42.26 -5.55 35.38
C TYR C 702 -42.99 -6.84 35.05
N VAL C 703 -43.75 -6.80 33.95
CA VAL C 703 -44.17 -8.01 33.31
C VAL C 703 -42.94 -8.49 32.56
N VAL C 704 -42.64 -9.78 32.66
CA VAL C 704 -41.56 -10.36 31.87
C VAL C 704 -42.10 -11.47 30.96
N VAL C 705 -41.65 -11.42 29.70
CA VAL C 705 -42.09 -12.30 28.63
C VAL C 705 -40.88 -12.87 27.94
N VAL C 706 -40.96 -14.16 27.61
CA VAL C 706 -39.98 -14.85 26.77
C VAL C 706 -40.78 -15.68 25.78
N ILE C 707 -40.36 -15.65 24.52
CA ILE C 707 -40.99 -16.35 23.44
C ILE C 707 -39.94 -17.02 22.59
N ASP C 708 -40.17 -18.30 22.28
CA ASP C 708 -39.39 -19.04 21.30
C ASP C 708 -40.02 -18.85 19.93
N ASN C 709 -39.45 -17.90 19.21
CA ASN C 709 -39.75 -17.70 17.81
C ASN C 709 -39.30 -18.82 16.90
N ARG C 710 -39.81 -18.79 15.68
CA ARG C 710 -39.30 -19.66 14.60
C ARG C 710 -37.79 -19.52 14.40
N GLY C 711 -37.12 -20.63 14.09
CA GLY C 711 -35.66 -20.70 14.09
C GLY C 711 -35.07 -21.37 15.32
N SER C 712 -35.81 -21.33 16.43
CA SER C 712 -35.41 -21.94 17.62
C SER C 712 -35.49 -23.47 17.52
N CYS C 713 -34.93 -24.10 18.52
CA CYS C 713 -34.56 -25.50 18.57
C CYS C 713 -35.74 -26.41 19.01
N HIS C 714 -35.58 -27.71 18.76
CA HIS C 714 -36.49 -28.78 19.22
C HIS C 714 -37.87 -28.81 18.62
N ARG C 715 -38.02 -28.19 17.45
CA ARG C 715 -39.28 -28.21 16.71
C ARG C 715 -39.21 -28.81 15.32
N GLY C 716 -38.04 -29.36 14.97
CA GLY C 716 -37.78 -29.93 13.66
C GLY C 716 -37.08 -28.97 12.76
N LEU C 717 -36.57 -29.51 11.66
CA LEU C 717 -35.77 -28.74 10.72
C LEU C 717 -36.55 -27.69 9.94
N LYS C 718 -37.83 -27.94 9.66
CA LYS C 718 -38.64 -26.97 8.91
C LYS C 718 -38.87 -25.71 9.71
N PHE C 719 -39.23 -25.89 10.97
CA PHE C 719 -39.39 -24.79 11.93
C PHE C 719 -38.11 -23.99 12.04
N GLU C 720 -36.99 -24.69 12.23
CA GLU C 720 -35.65 -24.08 12.32
C GLU C 720 -35.32 -23.31 11.03
N GLY C 721 -35.66 -23.93 9.90
CA GLY C 721 -35.37 -23.41 8.58
C GLY C 721 -36.07 -22.14 8.15
N ALA C 722 -37.11 -21.74 8.89
CA ALA C 722 -37.86 -20.50 8.63
C ALA C 722 -37.03 -19.24 8.33
N PHE C 723 -35.88 -19.07 8.99
CA PHE C 723 -34.99 -17.90 8.71
C PHE C 723 -33.80 -18.14 7.78
N LYS C 724 -33.71 -19.28 7.10
CA LYS C 724 -32.64 -19.50 6.11
C LYS C 724 -32.59 -18.32 5.14
N TYR C 725 -31.39 -17.73 5.01
CA TYR C 725 -31.12 -16.55 4.19
C TYR C 725 -31.77 -15.24 4.71
N LYS C 726 -32.56 -15.29 5.80
CA LYS C 726 -33.49 -14.22 6.18
C LYS C 726 -33.31 -13.88 7.68
N MET C 727 -32.12 -14.07 8.23
CA MET C 727 -31.91 -13.79 9.67
C MET C 727 -32.22 -12.34 9.97
N GLY C 728 -32.88 -12.11 11.10
CA GLY C 728 -33.41 -10.79 11.47
C GLY C 728 -34.72 -10.32 10.88
N GLN C 729 -35.18 -10.99 9.82
CA GLN C 729 -36.37 -10.54 9.10
C GLN C 729 -37.70 -11.06 9.68
N ILE C 730 -37.69 -12.16 10.43
CA ILE C 730 -38.92 -12.82 10.87
C ILE C 730 -39.15 -12.91 12.37
N GLU C 731 -38.09 -12.78 13.16
CA GLU C 731 -38.11 -13.19 14.56
C GLU C 731 -39.00 -12.25 15.37
N ILE C 732 -38.90 -10.95 15.07
CA ILE C 732 -39.66 -9.93 15.77
C ILE C 732 -41.15 -10.01 15.47
N ASP C 733 -41.55 -10.38 14.26
CA ASP C 733 -42.97 -10.66 13.97
C ASP C 733 -43.57 -11.66 14.95
N ASP C 734 -42.82 -12.72 15.27
CA ASP C 734 -43.29 -13.73 16.21
C ASP C 734 -43.35 -13.18 17.64
N GLN C 735 -42.30 -12.46 18.02
CA GLN C 735 -42.20 -11.81 19.33
C GLN C 735 -43.36 -10.87 19.61
N VAL C 736 -43.65 -10.04 18.64
CA VAL C 736 -44.78 -9.11 18.72
C VAL C 736 -46.13 -9.82 18.70
N GLU C 737 -46.26 -10.86 17.87
CA GLU C 737 -47.48 -11.66 17.85
C GLU C 737 -47.79 -12.26 19.23
N GLY C 738 -46.77 -12.81 19.87
CA GLY C 738 -46.87 -13.33 21.24
C GLY C 738 -47.24 -12.26 22.24
N LEU C 739 -46.60 -11.12 22.08
CA LEU C 739 -46.84 -9.97 22.91
C LEU C 739 -48.29 -9.48 22.78
N GLN C 740 -48.77 -9.40 21.55
CA GLN C 740 -50.16 -9.00 21.28
C GLN C 740 -51.17 -10.05 21.76
N TYR C 741 -50.84 -11.35 21.62
CA TYR C 741 -51.65 -12.44 22.20
C TYR C 741 -51.84 -12.23 23.69
N LEU C 742 -50.74 -12.02 24.39
CA LEU C 742 -50.77 -11.76 25.84
C LEU C 742 -51.56 -10.54 26.24
N ALA C 743 -51.36 -9.46 25.51
CA ALA C 743 -51.97 -8.18 25.83
C ALA C 743 -53.49 -8.17 25.69
N SER C 744 -54.01 -8.89 24.69
CA SER C 744 -55.45 -9.09 24.54
C SER C 744 -56.05 -9.97 25.65
N ARG C 745 -55.28 -10.98 26.10
CA ARG C 745 -55.70 -11.89 27.18
C ARG C 745 -55.53 -11.30 28.61
N TYR C 746 -54.58 -10.38 28.80
CA TYR C 746 -54.21 -9.82 30.11
C TYR C 746 -54.11 -8.30 30.03
N ASP C 747 -55.11 -7.63 30.58
CA ASP C 747 -55.14 -6.16 30.58
C ASP C 747 -54.00 -5.48 31.36
N PHE C 748 -53.33 -6.19 32.27
CA PHE C 748 -52.18 -5.66 33.01
C PHE C 748 -50.88 -5.40 32.21
N ILE C 749 -50.79 -5.82 30.96
CA ILE C 749 -49.64 -5.51 30.12
C ILE C 749 -49.81 -4.13 29.51
N ASP C 750 -48.93 -3.18 29.88
CA ASP C 750 -48.92 -1.84 29.29
C ASP C 750 -48.06 -1.92 28.03
N LEU C 751 -48.71 -1.95 26.87
CA LEU C 751 -48.02 -1.95 25.58
C LEU C 751 -47.33 -0.64 25.21
N ASP C 752 -47.69 0.46 25.88
CA ASP C 752 -46.95 1.72 25.73
C ASP C 752 -45.52 1.72 26.36
N ARG C 753 -45.22 0.75 27.23
CA ARG C 753 -43.94 0.68 27.95
C ARG C 753 -43.35 -0.74 27.88
N VAL C 754 -42.91 -1.09 26.68
CA VAL C 754 -42.29 -2.38 26.43
C VAL C 754 -40.80 -2.19 26.13
N GLY C 755 -39.99 -2.97 26.82
CA GLY C 755 -38.55 -3.01 26.61
C GLY C 755 -38.13 -4.40 26.16
N ILE C 756 -36.96 -4.48 25.55
CA ILE C 756 -36.42 -5.72 25.08
C ILE C 756 -34.93 -5.81 25.42
N HIS C 757 -34.48 -7.02 25.73
CA HIS C 757 -33.12 -7.28 26.14
C HIS C 757 -32.70 -8.70 25.79
N GLY C 758 -31.50 -8.83 25.29
CA GLY C 758 -30.92 -10.13 25.02
C GLY C 758 -29.42 -9.99 24.81
N TRP C 759 -28.73 -11.13 24.77
N TRP C 759 -28.75 -11.13 24.73
CA TRP C 759 -27.27 -11.19 24.62
CA TRP C 759 -27.31 -11.21 24.58
C TRP C 759 -26.93 -12.01 23.37
C TRP C 759 -26.96 -11.99 23.32
N SER C 760 -25.94 -11.52 22.60
CA SER C 760 -25.45 -12.14 21.40
C SER C 760 -26.51 -12.13 20.28
N TYR C 761 -27.10 -13.25 19.88
CA TYR C 761 -28.23 -13.27 18.98
C TYR C 761 -29.38 -12.45 19.57
N GLY C 762 -29.57 -12.58 20.88
CA GLY C 762 -30.52 -11.77 21.64
C GLY C 762 -30.27 -10.29 21.61
N GLY C 763 -28.99 -9.91 21.53
CA GLY C 763 -28.58 -8.51 21.42
C GLY C 763 -28.90 -8.01 20.02
N TYR C 764 -28.53 -8.85 19.04
CA TYR C 764 -28.87 -8.65 17.64
C TYR C 764 -30.35 -8.38 17.45
N LEU C 765 -31.18 -9.29 17.96
CA LEU C 765 -32.63 -9.12 17.83
C LEU C 765 -33.17 -7.94 18.58
N SER C 766 -32.57 -7.59 19.71
CA SER C 766 -33.00 -6.41 20.45
C SER C 766 -32.80 -5.16 19.60
N LEU C 767 -31.69 -5.09 18.88
CA LEU C 767 -31.48 -4.01 17.92
C LEU C 767 -32.48 -4.05 16.78
N MET C 768 -32.74 -5.23 16.23
CA MET C 768 -33.70 -5.34 15.12
C MET C 768 -35.09 -4.90 15.54
N ALA C 769 -35.44 -5.24 16.78
CA ALA C 769 -36.72 -4.84 17.35
C ALA C 769 -36.90 -3.32 17.41
N LEU C 770 -35.88 -2.62 17.88
CA LEU C 770 -35.95 -1.16 17.96
C LEU C 770 -35.94 -0.51 16.58
N MET C 771 -35.18 -1.11 15.69
CA MET C 771 -34.98 -0.57 14.35
C MET C 771 -36.26 -0.75 13.53
N GLN C 772 -36.78 -1.97 13.53
CA GLN C 772 -38.01 -2.32 12.81
C GLN C 772 -39.31 -1.85 13.48
N ARG C 773 -39.39 -1.98 14.82
CA ARG C 773 -40.65 -1.84 15.54
C ARG C 773 -40.56 -0.88 16.71
N SER C 774 -40.07 0.34 16.44
CA SER C 774 -40.03 1.38 17.46
C SER C 774 -41.39 1.81 17.94
N ASP C 775 -42.43 1.61 17.13
CA ASP C 775 -43.83 1.72 17.56
C ASP C 775 -44.22 0.84 18.78
N ILE C 776 -43.57 -0.31 18.90
CA ILE C 776 -43.81 -1.28 19.95
C ILE C 776 -42.79 -1.21 21.07
N PHE C 777 -41.50 -1.16 20.73
CA PHE C 777 -40.44 -1.23 21.73
C PHE C 777 -39.89 0.13 22.06
N ARG C 778 -40.08 0.53 23.32
CA ARG C 778 -39.64 1.79 23.85
C ARG C 778 -38.12 1.75 24.09
N VAL C 779 -37.60 0.69 24.70
CA VAL C 779 -36.15 0.57 24.93
C VAL C 779 -35.63 -0.78 24.50
N ALA C 780 -34.39 -0.75 24.01
CA ALA C 780 -33.68 -1.95 23.61
C ALA C 780 -32.32 -1.92 24.27
N ILE C 781 -31.95 -3.07 24.86
CA ILE C 781 -30.69 -3.19 25.56
C ILE C 781 -30.03 -4.39 24.95
N ALA C 782 -29.03 -4.12 24.13
CA ALA C 782 -28.39 -5.13 23.31
C ALA C 782 -26.99 -5.47 23.83
N GLY C 783 -26.84 -6.70 24.31
CA GLY C 783 -25.54 -7.20 24.73
C GLY C 783 -24.83 -7.99 23.65
N ALA C 784 -23.54 -7.71 23.45
CA ALA C 784 -22.71 -8.42 22.45
C ALA C 784 -23.40 -8.67 21.11
N PRO C 785 -24.02 -7.65 20.54
CA PRO C 785 -24.80 -7.87 19.31
C PRO C 785 -23.92 -8.15 18.09
N VAL C 786 -24.37 -9.07 17.26
CA VAL C 786 -23.90 -9.13 15.86
C VAL C 786 -24.60 -7.96 15.16
N THR C 787 -23.80 -7.07 14.59
CA THR C 787 -24.25 -5.95 13.79
C THR C 787 -23.87 -6.01 12.33
N LEU C 788 -22.92 -6.86 11.93
CA LEU C 788 -22.56 -7.09 10.54
C LEU C 788 -22.23 -8.55 10.37
N TRP C 789 -23.09 -9.28 9.68
CA TRP C 789 -22.86 -10.70 9.50
C TRP C 789 -21.58 -11.02 8.72
N ILE C 790 -21.07 -10.10 7.91
CA ILE C 790 -19.75 -10.27 7.28
C ILE C 790 -18.55 -10.40 8.24
N PHE C 791 -18.70 -9.89 9.46
CA PHE C 791 -17.67 -10.05 10.53
C PHE C 791 -17.72 -11.37 11.27
N TYR C 792 -18.84 -12.08 11.19
CA TYR C 792 -18.99 -13.35 11.86
C TYR C 792 -18.37 -14.45 11.01
N ASP C 793 -18.23 -15.63 11.58
CA ASP C 793 -17.40 -16.69 11.04
C ASP C 793 -18.08 -17.53 9.94
N THR C 794 -17.25 -18.31 9.24
CA THR C 794 -17.73 -19.18 8.17
C THR C 794 -18.76 -20.20 8.62
N GLY C 795 -18.42 -20.99 9.61
CA GLY C 795 -19.22 -22.12 9.99
C GLY C 795 -20.65 -21.85 10.42
N TYR C 796 -20.84 -20.78 11.17
CA TYR C 796 -22.17 -20.40 11.61
C TYR C 796 -22.87 -19.65 10.49
N THR C 797 -22.26 -18.57 10.03
CA THR C 797 -22.95 -17.62 9.15
C THR C 797 -23.39 -18.22 7.83
N GLU C 798 -22.47 -18.92 7.17
CA GLU C 798 -22.77 -19.54 5.90
C GLU C 798 -23.82 -20.67 6.01
N ARG C 799 -23.89 -21.32 7.16
CA ARG C 799 -24.88 -22.39 7.39
C ARG C 799 -26.32 -21.85 7.23
N TYR C 800 -26.58 -20.75 7.91
CA TYR C 800 -27.88 -20.13 8.00
C TYR C 800 -28.15 -19.06 6.89
N MET C 801 -27.11 -18.47 6.33
CA MET C 801 -27.22 -17.32 5.42
C MET C 801 -26.53 -17.49 4.07
N GLY C 802 -25.88 -18.63 3.82
CA GLY C 802 -25.11 -18.84 2.59
C GLY C 802 -23.94 -17.91 2.41
N HIS C 803 -23.33 -17.98 1.23
CA HIS C 803 -22.22 -17.09 0.85
C HIS C 803 -22.82 -15.67 0.61
N PRO C 804 -22.13 -14.58 1.02
CA PRO C 804 -22.66 -13.21 0.83
C PRO C 804 -23.03 -12.80 -0.59
N ASP C 805 -22.29 -13.24 -1.57
CA ASP C 805 -22.62 -13.04 -2.99
C ASP C 805 -23.94 -13.66 -3.46
N GLN C 806 -24.33 -14.74 -2.81
CA GLN C 806 -25.59 -15.45 -3.09
C GLN C 806 -26.76 -14.98 -2.24
N ASN C 807 -26.53 -13.94 -1.41
CA ASN C 807 -27.55 -13.45 -0.53
C ASN C 807 -27.30 -11.99 -0.16
N GLU C 808 -27.15 -11.15 -1.19
CA GLU C 808 -26.79 -9.75 -1.01
C GLU C 808 -27.80 -8.99 -0.15
N GLN C 809 -29.08 -9.18 -0.46
CA GLN C 809 -30.17 -8.55 0.29
C GLN C 809 -30.27 -9.11 1.74
N GLY C 810 -30.15 -10.43 1.93
CA GLY C 810 -30.19 -11.02 3.27
C GLY C 810 -29.09 -10.49 4.21
N TYR C 811 -27.86 -10.44 3.70
CA TYR C 811 -26.74 -9.82 4.44
C TYR C 811 -27.01 -8.34 4.74
N TYR C 812 -27.58 -7.59 3.79
CA TYR C 812 -27.89 -6.18 4.01
C TYR C 812 -28.97 -6.04 5.10
N LEU C 813 -30.12 -6.66 4.89
CA LEU C 813 -31.28 -6.50 5.76
C LEU C 813 -31.06 -7.12 7.13
N GLY C 814 -30.27 -8.18 7.20
CA GLY C 814 -29.96 -8.78 8.48
C GLY C 814 -28.81 -8.13 9.24
N SER C 815 -28.11 -7.15 8.66
CA SER C 815 -26.98 -6.47 9.30
C SER C 815 -27.41 -5.11 9.82
N VAL C 816 -27.55 -5.02 11.14
CA VAL C 816 -28.01 -3.82 11.85
C VAL C 816 -27.25 -2.56 11.44
N ALA C 817 -25.93 -2.67 11.37
CA ALA C 817 -25.04 -1.52 11.14
C ALA C 817 -25.12 -0.92 9.74
N MET C 818 -25.56 -1.71 8.77
CA MET C 818 -25.90 -1.15 7.45
C MET C 818 -27.19 -0.29 7.43
N GLN C 819 -27.95 -0.30 8.53
CA GLN C 819 -29.24 0.35 8.63
C GLN C 819 -29.32 1.30 9.82
N ALA C 820 -28.21 1.96 10.15
CA ALA C 820 -28.16 2.84 11.31
C ALA C 820 -29.13 4.02 11.26
N GLU C 821 -29.39 4.54 10.05
CA GLU C 821 -30.43 5.58 9.79
C GLU C 821 -31.84 5.26 10.36
N LYS C 822 -32.16 3.96 10.47
CA LYS C 822 -33.41 3.50 11.02
C LYS C 822 -33.53 3.53 12.56
N PHE C 823 -32.47 3.87 13.29
CA PHE C 823 -32.57 4.00 14.76
C PHE C 823 -33.32 5.27 15.12
N PRO C 824 -33.83 5.37 16.37
CA PRO C 824 -34.51 6.61 16.78
C PRO C 824 -33.58 7.78 16.98
N SER C 825 -34.09 8.98 16.75
CA SER C 825 -33.43 10.23 17.11
C SER C 825 -33.80 10.71 18.52
N GLU C 826 -34.34 9.84 19.39
CA GLU C 826 -34.62 10.14 20.77
C GLU C 826 -33.65 9.32 21.59
N PRO C 827 -33.03 9.96 22.59
CA PRO C 827 -32.14 9.21 23.48
C PRO C 827 -32.90 8.39 24.49
N ASN C 828 -32.19 7.64 25.32
CA ASN C 828 -32.77 6.83 26.41
C ASN C 828 -33.61 5.65 25.90
N ARG C 829 -33.29 5.19 24.71
CA ARG C 829 -33.93 4.06 24.06
C ARG C 829 -32.97 2.95 23.68
N LEU C 830 -31.74 3.27 23.34
CA LEU C 830 -30.76 2.32 22.91
C LEU C 830 -29.59 2.27 23.90
N LEU C 831 -29.31 1.08 24.39
CA LEU C 831 -28.20 0.77 25.29
C LEU C 831 -27.43 -0.40 24.74
N LEU C 832 -26.15 -0.18 24.51
CA LEU C 832 -25.23 -1.17 23.99
C LEU C 832 -24.31 -1.66 25.11
N LEU C 833 -24.20 -2.98 25.25
CA LEU C 833 -23.35 -3.62 26.25
C LEU C 833 -22.41 -4.54 25.52
N HIS C 834 -21.14 -4.58 25.90
CA HIS C 834 -20.21 -5.51 25.25
C HIS C 834 -19.02 -5.85 26.16
N GLY C 835 -18.61 -7.12 26.16
CA GLY C 835 -17.32 -7.53 26.73
C GLY C 835 -16.20 -7.08 25.80
N PHE C 836 -15.28 -6.28 26.30
CA PHE C 836 -14.27 -5.63 25.47
C PHE C 836 -13.31 -6.55 24.74
N LEU C 837 -13.09 -7.70 25.36
CA LEU C 837 -12.14 -8.69 24.92
C LEU C 837 -12.78 -9.86 24.17
N ASP C 838 -14.04 -9.73 23.79
CA ASP C 838 -14.81 -10.79 23.10
C ASP C 838 -14.13 -11.08 21.77
N GLU C 839 -13.69 -12.33 21.63
CA GLU C 839 -13.06 -12.90 20.44
C GLU C 839 -14.02 -13.70 19.55
N ASN C 840 -15.24 -13.89 20.05
CA ASN C 840 -16.31 -14.53 19.34
C ASN C 840 -17.10 -13.47 18.53
N VAL C 841 -17.87 -12.64 19.23
CA VAL C 841 -18.50 -11.45 18.69
C VAL C 841 -17.57 -10.27 19.02
N HIS C 842 -16.67 -9.92 18.09
N HIS C 842 -16.70 -9.90 18.09
CA HIS C 842 -15.65 -8.83 18.29
CA HIS C 842 -15.68 -8.89 18.35
C HIS C 842 -16.32 -7.55 18.70
C HIS C 842 -16.32 -7.55 18.68
N PHE C 843 -15.63 -6.77 19.51
CA PHE C 843 -16.13 -5.46 19.94
C PHE C 843 -16.44 -4.52 18.74
N ALA C 844 -15.75 -4.75 17.64
CA ALA C 844 -15.94 -4.09 16.38
C ALA C 844 -17.39 -4.08 15.87
N HIS C 845 -18.16 -5.13 16.14
CA HIS C 845 -19.59 -5.10 15.90
C HIS C 845 -20.23 -3.88 16.55
N THR C 846 -19.89 -3.65 17.81
CA THR C 846 -20.34 -2.45 18.52
C THR C 846 -19.67 -1.18 18.00
N SER C 847 -18.37 -1.19 17.80
CA SER C 847 -17.69 0.04 17.46
C SER C 847 -18.10 0.52 16.06
N ILE C 848 -18.25 -0.40 15.10
CA ILE C 848 -18.71 -0.05 13.74
C ILE C 848 -20.17 0.47 13.77
N LEU C 849 -21.02 -0.13 14.59
CA LEU C 849 -22.37 0.40 14.75
C LEU C 849 -22.33 1.84 15.22
N LEU C 850 -21.55 2.07 16.27
CA LEU C 850 -21.42 3.40 16.82
C LEU C 850 -20.84 4.38 15.81
N SER C 851 -19.89 3.91 15.01
CA SER C 851 -19.34 4.71 13.92
C SER C 851 -20.45 5.28 13.03
N PHE C 852 -21.39 4.42 12.65
CA PHE C 852 -22.50 4.81 11.78
C PHE C 852 -23.58 5.58 12.52
N LEU C 853 -23.85 5.24 13.77
CA LEU C 853 -24.74 6.05 14.60
C LEU C 853 -24.27 7.48 14.74
N VAL C 854 -22.97 7.66 14.94
CA VAL C 854 -22.38 9.00 15.06
C VAL C 854 -22.52 9.76 13.74
N ARG C 855 -22.11 9.11 12.66
CA ARG C 855 -22.23 9.65 11.29
C ARG C 855 -23.68 10.07 10.98
N ALA C 856 -24.65 9.27 11.39
CA ALA C 856 -26.07 9.57 11.24
C ALA C 856 -26.70 10.51 12.27
N GLY C 857 -25.94 11.01 13.23
CA GLY C 857 -26.47 11.88 14.29
C GLY C 857 -27.45 11.28 15.29
N LYS C 858 -27.29 10.01 15.62
CA LYS C 858 -28.19 9.31 16.52
C LYS C 858 -27.60 9.13 17.90
N PRO C 859 -28.44 9.23 18.97
CA PRO C 859 -27.94 8.98 20.31
C PRO C 859 -27.86 7.49 20.63
N TYR C 860 -27.03 7.16 21.63
CA TYR C 860 -26.87 5.81 22.19
C TYR C 860 -26.32 5.93 23.59
N ASP C 861 -26.50 4.87 24.37
CA ASP C 861 -25.79 4.68 25.64
C ASP C 861 -24.94 3.45 25.52
N LEU C 862 -23.81 3.46 26.19
CA LEU C 862 -22.83 2.39 26.13
C LEU C 862 -22.29 1.99 27.48
N GLN C 863 -22.17 0.69 27.69
CA GLN C 863 -21.39 0.09 28.79
C GLN C 863 -20.48 -0.97 28.20
N ILE C 864 -19.25 -0.97 28.66
CA ILE C 864 -18.22 -1.91 28.34
C ILE C 864 -17.86 -2.65 29.64
N TYR C 865 -17.49 -3.91 29.45
CA TYR C 865 -17.00 -4.79 30.52
C TYR C 865 -15.55 -5.10 30.13
N PRO C 866 -14.60 -4.24 30.54
CA PRO C 866 -13.23 -4.34 30.00
C PRO C 866 -12.43 -5.60 30.31
N GLN C 867 -12.81 -6.34 31.33
CA GLN C 867 -12.15 -7.60 31.67
C GLN C 867 -12.88 -8.86 31.15
N GLU C 868 -13.94 -8.71 30.37
CA GLU C 868 -14.78 -9.84 29.92
C GLU C 868 -14.68 -10.12 28.43
N ARG C 869 -14.79 -11.41 28.10
CA ARG C 869 -14.89 -11.89 26.71
C ARG C 869 -16.38 -12.02 26.36
N HIS C 870 -16.85 -13.11 25.76
CA HIS C 870 -18.24 -13.22 25.36
C HIS C 870 -19.17 -13.44 26.56
N SER C 871 -18.75 -14.38 27.38
CA SER C 871 -19.23 -14.62 28.74
C SER C 871 -18.87 -13.51 29.73
N ILE C 872 -19.60 -13.47 30.85
CA ILE C 872 -19.27 -12.64 32.03
C ILE C 872 -18.84 -13.56 33.17
N ARG C 873 -17.52 -13.67 33.39
CA ARG C 873 -16.88 -14.59 34.34
C ARG C 873 -16.55 -13.98 35.70
N VAL C 874 -16.02 -12.75 35.72
CA VAL C 874 -15.68 -12.06 36.97
C VAL C 874 -17.00 -11.58 37.63
N PRO C 875 -17.26 -12.00 38.89
CA PRO C 875 -18.54 -11.66 39.55
C PRO C 875 -18.91 -10.16 39.64
N GLU C 876 -17.89 -9.34 39.91
CA GLU C 876 -18.02 -7.88 39.96
C GLU C 876 -18.58 -7.32 38.63
N SER C 877 -18.14 -7.88 37.51
CA SER C 877 -18.66 -7.49 36.21
C SER C 877 -20.13 -7.79 36.10
N GLY C 878 -20.53 -8.96 36.58
CA GLY C 878 -21.92 -9.37 36.56
C GLY C 878 -22.80 -8.57 37.48
N GLU C 879 -22.29 -8.26 38.67
CA GLU C 879 -23.00 -7.39 39.62
C GLU C 879 -23.28 -5.99 39.04
N HIS C 880 -22.32 -5.48 38.29
CA HIS C 880 -22.43 -4.16 37.67
C HIS C 880 -23.43 -4.19 36.51
N TYR C 881 -23.34 -5.23 35.69
CA TYR C 881 -24.31 -5.45 34.61
C TYR C 881 -25.74 -5.49 35.14
N GLU C 882 -25.97 -6.31 36.16
CA GLU C 882 -27.32 -6.49 36.70
C GLU C 882 -27.83 -5.17 37.25
N LEU C 883 -26.99 -4.50 38.01
CA LEU C 883 -27.34 -3.23 38.63
C LEU C 883 -27.66 -2.16 37.60
N HIS C 884 -26.80 -2.04 36.61
CA HIS C 884 -27.00 -1.04 35.58
C HIS C 884 -28.25 -1.32 34.74
N LEU C 885 -28.49 -2.59 34.43
CA LEU C 885 -29.67 -3.01 33.68
C LEU C 885 -30.96 -2.60 34.38
N LEU C 886 -31.09 -2.98 35.65
CA LEU C 886 -32.26 -2.63 36.45
C LEU C 886 -32.44 -1.14 36.61
N HIS C 887 -31.34 -0.45 36.81
CA HIS C 887 -31.38 0.98 36.92
C HIS C 887 -31.78 1.66 35.60
N TYR C 888 -31.25 1.18 34.47
CA TYR C 888 -31.61 1.73 33.15
C TYR C 888 -33.10 1.55 32.90
N LEU C 889 -33.59 0.35 33.18
CA LEU C 889 -35.02 0.03 33.01
C LEU C 889 -35.89 0.89 33.89
N GLN C 890 -35.51 1.00 35.16
CA GLN C 890 -36.16 1.92 36.10
C GLN C 890 -36.28 3.33 35.56
N GLU C 891 -35.15 3.86 35.12
CA GLU C 891 -35.07 5.26 34.70
C GLU C 891 -35.66 5.57 33.35
N ASN C 892 -35.63 4.60 32.43
CA ASN C 892 -36.08 4.82 31.02
C ASN C 892 -37.30 4.02 30.55
N LEU C 893 -37.88 3.17 31.43
CA LEU C 893 -39.12 2.41 31.17
C LEU C 893 -40.12 2.44 32.33
N GLY C 894 -39.73 1.94 33.49
CA GLY C 894 -40.68 1.62 34.55
C GLY C 894 -41.17 2.70 35.50
N SER C 895 -40.33 3.68 35.85
CA SER C 895 -40.65 4.68 36.90
C SER C 895 -41.51 5.82 36.39
N ARG C 896 -41.93 6.67 37.34
CA ARG C 896 -42.63 7.91 37.04
C ARG C 896 -41.75 8.85 36.23
N ILE C 897 -40.49 8.99 36.65
CA ILE C 897 -39.51 9.83 35.97
C ILE C 897 -39.31 9.42 34.51
N ALA C 898 -39.36 8.12 34.22
CA ALA C 898 -39.26 7.63 32.83
C ALA C 898 -40.35 8.16 31.93
N ALA C 899 -41.60 8.04 32.37
CA ALA C 899 -42.74 8.59 31.61
C ALA C 899 -42.67 10.12 31.54
N LEU C 900 -42.20 10.74 32.62
CA LEU C 900 -42.08 12.20 32.71
C LEU C 900 -41.06 12.79 31.75
N LYS C 901 -40.02 12.04 31.38
CA LYS C 901 -38.94 12.59 30.56
C LYS C 901 -39.10 12.38 29.05
N VAL C 902 -40.31 12.10 28.57
CA VAL C 902 -40.51 11.50 27.26
C VAL C 902 -40.50 12.44 26.01
N ILE C 903 -40.42 13.78 26.20
CA ILE C 903 -40.64 14.83 25.13
C ILE C 903 -41.86 14.57 24.20
#